data_7NNP
#
_entry.id   7NNP
#
_cell.length_a   1.00
_cell.length_b   1.00
_cell.length_c   1.00
_cell.angle_alpha   90.00
_cell.angle_beta   90.00
_cell.angle_gamma   90.00
#
_symmetry.space_group_name_H-M   'P 1'
#
loop_
_entity.id
_entity.type
_entity.pdbx_description
1 polymer 'Potassium-transporting ATPase potassium-binding subunit'
2 polymer 'Potassium-transporting ATPase KdpC subunit'
3 polymer 'Potassium-transporting ATPase KdpF subunit'
4 polymer 'Potassium-transporting ATPase ATP-binding subunit'
5 non-polymer 'RUBIDIUM ION'
6 non-polymer CARDIOLIPIN
7 non-polymer 'PHOSPHOMETHYLPHOSPHONIC ACID ADENYLATE ESTER'
#
loop_
_entity_poly.entity_id
_entity_poly.type
_entity_poly.pdbx_seq_one_letter_code
_entity_poly.pdbx_strand_id
1 'polypeptide(L)'
;MAAQGFLLIATFLLVLMVLARPLGSGLARLINDIPLPGTTGVERVLFRALGVSDREMNWKQYLCAILGLNMLGLAVLFFM
LLGQHYLPLNPQQLPGLSWDLALNTAVSFVTNTNWQSYSGETTLSYFSQMAGLTVQNFLSAASGIAVIFALIRAFTRQSM
STLGNAWVDLLRITLWVLVPVALLIALFFIQQGALQNFLPYQAVNTVEGAQQLLPMGPVASQEAIKMLGTNDGGFFNANS
SHPFENPTALTNFVQMLAIFLIPTALCFAFGEVMGDRRQGRMLLWAMSVIFVICVGVVMWAEVQGNPHLLALGTDSSINM
EGKESRFGVLVSSLFAVVTTAASCGAVIAMHDSFTALGGMVPMWLMQIGEVVFGGVGSGLYGMMLFVLLAVFIAGLMIGR
TPEYLGKKIDVREMKLTALAILVTPTLVLMGAALAMMTDAGRSAMLNPGPHGFSEVLYAVSSAANNNGSAFAGLSANSPF
WNCLLAFCMFVGRFGVIIPVMAIAGSLVSKKSQAASSGTLPTHGPLFVGLLIGTVLLVGALTFIPALALGPVAEYLS
;
A
2 'polypeptide(L)'
;MSGLRPALSTFIFLLLITGGVYPLLTTVLGQWWFPWQANGSLIREGDTVRGSALIGQNFTGNGYFHGRPSATAEMPYNPQ
ASGGSNLAVSNPELDKLIAARVAALRAANPDASASVPVELVTASASGLDNNITPQAAAWQIPRVAKARNLSVEQLTQLIA
KYSQQPLVKYIGQPVVNIVELNLALDKLDE
;
C
3 'polypeptide(L)' MSAGVITGVLLVFLLLGYLVYALINAE D
4 'polypeptide(L)'
;MSRKQLALFEPTLVVQALKEAVKKLNPQAQWRNPVMFIVWIGSLLTTCISIAMASGAMPGNALFSAAISGWLWITVLFAN
FAEALAEGRSKAQANSLKGVKKTAFARKLREPKYGAAADKVPADQLRKGDIVLVEAGDIIPCDGEVIEGGASVDESAITG
EAAPVIRESGGDFASVTGGTRILSDWLVIECSVNPGETFLDRMIAMVEGAQRRKTPNEIALTILLIALTIVFLLATATLW
PFSAWGGNAVSVTVLVALLVCLIPTTIGGLLSAIGVAGMSRMLGANVIATSGRAVEAAGDVDVLLLDKTGTITLGNRQAS
EFIPAQGVDEKTLADAAQLASLADETPEGRSIVILAKQRFNLRERDVQSLHATFVPFTAQSRMSGINIDNRMIRKGSVDA
IRRHVEANGGHFPTDVDQKVDQVARQGATPLVVVEGSRVLGVIALKDIVKGGIKERFAQLRKMGIKTVMITGDNRLTAAA
IAAEAGVDDFLAEATPEAKLALIRQYQAEGRLVAMTGDGTNDAPALAQADVAVAMNSGTQAAKEAGNMVDLDSNPTKLIE
VVHIGKQMLMTRGSLTTFSIANDVAKYFAIIPAAFAATYPQLNALNIMCLHSPDSAILSAVIFNALIIVFLIPLALKGVS
YKPLTASAMLRRNLWIYGLGGLLVPFIGIKVIDLLLTVCGLV
;
B
#
loop_
_chem_comp.id
_chem_comp.type
_chem_comp.name
_chem_comp.formula
ACP non-polymer 'PHOSPHOMETHYLPHOSPHONIC ACID ADENYLATE ESTER' 'C11 H18 N5 O12 P3'
CDL non-polymer CARDIOLIPIN 'C81 H156 O17 P2 -2'
RB non-polymer 'RUBIDIUM ION' 'Rb 1'
#
# COMPACT_ATOMS: atom_id res chain seq x y z
N MET A 1 32.18 22.95 -2.78
CA MET A 1 31.83 21.70 -2.12
C MET A 1 30.46 21.21 -2.57
N ALA A 2 29.52 22.15 -2.75
CA ALA A 2 28.20 21.79 -3.25
C ALA A 2 28.27 21.27 -4.68
N ALA A 3 29.12 21.87 -5.51
CA ALA A 3 29.31 21.39 -6.87
C ALA A 3 29.92 19.99 -6.88
N GLN A 4 30.90 19.75 -6.01
CA GLN A 4 31.51 18.43 -5.92
C GLN A 4 30.51 17.39 -5.45
N GLY A 5 29.68 17.75 -4.47
CA GLY A 5 28.66 16.82 -4.00
C GLY A 5 27.62 16.49 -5.06
N PHE A 6 27.17 17.52 -5.79
CA PHE A 6 26.21 17.30 -6.86
C PHE A 6 26.80 16.44 -7.97
N LEU A 7 28.07 16.69 -8.32
CA LEU A 7 28.75 15.88 -9.32
C LEU A 7 28.89 14.43 -8.85
N LEU A 8 29.16 14.24 -7.57
CA LEU A 8 29.29 12.88 -7.02
C LEU A 8 27.98 12.12 -7.09
N ILE A 9 26.88 12.78 -6.68
CA ILE A 9 25.57 12.13 -6.73
C ILE A 9 25.17 11.81 -8.17
N ALA A 10 25.38 12.77 -9.08
CA ALA A 10 25.00 12.57 -10.47
C ALA A 10 25.81 11.46 -11.13
N THR A 11 27.13 11.44 -10.88
CA THR A 11 27.97 10.39 -11.45
C THR A 11 27.61 9.03 -10.90
N PHE A 12 27.37 8.95 -9.58
CA PHE A 12 27.01 7.67 -8.96
C PHE A 12 25.70 7.14 -9.51
N LEU A 13 24.69 8.01 -9.64
CA LEU A 13 23.39 7.57 -10.15
C LEU A 13 23.47 7.20 -11.63
N LEU A 14 24.23 7.94 -12.42
CA LEU A 14 24.35 7.65 -13.84
C LEU A 14 25.03 6.31 -14.09
N VAL A 15 26.18 6.09 -13.43
CA VAL A 15 26.88 4.82 -13.58
C VAL A 15 26.06 3.67 -13.02
N LEU A 16 25.30 3.93 -11.95
CA LEU A 16 24.45 2.91 -11.37
C LEU A 16 23.35 2.47 -12.34
N MET A 17 22.66 3.43 -12.96
CA MET A 17 21.60 3.07 -13.91
C MET A 17 22.17 2.37 -15.14
N VAL A 18 23.31 2.84 -15.64
CA VAL A 18 23.94 2.23 -16.80
C VAL A 18 24.34 0.79 -16.51
N LEU A 19 24.91 0.54 -15.33
CA LEU A 19 25.30 -0.82 -14.98
C LEU A 19 24.11 -1.69 -14.62
N ALA A 20 23.01 -1.09 -14.17
CA ALA A 20 21.92 -1.89 -13.62
C ALA A 20 20.87 -2.27 -14.66
N ARG A 21 20.77 -1.52 -15.77
CA ARG A 21 19.80 -1.89 -16.79
C ARG A 21 20.05 -3.25 -17.46
N PRO A 22 21.28 -3.60 -17.92
CA PRO A 22 21.47 -4.97 -18.44
C PRO A 22 21.28 -6.05 -17.39
N LEU A 23 21.68 -5.79 -16.15
CA LEU A 23 21.37 -6.73 -15.07
C LEU A 23 19.87 -6.79 -14.81
N GLY A 24 19.15 -5.69 -15.09
CA GLY A 24 17.70 -5.73 -15.03
C GLY A 24 17.12 -6.69 -16.05
N SER A 25 17.63 -6.64 -17.29
CA SER A 25 17.18 -7.59 -18.31
C SER A 25 17.55 -9.03 -17.93
N GLY A 26 18.75 -9.22 -17.38
CA GLY A 26 19.16 -10.55 -16.94
C GLY A 26 18.30 -11.12 -15.83
N LEU A 27 17.95 -10.29 -14.85
CA LEU A 27 17.08 -10.75 -13.77
C LEU A 27 15.64 -10.93 -14.23
N ALA A 28 15.19 -10.13 -15.21
CA ALA A 28 13.87 -10.34 -15.79
C ALA A 28 13.78 -11.69 -16.51
N ARG A 29 14.89 -12.10 -17.13
CA ARG A 29 14.93 -13.43 -17.74
C ARG A 29 14.79 -14.55 -16.70
N LEU A 30 15.35 -14.38 -15.50
CA LEU A 30 15.14 -15.36 -14.44
C LEU A 30 13.76 -15.28 -13.82
N ILE A 31 13.14 -14.10 -13.78
CA ILE A 31 11.76 -14.00 -13.32
C ILE A 31 10.83 -14.73 -14.28
N ASN A 32 11.05 -14.56 -15.59
CA ASN A 32 10.22 -15.22 -16.59
C ASN A 32 10.52 -16.70 -16.75
N ASP A 33 11.38 -17.28 -15.89
CA ASP A 33 11.74 -18.69 -15.90
C ASP A 33 12.35 -19.12 -17.23
N ILE A 34 13.12 -18.22 -17.84
CA ILE A 34 13.87 -18.48 -19.06
C ILE A 34 15.34 -18.62 -18.68
N PRO A 35 16.00 -19.73 -18.99
CA PRO A 35 17.41 -19.88 -18.63
C PRO A 35 18.30 -18.88 -19.36
N LEU A 36 19.38 -18.48 -18.70
CA LEU A 36 20.33 -17.55 -19.29
C LEU A 36 21.05 -18.21 -20.46
N PRO A 37 21.45 -17.44 -21.47
CA PRO A 37 22.14 -18.04 -22.62
C PRO A 37 23.49 -18.62 -22.21
N GLY A 38 23.71 -19.87 -22.60
CA GLY A 38 24.89 -20.61 -22.19
C GLY A 38 24.72 -21.46 -20.96
N THR A 39 23.63 -21.27 -20.20
CA THR A 39 23.38 -22.05 -19.00
C THR A 39 22.48 -23.26 -19.27
N THR A 40 22.03 -23.44 -20.50
CA THR A 40 21.20 -24.58 -20.85
C THR A 40 22.07 -25.82 -21.02
N GLY A 41 21.60 -26.93 -20.49
CA GLY A 41 22.38 -28.17 -20.46
C GLY A 41 23.13 -28.36 -19.16
N VAL A 42 23.88 -27.34 -18.74
CA VAL A 42 24.47 -27.34 -17.40
C VAL A 42 23.36 -27.39 -16.35
N GLU A 43 22.29 -26.63 -16.57
CA GLU A 43 21.12 -26.68 -15.69
C GLU A 43 20.48 -28.07 -15.70
N ARG A 44 20.37 -28.67 -16.90
CA ARG A 44 19.74 -29.98 -17.02
C ARG A 44 20.53 -31.06 -16.29
N VAL A 45 21.86 -30.99 -16.36
CA VAL A 45 22.69 -31.94 -15.63
C VAL A 45 22.60 -31.67 -14.12
N LEU A 46 22.73 -30.40 -13.72
CA LEU A 46 22.90 -30.07 -12.32
C LEU A 46 21.62 -30.26 -11.51
N PHE A 47 20.48 -29.83 -12.05
CA PHE A 47 19.22 -29.97 -11.33
C PHE A 47 18.82 -31.43 -11.21
N ARG A 48 19.08 -32.22 -12.25
CA ARG A 48 18.80 -33.66 -12.19
C ARG A 48 19.73 -34.35 -11.19
N ALA A 49 21.00 -33.95 -11.14
CA ALA A 49 21.94 -34.53 -10.19
C ALA A 49 21.57 -34.19 -8.76
N LEU A 50 21.14 -32.95 -8.51
CA LEU A 50 20.74 -32.56 -7.16
C LEU A 50 19.43 -33.23 -6.74
N GLY A 51 18.47 -33.30 -7.66
CA GLY A 51 17.16 -33.85 -7.33
C GLY A 51 16.09 -32.81 -7.43
N VAL A 52 16.30 -31.82 -8.30
CA VAL A 52 15.37 -30.71 -8.48
C VAL A 52 14.76 -30.90 -9.87
N SER A 53 13.45 -31.16 -9.90
CA SER A 53 12.77 -31.58 -11.12
C SER A 53 11.95 -30.46 -11.77
N ASP A 54 12.19 -29.21 -11.36
CA ASP A 54 11.52 -28.02 -11.91
C ASP A 54 10.01 -28.06 -11.77
N ARG A 55 9.49 -28.75 -10.75
CA ARG A 55 8.07 -28.71 -10.47
C ARG A 55 7.71 -27.36 -9.86
N GLU A 56 6.53 -26.85 -10.19
CA GLU A 56 6.12 -25.54 -9.68
C GLU A 56 5.46 -25.69 -8.33
N MET A 57 5.63 -24.66 -7.50
CA MET A 57 5.30 -24.73 -6.08
C MET A 57 4.31 -23.61 -5.75
N ASN A 58 3.42 -23.89 -4.79
CA ASN A 58 2.50 -22.86 -4.33
C ASN A 58 3.24 -21.86 -3.43
N TRP A 59 2.49 -20.89 -2.89
CA TRP A 59 3.10 -19.95 -1.97
C TRP A 59 3.48 -20.62 -0.66
N LYS A 60 2.64 -21.54 -0.18
CA LYS A 60 2.94 -22.25 1.06
C LYS A 60 4.19 -23.11 0.92
N GLN A 61 4.29 -23.84 -0.19
CA GLN A 61 5.46 -24.69 -0.43
C GLN A 61 6.70 -23.84 -0.69
N TYR A 62 6.57 -22.74 -1.43
CA TYR A 62 7.68 -21.83 -1.69
C TYR A 62 8.21 -21.22 -0.39
N LEU A 63 7.29 -20.77 0.46
CA LEU A 63 7.68 -20.17 1.73
C LEU A 63 8.30 -21.22 2.66
N CYS A 64 7.76 -22.44 2.67
CA CYS A 64 8.34 -23.51 3.46
C CYS A 64 9.73 -23.88 2.96
N ALA A 65 9.95 -23.82 1.64
CA ALA A 65 11.28 -24.08 1.08
C ALA A 65 12.27 -23.01 1.53
N ILE A 66 11.87 -21.74 1.45
CA ILE A 66 12.76 -20.65 1.86
C ILE A 66 13.08 -20.74 3.36
N LEU A 67 12.04 -20.99 4.17
CA LEU A 67 12.24 -21.09 5.62
C LEU A 67 13.07 -22.32 5.98
N GLY A 68 12.88 -23.44 5.27
CA GLY A 68 13.67 -24.62 5.56
C GLY A 68 15.14 -24.43 5.21
N LEU A 69 15.41 -23.78 4.08
CA LEU A 69 16.79 -23.46 3.72
C LEU A 69 17.43 -22.53 4.76
N ASN A 70 16.68 -21.52 5.21
CA ASN A 70 17.22 -20.58 6.19
C ASN A 70 17.42 -21.23 7.56
N MET A 71 16.55 -22.16 7.96
CA MET A 71 16.74 -22.80 9.25
C MET A 71 17.89 -23.81 9.21
N LEU A 72 18.06 -24.51 8.07
CA LEU A 72 19.21 -25.37 7.91
C LEU A 72 20.51 -24.58 7.95
N GLY A 73 20.52 -23.41 7.29
CA GLY A 73 21.68 -22.54 7.35
C GLY A 73 21.93 -22.01 8.75
N LEU A 74 20.86 -21.70 9.48
CA LEU A 74 21.00 -21.21 10.85
C LEU A 74 21.61 -22.27 11.75
N ALA A 75 21.14 -23.51 11.65
CA ALA A 75 21.67 -24.60 12.45
C ALA A 75 23.14 -24.86 12.11
N VAL A 76 23.46 -24.90 10.81
CA VAL A 76 24.82 -25.19 10.37
C VAL A 76 25.77 -24.08 10.83
N LEU A 77 25.36 -22.82 10.65
CA LEU A 77 26.20 -21.69 11.04
C LEU A 77 26.38 -21.63 12.56
N PHE A 78 25.31 -21.87 13.32
CA PHE A 78 25.39 -21.78 14.77
C PHE A 78 26.29 -22.88 15.34
N PHE A 79 26.17 -24.11 14.83
CA PHE A 79 27.05 -25.17 15.32
C PHE A 79 28.49 -24.98 14.84
N MET A 80 28.68 -24.40 13.65
CA MET A 80 30.02 -24.08 13.17
C MET A 80 30.69 -23.01 14.03
N LEU A 81 29.91 -22.02 14.49
CA LEU A 81 30.49 -20.97 15.32
C LEU A 81 30.74 -21.46 16.74
N LEU A 82 29.90 -22.37 17.25
CA LEU A 82 30.20 -22.97 18.55
C LEU A 82 31.44 -23.85 18.48
N GLY A 83 31.60 -24.61 17.40
CA GLY A 83 32.71 -25.54 17.32
C GLY A 83 33.87 -25.04 16.49
N GLN A 84 34.12 -23.72 16.51
CA GLN A 84 35.18 -23.16 15.68
C GLN A 84 36.57 -23.46 16.20
N HIS A 85 36.70 -23.90 17.47
CA HIS A 85 37.99 -24.35 17.97
C HIS A 85 38.36 -25.73 17.48
N TYR A 86 37.39 -26.51 17.01
CA TYR A 86 37.62 -27.87 16.53
C TYR A 86 37.75 -27.95 15.01
N LEU A 87 37.68 -26.82 14.32
CA LEU A 87 37.71 -26.76 12.87
C LEU A 87 39.06 -26.27 12.38
N PRO A 88 39.46 -26.62 11.13
CA PRO A 88 40.72 -26.11 10.60
C PRO A 88 40.68 -24.62 10.27
N LEU A 89 41.76 -24.13 9.66
CA LEU A 89 41.92 -22.72 9.29
C LEU A 89 41.79 -21.80 10.52
N ASN A 90 42.51 -22.16 11.57
CA ASN A 90 42.53 -21.40 12.82
C ASN A 90 43.99 -21.11 13.18
N PRO A 91 44.59 -20.10 12.53
CA PRO A 91 46.03 -19.85 12.74
C PRO A 91 46.32 -19.09 14.03
N GLN A 92 45.28 -18.74 14.78
CA GLN A 92 45.43 -18.07 16.07
C GLN A 92 44.89 -18.90 17.22
N GLN A 93 44.29 -20.07 16.93
CA GLN A 93 43.67 -20.94 17.93
C GLN A 93 42.63 -20.19 18.76
N LEU A 94 41.79 -19.43 18.07
CA LEU A 94 40.74 -18.68 18.74
C LEU A 94 39.70 -19.65 19.31
N PRO A 95 39.19 -19.39 20.52
CA PRO A 95 38.22 -20.30 21.13
C PRO A 95 36.85 -20.18 20.46
N GLY A 96 36.00 -21.15 20.76
CA GLY A 96 34.65 -21.13 20.25
C GLY A 96 33.85 -20.00 20.88
N LEU A 97 32.89 -19.47 20.12
CA LEU A 97 32.09 -18.36 20.59
C LEU A 97 31.13 -18.81 21.69
N SER A 98 30.70 -17.85 22.49
CA SER A 98 29.70 -18.13 23.51
C SER A 98 28.35 -18.38 22.86
N TRP A 99 27.41 -18.92 23.66
CA TRP A 99 26.10 -19.29 23.12
C TRP A 99 25.32 -18.08 22.63
N ASP A 100 25.33 -16.99 23.40
CA ASP A 100 24.56 -15.81 23.05
C ASP A 100 25.16 -15.10 21.83
N LEU A 101 26.48 -14.94 21.81
CA LEU A 101 27.14 -14.29 20.68
C LEU A 101 26.99 -15.12 19.41
N ALA A 102 27.16 -16.44 19.53
CA ALA A 102 27.02 -17.32 18.36
C ALA A 102 25.60 -17.31 17.82
N LEU A 103 24.61 -17.36 18.70
CA LEU A 103 23.22 -17.29 18.27
C LEU A 103 22.90 -15.95 17.62
N ASN A 104 23.42 -14.86 18.18
CA ASN A 104 23.17 -13.53 17.62
C ASN A 104 23.78 -13.38 16.24
N THR A 105 25.03 -13.82 16.05
CA THR A 105 25.62 -13.66 14.73
C THR A 105 25.08 -14.67 13.72
N ALA A 106 24.63 -15.84 14.18
CA ALA A 106 23.97 -16.78 13.28
C ALA A 106 22.65 -16.20 12.77
N VAL A 107 21.84 -15.66 13.67
CA VAL A 107 20.59 -15.01 13.27
C VAL A 107 20.88 -13.78 12.42
N SER A 108 21.97 -13.07 12.71
CA SER A 108 22.40 -11.92 11.91
C SER A 108 22.67 -12.31 10.46
N PHE A 109 23.49 -13.33 10.25
CA PHE A 109 23.91 -13.65 8.90
C PHE A 109 22.90 -14.50 8.16
N VAL A 110 21.94 -15.11 8.87
CA VAL A 110 20.89 -15.84 8.19
C VAL A 110 19.75 -14.90 7.81
N THR A 111 19.37 -13.99 8.71
CA THR A 111 18.31 -13.04 8.44
C THR A 111 18.78 -11.80 7.69
N ASN A 112 19.94 -11.89 7.01
CA ASN A 112 20.48 -10.88 6.11
C ASN A 112 20.82 -9.57 6.79
N THR A 113 20.69 -9.50 8.11
CA THR A 113 21.06 -8.28 8.83
C THR A 113 22.57 -8.14 8.93
N ASN A 114 23.26 -9.25 9.24
CA ASN A 114 24.71 -9.31 9.42
C ASN A 114 25.19 -8.35 10.51
N TRP A 115 24.41 -8.22 11.59
CA TRP A 115 24.85 -7.47 12.75
C TRP A 115 26.05 -8.16 13.41
N GLN A 116 27.00 -7.36 13.86
CA GLN A 116 28.19 -7.89 14.52
C GLN A 116 28.45 -7.09 15.79
N SER A 117 28.38 -7.77 16.93
CA SER A 117 28.65 -7.15 18.23
C SER A 117 30.00 -7.55 18.80
N TYR A 118 30.89 -8.08 17.97
CA TYR A 118 32.21 -8.53 18.38
C TYR A 118 33.28 -7.79 17.58
N SER A 119 34.52 -8.23 17.74
CA SER A 119 35.64 -7.84 16.89
C SER A 119 36.04 -9.06 16.07
N GLY A 120 35.97 -8.93 14.75
CA GLY A 120 36.14 -10.10 13.88
C GLY A 120 37.54 -10.68 13.94
N GLU A 121 38.56 -9.82 13.88
CA GLU A 121 39.94 -10.29 13.80
C GLU A 121 40.42 -10.93 15.09
N THR A 122 39.75 -10.68 16.21
CA THR A 122 40.08 -11.33 17.46
C THR A 122 39.02 -12.34 17.90
N THR A 123 37.96 -12.52 17.12
CA THR A 123 36.90 -13.45 17.47
C THR A 123 36.81 -14.65 16.54
N LEU A 124 36.93 -14.46 15.23
CA LEU A 124 36.56 -15.46 14.26
C LEU A 124 37.77 -16.02 13.52
N SER A 125 37.75 -17.33 13.29
CA SER A 125 38.78 -18.00 12.52
C SER A 125 38.45 -17.93 11.03
N TYR A 126 39.40 -18.36 10.21
CA TYR A 126 39.23 -18.29 8.76
C TYR A 126 38.12 -19.22 8.29
N PHE A 127 37.98 -20.40 8.89
CA PHE A 127 36.93 -21.32 8.50
C PHE A 127 35.55 -20.76 8.84
N SER A 128 35.37 -20.28 10.08
CA SER A 128 34.09 -19.71 10.47
C SER A 128 33.82 -18.37 9.78
N GLN A 129 34.85 -17.75 9.20
CA GLN A 129 34.68 -16.50 8.50
C GLN A 129 34.43 -16.69 7.01
N MET A 130 34.87 -17.82 6.45
CA MET A 130 34.75 -18.11 5.02
C MET A 130 33.66 -19.14 4.71
N ALA A 131 33.72 -20.33 5.30
CA ALA A 131 32.68 -21.32 5.09
C ALA A 131 31.41 -20.99 5.86
N GLY A 132 31.51 -20.14 6.87
CA GLY A 132 30.35 -19.52 7.48
C GLY A 132 30.44 -18.03 7.25
N LEU A 133 29.33 -17.31 7.42
CA LEU A 133 29.24 -15.85 7.31
C LEU A 133 29.52 -15.31 5.90
N THR A 134 29.83 -16.18 4.96
CA THR A 134 29.90 -15.88 3.54
C THR A 134 28.98 -16.75 2.72
N VAL A 135 28.89 -18.04 3.08
CA VAL A 135 27.83 -18.89 2.57
C VAL A 135 26.47 -18.29 2.89
N GLN A 136 26.31 -17.81 4.13
CA GLN A 136 25.06 -17.17 4.50
C GLN A 136 24.91 -15.80 3.85
N ASN A 137 26.02 -15.12 3.56
CA ASN A 137 25.94 -13.88 2.78
C ASN A 137 25.38 -14.14 1.38
N PHE A 138 25.74 -15.26 0.78
CA PHE A 138 25.11 -15.66 -0.48
C PHE A 138 23.66 -16.09 -0.27
N LEU A 139 23.40 -16.87 0.78
CA LEU A 139 22.11 -17.55 0.92
C LEU A 139 20.99 -16.59 1.31
N SER A 140 21.26 -15.64 2.21
CA SER A 140 20.22 -14.69 2.60
C SER A 140 19.86 -13.76 1.44
N ALA A 141 20.87 -13.33 0.67
CA ALA A 141 20.61 -12.54 -0.52
C ALA A 141 19.81 -13.32 -1.54
N ALA A 142 20.16 -14.60 -1.74
CA ALA A 142 19.43 -15.44 -2.68
C ALA A 142 17.99 -15.66 -2.23
N SER A 143 17.77 -15.78 -0.92
CA SER A 143 16.41 -15.93 -0.39
C SER A 143 15.58 -14.67 -0.60
N GLY A 144 16.19 -13.50 -0.39
CA GLY A 144 15.48 -12.25 -0.65
C GLY A 144 15.12 -12.08 -2.11
N ILE A 145 16.05 -12.40 -3.02
CA ILE A 145 15.75 -12.32 -4.44
C ILE A 145 14.72 -13.37 -4.84
N ALA A 146 14.71 -14.53 -4.18
CA ALA A 146 13.70 -15.55 -4.47
C ALA A 146 12.31 -15.08 -4.05
N VAL A 147 12.21 -14.41 -2.90
CA VAL A 147 10.91 -13.91 -2.45
C VAL A 147 10.40 -12.80 -3.38
N ILE A 148 11.30 -11.90 -3.80
CA ILE A 148 10.83 -10.87 -4.72
C ILE A 148 10.57 -11.44 -6.11
N PHE A 149 11.24 -12.54 -6.48
CA PHE A 149 10.92 -13.24 -7.71
C PHE A 149 9.51 -13.82 -7.65
N ALA A 150 9.15 -14.38 -6.49
CA ALA A 150 7.79 -14.88 -6.30
C ALA A 150 6.77 -13.75 -6.37
N LEU A 151 7.09 -12.59 -5.79
CA LEU A 151 6.14 -11.47 -5.82
C LEU A 151 5.94 -10.93 -7.24
N ILE A 152 7.03 -10.79 -8.00
CA ILE A 152 6.91 -10.31 -9.38
C ILE A 152 6.21 -11.34 -10.25
N ARG A 153 6.46 -12.64 -10.01
CA ARG A 153 5.73 -13.68 -10.70
C ARG A 153 4.24 -13.64 -10.38
N ALA A 154 3.90 -13.34 -9.13
CA ALA A 154 2.50 -13.18 -8.75
C ALA A 154 1.87 -12.01 -9.48
N PHE A 155 2.61 -10.93 -9.65
CA PHE A 155 2.06 -9.78 -10.36
C PHE A 155 1.93 -10.04 -11.86
N THR A 156 2.80 -10.87 -12.44
CA THR A 156 2.76 -11.09 -13.89
C THR A 156 1.93 -12.29 -14.32
N ARG A 157 1.60 -13.21 -13.43
CA ARG A 157 0.88 -14.42 -13.79
C ARG A 157 -0.61 -14.24 -13.54
N GLN A 158 -1.42 -14.75 -14.47
CA GLN A 158 -2.87 -14.60 -14.41
C GLN A 158 -3.53 -15.93 -14.10
N SER A 159 -4.35 -15.93 -13.04
CA SER A 159 -5.30 -16.99 -12.70
C SER A 159 -4.66 -18.34 -12.42
N MET A 160 -3.34 -18.40 -12.21
CA MET A 160 -2.71 -19.64 -11.82
C MET A 160 -2.60 -19.73 -10.29
N SER A 161 -2.00 -20.81 -9.82
CA SER A 161 -1.86 -21.03 -8.38
C SER A 161 -0.44 -21.29 -7.93
N THR A 162 0.49 -21.49 -8.85
CA THR A 162 1.87 -21.82 -8.52
C THR A 162 2.78 -20.63 -8.75
N LEU A 163 3.98 -20.70 -8.15
CA LEU A 163 4.92 -19.59 -8.16
C LEU A 163 6.32 -20.01 -8.61
N GLY A 164 6.44 -21.10 -9.35
CA GLY A 164 7.74 -21.56 -9.77
C GLY A 164 8.45 -22.36 -8.70
N ASN A 165 9.69 -22.74 -9.01
CA ASN A 165 10.48 -23.58 -8.14
C ASN A 165 11.45 -22.73 -7.34
N ALA A 166 11.32 -22.78 -6.01
CA ALA A 166 12.20 -22.01 -5.13
C ALA A 166 13.64 -22.49 -5.22
N TRP A 167 13.83 -23.81 -5.31
CA TRP A 167 15.19 -24.35 -5.41
C TRP A 167 15.85 -23.95 -6.73
N VAL A 168 15.09 -24.00 -7.82
CA VAL A 168 15.60 -23.55 -9.12
C VAL A 168 15.95 -22.06 -9.06
N ASP A 169 15.09 -21.26 -8.44
CA ASP A 169 15.35 -19.83 -8.32
C ASP A 169 16.62 -19.55 -7.52
N LEU A 170 16.77 -20.22 -6.36
CA LEU A 170 17.94 -20.01 -5.51
C LEU A 170 19.23 -20.45 -6.21
N LEU A 171 19.20 -21.61 -6.87
CA LEU A 171 20.38 -22.10 -7.57
C LEU A 171 20.76 -21.18 -8.73
N ARG A 172 19.76 -20.73 -9.51
CA ARG A 172 20.05 -19.83 -10.62
C ARG A 172 20.61 -18.51 -10.14
N ILE A 173 20.02 -17.94 -9.07
CA ILE A 173 20.49 -16.66 -8.54
C ILE A 173 21.93 -16.79 -8.06
N THR A 174 22.21 -17.79 -7.22
CA THR A 174 23.53 -17.91 -6.62
C THR A 174 24.59 -18.25 -7.67
N LEU A 175 24.29 -19.14 -8.62
CA LEU A 175 25.32 -19.53 -9.56
C LEU A 175 25.52 -18.52 -10.69
N TRP A 176 24.48 -17.78 -11.09
CA TRP A 176 24.62 -16.96 -12.29
C TRP A 176 24.59 -15.46 -12.05
N VAL A 177 24.27 -14.99 -10.84
CA VAL A 177 24.28 -13.56 -10.59
C VAL A 177 25.23 -13.26 -9.44
N LEU A 178 25.06 -14.00 -8.33
CA LEU A 178 25.79 -13.67 -7.12
C LEU A 178 27.26 -14.07 -7.21
N VAL A 179 27.55 -15.25 -7.74
CA VAL A 179 28.94 -15.72 -7.82
C VAL A 179 29.74 -15.04 -8.94
N PRO A 180 29.32 -15.03 -10.23
CA PRO A 180 30.24 -14.52 -11.26
C PRO A 180 30.44 -13.00 -11.22
N VAL A 181 29.56 -12.25 -10.59
CA VAL A 181 29.77 -10.81 -10.44
C VAL A 181 30.66 -10.51 -9.24
N ALA A 182 30.40 -11.17 -8.11
CA ALA A 182 31.26 -11.01 -6.94
C ALA A 182 32.67 -11.55 -7.17
N LEU A 183 32.87 -12.50 -8.08
CA LEU A 183 34.22 -12.90 -8.42
C LEU A 183 35.01 -11.75 -9.06
N LEU A 184 34.40 -11.04 -10.00
CA LEU A 184 35.05 -9.87 -10.60
C LEU A 184 35.24 -8.76 -9.59
N ILE A 185 34.25 -8.55 -8.71
CA ILE A 185 34.36 -7.50 -7.69
C ILE A 185 35.49 -7.82 -6.71
N ALA A 186 35.60 -9.08 -6.29
CA ALA A 186 36.67 -9.49 -5.39
C ALA A 186 38.03 -9.40 -6.07
N LEU A 187 38.10 -9.74 -7.37
CA LEU A 187 39.36 -9.61 -8.08
C LEU A 187 39.79 -8.15 -8.21
N PHE A 188 38.84 -7.24 -8.46
CA PHE A 188 39.17 -5.82 -8.49
C PHE A 188 39.61 -5.32 -7.13
N PHE A 189 38.98 -5.83 -6.06
CA PHE A 189 39.36 -5.41 -4.72
C PHE A 189 40.76 -5.91 -4.37
N ILE A 190 41.10 -7.13 -4.78
CA ILE A 190 42.45 -7.65 -4.59
C ILE A 190 43.45 -6.80 -5.37
N GLN A 191 43.09 -6.40 -6.59
CA GLN A 191 43.97 -5.54 -7.38
C GLN A 191 44.20 -4.20 -6.69
N GLN A 192 43.14 -3.62 -6.12
CA GLN A 192 43.27 -2.33 -5.46
C GLN A 192 43.97 -2.42 -4.11
N GLY A 193 43.97 -3.59 -3.47
CA GLY A 193 44.75 -3.75 -2.26
C GLY A 193 44.08 -4.48 -1.11
N ALA A 194 42.88 -5.01 -1.34
CA ALA A 194 42.22 -5.77 -0.29
C ALA A 194 42.91 -7.11 -0.07
N LEU A 195 42.73 -7.66 1.13
CA LEU A 195 43.39 -8.89 1.51
C LEU A 195 42.68 -10.10 0.93
N GLN A 196 43.46 -11.10 0.49
CA GLN A 196 42.92 -12.40 0.16
C GLN A 196 44.03 -13.43 0.36
N ASN A 197 44.05 -14.06 1.53
CA ASN A 197 45.04 -15.10 1.82
C ASN A 197 44.52 -15.94 2.98
N PHE A 198 45.36 -16.89 3.40
CA PHE A 198 45.08 -17.70 4.58
C PHE A 198 46.30 -17.78 5.48
N LEU A 199 47.14 -16.76 5.44
CA LEU A 199 48.36 -16.70 6.22
C LEU A 199 48.04 -16.44 7.69
N PRO A 200 48.94 -16.82 8.59
CA PRO A 200 48.82 -16.38 9.99
C PRO A 200 49.06 -14.88 10.11
N TYR A 201 48.81 -14.37 11.31
CA TYR A 201 48.91 -12.94 11.55
C TYR A 201 50.37 -12.48 11.49
N GLN A 202 50.62 -11.44 10.70
CA GLN A 202 51.97 -11.01 10.38
C GLN A 202 52.43 -9.99 11.41
N ALA A 203 53.43 -10.36 12.21
CA ALA A 203 54.02 -9.42 13.16
C ALA A 203 54.83 -8.36 12.41
N VAL A 204 54.73 -7.13 12.88
CA VAL A 204 55.37 -5.98 12.23
C VAL A 204 56.28 -5.30 13.24
N ASN A 205 57.55 -5.17 12.89
CA ASN A 205 58.47 -4.28 13.61
C ASN A 205 58.37 -2.92 12.96
N THR A 206 57.75 -1.97 13.66
CA THR A 206 57.40 -0.69 13.05
C THR A 206 58.64 0.18 12.86
N VAL A 207 58.42 1.35 12.26
CA VAL A 207 59.52 2.28 11.99
C VAL A 207 60.09 2.83 13.29
N GLU A 208 59.21 3.18 14.23
CA GLU A 208 59.66 3.75 15.50
C GLU A 208 60.31 2.69 16.37
N GLY A 209 59.73 1.50 16.43
CA GLY A 209 60.27 0.44 17.27
C GLY A 209 59.21 -0.40 17.93
N ALA A 210 57.97 0.09 17.93
CA ALA A 210 56.86 -0.66 18.49
C ALA A 210 56.52 -1.86 17.61
N GLN A 211 55.72 -2.78 18.15
CA GLN A 211 55.33 -3.99 17.46
C GLN A 211 53.81 -4.05 17.35
N GLN A 212 53.33 -4.32 16.13
CA GLN A 212 51.91 -4.48 15.88
C GLN A 212 51.70 -5.74 15.06
N LEU A 213 50.54 -6.37 15.24
CA LEU A 213 50.23 -7.67 14.62
C LEU A 213 49.16 -7.45 13.55
N LEU A 214 49.56 -7.50 12.29
CA LEU A 214 48.63 -7.33 11.19
C LEU A 214 47.80 -8.60 11.01
N PRO A 215 46.48 -8.51 11.00
CA PRO A 215 45.65 -9.69 10.71
C PRO A 215 45.47 -9.92 9.22
N MET A 216 45.48 -11.20 8.85
CA MET A 216 45.31 -11.64 7.47
C MET A 216 43.98 -12.37 7.35
N GLY A 217 43.68 -12.85 6.14
CA GLY A 217 42.49 -13.63 5.93
C GLY A 217 41.80 -13.37 4.61
N PRO A 218 40.83 -14.23 4.24
CA PRO A 218 40.09 -14.03 2.99
C PRO A 218 39.11 -12.89 3.06
N VAL A 219 39.60 -11.66 2.88
CA VAL A 219 38.80 -10.47 3.12
C VAL A 219 38.00 -10.07 1.89
N ALA A 220 38.64 -10.02 0.72
CA ALA A 220 38.00 -9.47 -0.47
C ALA A 220 36.88 -10.37 -0.98
N SER A 221 37.03 -11.68 -0.80
CA SER A 221 35.99 -12.61 -1.27
C SER A 221 34.69 -12.41 -0.51
N GLN A 222 34.78 -12.13 0.79
CA GLN A 222 33.58 -11.81 1.56
C GLN A 222 33.12 -10.37 1.30
N GLU A 223 34.06 -9.45 1.07
CA GLU A 223 33.69 -8.05 0.85
C GLU A 223 32.87 -7.89 -0.42
N ALA A 224 33.24 -8.63 -1.47
CA ALA A 224 32.50 -8.56 -2.74
C ALA A 224 31.05 -9.00 -2.57
N ILE A 225 30.83 -10.10 -1.83
CA ILE A 225 29.46 -10.59 -1.71
C ILE A 225 28.67 -9.79 -0.68
N LYS A 226 29.31 -9.23 0.35
CA LYS A 226 28.55 -8.39 1.26
C LYS A 226 28.19 -7.07 0.61
N MET A 227 28.95 -6.63 -0.40
CA MET A 227 28.52 -5.45 -1.14
C MET A 227 27.48 -5.79 -2.21
N LEU A 228 27.61 -6.97 -2.84
CA LEU A 228 26.66 -7.35 -3.88
C LEU A 228 25.29 -7.66 -3.31
N GLY A 229 25.24 -8.41 -2.22
CA GLY A 229 24.00 -8.84 -1.60
C GLY A 229 23.50 -7.94 -0.50
N THR A 230 23.95 -6.68 -0.44
CA THR A 230 23.51 -5.69 0.53
C THR A 230 23.62 -6.20 1.97
N ASN A 231 24.75 -6.84 2.26
CA ASN A 231 25.00 -7.42 3.58
C ASN A 231 26.00 -6.55 4.34
N ASP A 232 25.87 -6.55 5.67
CA ASP A 232 26.93 -6.04 6.51
C ASP A 232 27.97 -7.13 6.72
N GLY A 233 28.95 -6.87 7.57
CA GLY A 233 29.92 -7.89 7.89
C GLY A 233 31.29 -7.30 8.14
N GLY A 234 32.27 -7.79 7.39
CA GLY A 234 33.62 -7.31 7.56
C GLY A 234 34.47 -8.32 8.31
N PHE A 235 35.68 -8.55 7.82
CA PHE A 235 36.63 -9.38 8.55
C PHE A 235 36.99 -8.75 9.89
N PHE A 236 36.97 -7.43 9.96
CA PHE A 236 37.48 -6.65 11.08
C PHE A 236 36.33 -5.95 11.80
N ASN A 237 36.68 -5.18 12.83
CA ASN A 237 35.68 -4.47 13.63
C ASN A 237 35.05 -3.34 12.81
N ALA A 238 35.84 -2.65 12.01
CA ALA A 238 35.32 -1.65 11.08
C ALA A 238 34.79 -2.40 9.86
N ASN A 239 33.50 -2.23 9.58
CA ASN A 239 32.81 -2.98 8.53
C ASN A 239 33.41 -2.68 7.17
N SER A 240 33.27 -1.44 6.71
CA SER A 240 34.11 -0.89 5.68
C SER A 240 35.12 0.01 6.36
N SER A 241 35.84 0.81 5.57
CA SER A 241 36.78 1.85 6.00
C SER A 241 38.05 1.28 6.62
N HIS A 242 38.13 -0.03 6.76
CA HIS A 242 39.40 -0.66 7.04
C HIS A 242 40.22 -0.67 5.75
N PRO A 243 41.50 -0.33 5.79
CA PRO A 243 42.31 -0.32 4.56
C PRO A 243 42.40 -1.68 3.87
N PHE A 244 42.35 -2.77 4.63
CA PHE A 244 42.36 -4.10 4.05
C PHE A 244 41.01 -4.49 3.46
N GLU A 245 39.96 -3.71 3.70
CA GLU A 245 38.63 -3.96 3.15
C GLU A 245 38.22 -2.93 2.10
N ASN A 246 38.48 -1.65 2.35
CA ASN A 246 38.16 -0.56 1.44
C ASN A 246 39.41 0.26 1.20
N PRO A 247 40.35 -0.22 0.37
CA PRO A 247 41.64 0.46 0.26
C PRO A 247 41.59 1.79 -0.48
N THR A 248 40.82 1.91 -1.56
CA THR A 248 40.88 3.07 -2.42
C THR A 248 39.50 3.66 -2.65
N ALA A 249 39.49 4.88 -3.18
CA ALA A 249 38.24 5.54 -3.53
C ALA A 249 37.53 4.84 -4.68
N LEU A 250 38.29 4.27 -5.62
CA LEU A 250 37.69 3.45 -6.66
C LEU A 250 37.00 2.22 -6.08
N THR A 251 37.64 1.60 -5.06
CA THR A 251 37.03 0.49 -4.37
C THR A 251 35.75 0.91 -3.66
N ASN A 252 35.76 2.09 -3.05
CA ASN A 252 34.56 2.59 -2.38
C ASN A 252 33.43 2.86 -3.37
N PHE A 253 33.76 3.44 -4.53
CA PHE A 253 32.75 3.71 -5.55
C PHE A 253 32.17 2.41 -6.09
N VAL A 254 33.01 1.40 -6.33
CA VAL A 254 32.55 0.10 -6.76
C VAL A 254 31.69 -0.55 -5.68
N GLN A 255 32.03 -0.31 -4.41
CA GLN A 255 31.23 -0.83 -3.29
C GLN A 255 29.83 -0.24 -3.30
N MET A 256 29.73 1.09 -3.48
CA MET A 256 28.41 1.74 -3.54
C MET A 256 27.61 1.26 -4.75
N LEU A 257 28.28 1.11 -5.90
CA LEU A 257 27.61 0.60 -7.09
C LEU A 257 27.10 -0.82 -6.89
N ALA A 258 27.89 -1.66 -6.22
CA ALA A 258 27.44 -3.02 -5.93
C ALA A 258 26.31 -3.04 -4.92
N ILE A 259 26.28 -2.08 -3.99
CA ILE A 259 25.20 -2.03 -3.00
C ILE A 259 23.88 -1.69 -3.68
N PHE A 260 23.86 -0.67 -4.53
CA PHE A 260 22.62 -0.36 -5.24
C PHE A 260 22.41 -1.14 -6.54
N LEU A 261 23.31 -2.04 -6.92
CA LEU A 261 23.18 -2.73 -8.20
C LEU A 261 21.93 -3.60 -8.31
N ILE A 262 21.85 -4.66 -7.51
CA ILE A 262 20.72 -5.58 -7.54
C ILE A 262 19.39 -4.93 -7.13
N PRO A 263 19.30 -4.07 -6.10
CA PRO A 263 18.01 -3.40 -5.84
C PRO A 263 17.50 -2.52 -6.97
N THR A 264 18.37 -1.93 -7.80
CA THR A 264 17.94 -1.15 -8.95
C THR A 264 17.66 -2.04 -10.16
N ALA A 265 18.50 -3.07 -10.36
CA ALA A 265 18.25 -4.05 -11.40
C ALA A 265 16.97 -4.81 -11.16
N LEU A 266 16.54 -4.93 -9.90
CA LEU A 266 15.27 -5.58 -9.60
C LEU A 266 14.10 -4.71 -10.04
N CYS A 267 14.19 -3.40 -9.88
CA CYS A 267 13.15 -2.51 -10.39
C CYS A 267 13.12 -2.53 -11.92
N PHE A 268 14.31 -2.56 -12.55
CA PHE A 268 14.36 -2.69 -14.00
C PHE A 268 13.77 -4.01 -14.48
N ALA A 269 14.06 -5.10 -13.76
CA ALA A 269 13.53 -6.41 -14.11
C ALA A 269 12.02 -6.45 -13.92
N PHE A 270 11.51 -5.81 -12.87
CA PHE A 270 10.07 -5.72 -12.65
C PHE A 270 9.39 -4.95 -13.77
N GLY A 271 9.99 -3.83 -14.19
CA GLY A 271 9.42 -3.06 -15.28
C GLY A 271 9.44 -3.81 -16.61
N GLU A 272 10.49 -4.60 -16.84
CA GLU A 272 10.56 -5.38 -18.08
C GLU A 272 9.56 -6.54 -18.05
N VAL A 273 9.43 -7.21 -16.90
CA VAL A 273 8.54 -8.37 -16.78
C VAL A 273 7.08 -7.93 -16.91
N MET A 274 6.72 -6.78 -16.33
CA MET A 274 5.34 -6.31 -16.45
C MET A 274 4.98 -5.92 -17.88
N GLY A 275 5.97 -5.67 -18.73
CA GLY A 275 5.73 -5.18 -20.07
C GLY A 275 5.65 -3.68 -20.20
N ASP A 276 5.56 -2.96 -19.08
CA ASP A 276 5.52 -1.50 -19.05
C ASP A 276 6.75 -1.03 -18.28
N ARG A 277 7.66 -0.34 -18.98
CA ARG A 277 8.85 0.18 -18.34
C ARG A 277 8.53 1.33 -17.38
N ARG A 278 7.38 1.97 -17.54
CA ARG A 278 6.98 3.03 -16.64
C ARG A 278 6.71 2.51 -15.24
N GLN A 279 6.28 1.25 -15.12
CA GLN A 279 6.03 0.65 -13.81
C GLN A 279 7.31 0.45 -13.00
N GLY A 280 8.46 0.33 -13.66
CA GLY A 280 9.73 0.25 -12.96
C GLY A 280 10.36 1.61 -12.80
N ARG A 281 10.17 2.47 -13.79
CA ARG A 281 10.70 3.84 -13.71
C ARG A 281 10.00 4.65 -12.62
N MET A 282 8.74 4.34 -12.32
CA MET A 282 8.04 4.99 -11.22
C MET A 282 8.70 4.67 -9.89
N LEU A 283 8.98 3.38 -9.65
CA LEU A 283 9.65 2.97 -8.42
C LEU A 283 11.05 3.56 -8.34
N LEU A 284 11.76 3.61 -9.47
CA LEU A 284 13.10 4.16 -9.48
C LEU A 284 13.10 5.67 -9.19
N TRP A 285 12.15 6.41 -9.76
CA TRP A 285 12.05 7.84 -9.48
C TRP A 285 11.66 8.09 -8.02
N ALA A 286 10.72 7.29 -7.49
CA ALA A 286 10.28 7.45 -6.12
C ALA A 286 11.41 7.15 -5.14
N MET A 287 12.24 6.15 -5.45
CA MET A 287 13.42 5.90 -4.63
C MET A 287 14.44 7.02 -4.78
N SER A 288 14.69 7.48 -6.01
CA SER A 288 15.80 8.38 -6.28
C SER A 288 15.57 9.78 -5.73
N VAL A 289 14.33 10.27 -5.73
CA VAL A 289 14.08 11.61 -5.19
C VAL A 289 14.36 11.65 -3.69
N ILE A 290 13.86 10.65 -2.97
CA ILE A 290 14.12 10.53 -1.52
C ILE A 290 15.61 10.34 -1.27
N PHE A 291 16.27 9.52 -2.10
CA PHE A 291 17.70 9.26 -1.92
C PHE A 291 18.52 10.53 -2.11
N VAL A 292 18.22 11.31 -3.16
CA VAL A 292 18.97 12.53 -3.44
C VAL A 292 18.73 13.56 -2.34
N ILE A 293 17.48 13.69 -1.88
CA ILE A 293 17.17 14.63 -0.79
C ILE A 293 17.92 14.25 0.48
N CYS A 294 17.93 12.96 0.82
CA CYS A 294 18.61 12.50 2.03
C CYS A 294 20.13 12.69 1.92
N VAL A 295 20.70 12.39 0.75
CA VAL A 295 22.14 12.57 0.56
C VAL A 295 22.51 14.05 0.69
N GLY A 296 21.71 14.93 0.09
CA GLY A 296 21.97 16.36 0.22
C GLY A 296 21.88 16.86 1.64
N VAL A 297 20.87 16.37 2.39
CA VAL A 297 20.72 16.79 3.78
C VAL A 297 21.89 16.33 4.63
N VAL A 298 22.30 15.06 4.47
CA VAL A 298 23.41 14.53 5.27
C VAL A 298 24.72 15.20 4.87
N MET A 299 24.91 15.47 3.58
CA MET A 299 26.11 16.16 3.11
C MET A 299 26.19 17.57 3.70
N TRP A 300 25.09 18.31 3.69
CA TRP A 300 25.07 19.64 4.27
C TRP A 300 25.33 19.60 5.77
N ALA A 301 24.73 18.63 6.46
CA ALA A 301 24.92 18.50 7.90
C ALA A 301 26.36 18.19 8.25
N GLU A 302 27.00 17.29 7.49
CA GLU A 302 28.39 16.94 7.77
C GLU A 302 29.34 18.07 7.39
N VAL A 303 29.01 18.84 6.36
CA VAL A 303 29.84 19.98 5.98
C VAL A 303 29.76 21.06 7.05
N GLN A 304 28.57 21.31 7.60
CA GLN A 304 28.44 22.23 8.72
C GLN A 304 29.19 21.71 9.94
N GLY A 305 29.03 20.42 10.25
CA GLY A 305 29.88 19.71 11.18
C GLY A 305 29.80 20.17 12.62
N ASN A 306 30.89 19.91 13.33
CA ASN A 306 31.05 20.29 14.73
C ASN A 306 31.22 21.79 14.87
N PRO A 307 30.32 22.48 15.57
CA PRO A 307 30.50 23.93 15.76
C PRO A 307 31.62 24.27 16.71
N HIS A 308 32.03 23.35 17.58
CA HIS A 308 33.09 23.61 18.54
C HIS A 308 34.49 23.43 17.97
N LEU A 309 34.61 22.84 16.77
CA LEU A 309 35.92 22.63 16.18
C LEU A 309 36.61 23.96 15.86
N LEU A 310 35.85 24.93 15.34
CA LEU A 310 36.43 26.23 15.05
C LEU A 310 36.75 27.00 16.32
N ALA A 311 35.96 26.81 17.37
CA ALA A 311 36.21 27.48 18.64
C ALA A 311 37.46 26.93 19.32
N LEU A 312 37.65 25.62 19.26
CA LEU A 312 38.82 24.98 19.88
C LEU A 312 40.09 25.06 19.04
N GLY A 313 40.17 25.88 18.01
CA GLY A 313 41.43 26.18 17.36
C GLY A 313 41.74 25.40 16.10
N THR A 314 40.81 24.59 15.60
CA THR A 314 41.08 23.84 14.39
C THR A 314 40.90 24.74 13.16
N ASP A 315 41.28 24.19 12.00
CA ASP A 315 41.22 24.91 10.74
C ASP A 315 39.79 25.13 10.28
N SER A 316 38.96 24.09 10.34
CA SER A 316 37.60 24.16 9.84
C SER A 316 36.65 23.53 10.86
N SER A 317 35.35 23.71 10.61
CA SER A 317 34.30 23.09 11.41
C SER A 317 33.79 21.81 10.78
N ILE A 318 34.49 21.30 9.76
CA ILE A 318 34.04 20.11 9.06
C ILE A 318 34.17 18.90 9.96
N ASN A 319 33.09 18.12 10.06
CA ASN A 319 33.04 16.95 10.94
C ASN A 319 33.89 15.84 10.32
N MET A 320 35.19 15.90 10.56
CA MET A 320 36.13 14.88 10.14
C MET A 320 36.26 13.77 11.16
N GLU A 321 35.57 13.88 12.30
CA GLU A 321 35.70 12.92 13.38
C GLU A 321 35.00 11.61 13.02
N GLY A 322 35.71 10.51 13.19
CA GLY A 322 35.14 9.21 12.88
C GLY A 322 35.00 8.94 11.41
N LYS A 323 35.81 9.60 10.57
CA LYS A 323 35.77 9.41 9.13
C LYS A 323 37.19 9.21 8.62
N GLU A 324 37.31 8.54 7.49
CA GLU A 324 38.61 8.25 6.89
C GLU A 324 39.07 9.41 6.02
N SER A 325 40.38 9.65 6.04
CA SER A 325 40.98 10.69 5.20
C SER A 325 41.12 10.26 3.75
N ARG A 326 41.07 8.95 3.48
CA ARG A 326 41.10 8.46 2.11
C ARG A 326 39.82 8.79 1.34
N PHE A 327 38.73 9.04 2.05
CA PHE A 327 37.51 9.58 1.51
C PHE A 327 37.31 10.98 2.08
N GLY A 328 36.18 11.59 1.74
CA GLY A 328 35.85 12.89 2.30
C GLY A 328 34.57 12.82 3.10
N VAL A 329 34.14 13.96 3.65
CA VAL A 329 32.85 13.99 4.34
C VAL A 329 31.70 13.84 3.34
N LEU A 330 31.88 14.31 2.10
CA LEU A 330 30.87 14.14 1.08
C LEU A 330 30.69 12.66 0.72
N VAL A 331 31.81 11.97 0.49
CA VAL A 331 31.77 10.56 0.14
C VAL A 331 31.28 9.73 1.33
N SER A 332 31.68 10.12 2.54
CA SER A 332 31.22 9.44 3.74
C SER A 332 29.72 9.59 3.93
N SER A 333 29.19 10.80 3.70
CA SER A 333 27.76 11.03 3.80
C SER A 333 26.99 10.24 2.75
N LEU A 334 27.50 10.22 1.51
CA LEU A 334 26.84 9.46 0.45
C LEU A 334 26.82 7.96 0.77
N PHE A 335 27.95 7.42 1.23
CA PHE A 335 28.02 6.00 1.60
C PHE A 335 27.10 5.68 2.77
N ALA A 336 27.02 6.58 3.76
CA ALA A 336 26.16 6.37 4.91
C ALA A 336 24.69 6.31 4.49
N VAL A 337 24.26 7.23 3.62
CA VAL A 337 22.89 7.22 3.15
C VAL A 337 22.62 5.99 2.29
N VAL A 338 23.60 5.60 1.45
CA VAL A 338 23.44 4.42 0.59
C VAL A 338 23.23 3.16 1.43
N THR A 339 24.05 2.96 2.45
CA THR A 339 23.94 1.75 3.24
C THR A 339 22.79 1.77 4.24
N THR A 340 22.36 2.93 4.71
CA THR A 340 21.22 2.95 5.61
C THR A 340 19.88 3.02 4.89
N ALA A 341 19.88 3.36 3.60
CA ALA A 341 18.66 3.25 2.81
C ALA A 341 18.59 1.92 2.09
N ALA A 342 19.72 1.24 1.93
CA ALA A 342 19.78 -0.01 1.18
C ALA A 342 19.75 -1.25 2.05
N SER A 343 19.59 -1.10 3.36
CA SER A 343 19.67 -2.20 4.33
C SER A 343 20.98 -2.98 4.20
N CYS A 344 22.07 -2.27 3.87
CA CYS A 344 23.37 -2.91 3.72
C CYS A 344 24.08 -3.06 5.07
N GLY A 345 24.37 -1.93 5.71
CA GLY A 345 24.94 -1.95 7.04
C GLY A 345 26.43 -1.68 7.10
N ALA A 346 27.13 -1.74 5.98
CA ALA A 346 28.56 -1.41 5.98
C ALA A 346 28.75 0.08 6.23
N VAL A 347 29.76 0.40 7.03
CA VAL A 347 29.98 1.78 7.44
C VAL A 347 31.34 2.25 6.93
N ILE A 348 31.34 3.33 6.14
CA ILE A 348 32.55 4.02 5.75
C ILE A 348 33.07 4.88 6.88
N ALA A 349 32.25 5.09 7.90
CA ALA A 349 32.54 6.06 8.94
C ALA A 349 31.71 5.71 10.16
N MET A 350 32.22 6.08 11.33
CA MET A 350 31.48 5.86 12.56
C MET A 350 30.29 6.81 12.60
N HIS A 351 29.09 6.25 12.41
CA HIS A 351 27.87 7.05 12.41
C HIS A 351 27.58 7.65 13.78
N ASP A 352 28.19 7.11 14.84
CA ASP A 352 28.08 7.68 16.17
C ASP A 352 28.72 9.05 16.24
N SER A 353 29.80 9.26 15.50
CA SER A 353 30.51 10.53 15.45
C SER A 353 29.91 11.49 14.43
N PHE A 354 28.85 11.09 13.73
CA PHE A 354 28.17 11.99 12.82
C PHE A 354 27.43 13.07 13.60
N THR A 355 27.04 14.13 12.89
CA THR A 355 26.25 15.19 13.51
C THR A 355 24.82 14.70 13.78
N ALA A 356 24.00 15.55 14.41
CA ALA A 356 22.66 15.13 14.80
C ALA A 356 21.78 14.85 13.59
N LEU A 357 21.78 15.77 12.61
CA LEU A 357 20.99 15.55 11.41
C LEU A 357 21.54 14.39 10.59
N GLY A 358 22.87 14.28 10.50
CA GLY A 358 23.50 13.21 9.74
C GLY A 358 23.45 11.87 10.42
N GLY A 359 23.01 11.81 11.67
CA GLY A 359 22.69 10.56 12.31
C GLY A 359 21.21 10.28 12.30
N MET A 360 20.40 11.34 12.26
CA MET A 360 18.95 11.18 12.20
C MET A 360 18.48 10.64 10.85
N VAL A 361 18.99 11.23 9.75
CA VAL A 361 18.49 10.86 8.43
C VAL A 361 18.82 9.40 8.06
N PRO A 362 20.04 8.87 8.30
CA PRO A 362 20.20 7.41 8.17
C PRO A 362 19.32 6.58 9.08
N MET A 363 19.14 7.02 10.33
CA MET A 363 18.28 6.30 11.26
C MET A 363 16.84 6.28 10.80
N TRP A 364 16.36 7.43 10.30
CA TRP A 364 15.00 7.50 9.79
C TRP A 364 14.86 6.70 8.51
N LEU A 365 15.91 6.67 7.68
CA LEU A 365 15.88 5.89 6.45
C LEU A 365 15.81 4.40 6.75
N MET A 366 16.43 3.95 7.84
CA MET A 366 16.19 2.58 8.27
C MET A 366 14.76 2.44 8.78
N GLN A 367 14.26 3.44 9.50
CA GLN A 367 13.00 3.30 10.20
C GLN A 367 11.80 3.30 9.26
N ILE A 368 11.94 3.82 8.04
CA ILE A 368 10.82 3.83 7.10
C ILE A 368 10.61 2.45 6.48
N GLY A 369 11.48 1.50 6.80
CA GLY A 369 11.33 0.15 6.33
C GLY A 369 12.26 -0.29 5.23
N GLU A 370 13.32 0.48 4.95
CA GLU A 370 14.33 0.19 3.94
C GLU A 370 13.70 0.01 2.55
N VAL A 371 13.11 1.09 2.06
CA VAL A 371 12.46 1.08 0.76
C VAL A 371 13.19 1.91 -0.28
N VAL A 372 14.14 2.75 0.12
CA VAL A 372 14.84 3.66 -0.80
C VAL A 372 16.04 2.91 -1.36
N PHE A 373 15.85 2.24 -2.50
CA PHE A 373 16.79 1.24 -3.04
C PHE A 373 17.21 0.27 -1.96
N GLY A 374 16.22 -0.36 -1.32
CA GLY A 374 16.44 -1.06 -0.07
C GLY A 374 17.22 -2.35 -0.11
N GLY A 375 16.94 -3.25 0.81
CA GLY A 375 17.64 -4.52 0.85
C GLY A 375 17.39 -5.34 -0.41
N VAL A 376 18.27 -6.31 -0.63
CA VAL A 376 18.21 -7.08 -1.87
C VAL A 376 16.96 -7.94 -1.85
N GLY A 377 16.04 -7.68 -2.78
CA GLY A 377 14.71 -8.24 -2.71
C GLY A 377 13.81 -7.56 -1.70
N SER A 378 14.29 -7.42 -0.46
CA SER A 378 13.46 -6.92 0.63
C SER A 378 13.10 -5.46 0.44
N GLY A 379 13.96 -4.66 -0.19
CA GLY A 379 13.59 -3.29 -0.49
C GLY A 379 12.45 -3.22 -1.48
N LEU A 380 12.47 -4.06 -2.50
CA LEU A 380 11.39 -4.07 -3.49
C LEU A 380 10.09 -4.58 -2.90
N TYR A 381 10.14 -5.66 -2.12
CA TYR A 381 8.87 -6.11 -1.54
C TYR A 381 8.49 -5.36 -0.27
N GLY A 382 9.30 -4.40 0.18
CA GLY A 382 8.90 -3.50 1.23
C GLY A 382 8.24 -2.26 0.66
N MET A 383 8.76 -1.76 -0.46
CA MET A 383 8.07 -0.67 -1.15
C MET A 383 6.84 -1.15 -1.90
N MET A 384 6.76 -2.44 -2.24
CA MET A 384 5.57 -2.99 -2.85
C MET A 384 4.41 -3.15 -1.87
N LEU A 385 4.59 -2.80 -0.61
CA LEU A 385 3.51 -2.64 0.35
C LEU A 385 3.03 -1.20 0.45
N PHE A 386 3.97 -0.25 0.41
CA PHE A 386 3.59 1.16 0.35
C PHE A 386 2.92 1.49 -0.98
N VAL A 387 3.29 0.79 -2.06
CA VAL A 387 2.60 0.93 -3.33
C VAL A 387 1.17 0.43 -3.22
N LEU A 388 0.96 -0.67 -2.50
CA LEU A 388 -0.41 -1.15 -2.28
C LEU A 388 -1.22 -0.17 -1.44
N LEU A 389 -0.60 0.43 -0.43
CA LEU A 389 -1.27 1.48 0.33
C LEU A 389 -1.63 2.66 -0.56
N ALA A 390 -0.70 3.07 -1.42
CA ALA A 390 -0.92 4.21 -2.30
C ALA A 390 -2.03 3.94 -3.32
N VAL A 391 -2.05 2.73 -3.90
CA VAL A 391 -3.08 2.44 -4.88
C VAL A 391 -4.44 2.27 -4.19
N PHE A 392 -4.46 1.79 -2.95
CA PHE A 392 -5.72 1.73 -2.20
C PHE A 392 -6.27 3.12 -1.93
N ILE A 393 -5.41 4.02 -1.43
CA ILE A 393 -5.84 5.37 -1.11
C ILE A 393 -6.24 6.13 -2.37
N ALA A 394 -5.47 5.99 -3.45
CA ALA A 394 -5.78 6.66 -4.70
C ALA A 394 -7.04 6.10 -5.33
N GLY A 395 -7.26 4.78 -5.24
CA GLY A 395 -8.49 4.21 -5.75
C GLY A 395 -9.71 4.68 -4.98
N LEU A 396 -9.57 4.84 -3.66
CA LEU A 396 -10.64 5.42 -2.88
C LEU A 396 -10.93 6.85 -3.31
N MET A 397 -9.90 7.69 -3.45
CA MET A 397 -10.14 9.09 -3.78
C MET A 397 -10.48 9.32 -5.25
N ILE A 398 -10.33 8.32 -6.12
CA ILE A 398 -10.91 8.42 -7.45
C ILE A 398 -12.27 7.72 -7.56
N GLY A 399 -12.64 6.93 -6.56
CA GLY A 399 -13.92 6.26 -6.55
C GLY A 399 -13.92 4.91 -7.24
N ARG A 400 -12.79 4.47 -7.77
CA ARG A 400 -12.69 3.17 -8.41
C ARG A 400 -12.28 2.11 -7.37
N THR A 401 -12.41 0.85 -7.76
CA THR A 401 -11.89 -0.23 -6.95
C THR A 401 -10.36 -0.15 -6.94
N PRO A 402 -9.73 -0.29 -5.77
CA PRO A 402 -8.26 -0.29 -5.72
C PRO A 402 -7.66 -1.41 -6.55
N GLU A 403 -6.61 -1.07 -7.29
CA GLU A 403 -6.14 -1.92 -8.37
C GLU A 403 -4.71 -1.54 -8.72
N TYR A 404 -3.81 -2.52 -8.71
CA TYR A 404 -2.43 -2.33 -9.12
C TYR A 404 -2.09 -3.36 -10.18
N LEU A 405 -1.64 -2.87 -11.34
CA LEU A 405 -1.24 -3.70 -12.49
C LEU A 405 -2.37 -4.61 -12.95
N GLY A 406 -3.60 -4.09 -12.94
CA GLY A 406 -4.77 -4.82 -13.35
C GLY A 406 -5.43 -5.63 -12.25
N LYS A 407 -4.64 -6.22 -11.36
CA LYS A 407 -5.21 -7.06 -10.31
C LYS A 407 -5.84 -6.22 -9.21
N LYS A 408 -6.99 -6.66 -8.72
CA LYS A 408 -7.67 -5.96 -7.65
C LYS A 408 -6.94 -6.18 -6.33
N ILE A 409 -7.11 -5.22 -5.42
CA ILE A 409 -6.45 -5.25 -4.11
C ILE A 409 -7.56 -5.22 -3.06
N ASP A 410 -8.00 -6.40 -2.64
CA ASP A 410 -9.14 -6.54 -1.74
C ASP A 410 -8.69 -6.73 -0.29
N VAL A 411 -9.63 -7.19 0.54
CA VAL A 411 -9.51 -7.18 2.00
C VAL A 411 -8.35 -8.06 2.46
N ARG A 412 -8.13 -9.20 1.81
CA ARG A 412 -7.04 -10.08 2.21
C ARG A 412 -5.68 -9.44 1.93
N GLU A 413 -5.54 -8.78 0.77
CA GLU A 413 -4.32 -8.02 0.49
C GLU A 413 -4.11 -6.89 1.48
N MET A 414 -5.17 -6.16 1.85
CA MET A 414 -5.00 -5.10 2.84
C MET A 414 -4.63 -5.65 4.21
N LYS A 415 -5.23 -6.78 4.61
CA LYS A 415 -4.91 -7.40 5.89
C LYS A 415 -3.46 -7.84 5.94
N LEU A 416 -3.00 -8.54 4.90
CA LEU A 416 -1.63 -9.02 4.89
C LEU A 416 -0.63 -7.89 4.67
N THR A 417 -1.01 -6.85 3.93
CA THR A 417 -0.12 -5.70 3.76
C THR A 417 0.04 -4.92 5.06
N ALA A 418 -1.05 -4.71 5.79
CA ALA A 418 -0.96 -4.06 7.09
C ALA A 418 -0.14 -4.92 8.06
N LEU A 419 -0.36 -6.23 8.06
CA LEU A 419 0.40 -7.11 8.94
C LEU A 419 1.89 -7.13 8.60
N ALA A 420 2.22 -7.06 7.30
CA ALA A 420 3.61 -7.01 6.88
C ALA A 420 4.27 -5.69 7.23
N ILE A 421 3.55 -4.57 7.06
CA ILE A 421 4.10 -3.27 7.39
C ILE A 421 4.28 -3.10 8.90
N LEU A 422 3.37 -3.65 9.71
CA LEU A 422 3.41 -3.44 11.15
C LEU A 422 4.60 -4.09 11.85
N VAL A 423 5.29 -5.04 11.20
CA VAL A 423 6.27 -5.88 11.90
C VAL A 423 7.48 -5.06 12.35
N THR A 424 8.06 -4.27 11.46
CA THR A 424 9.28 -3.58 11.83
C THR A 424 9.09 -2.40 12.81
N PRO A 425 8.10 -1.50 12.69
CA PRO A 425 7.95 -0.47 13.73
C PRO A 425 7.58 -1.04 15.10
N THR A 426 6.80 -2.12 15.12
CA THR A 426 6.44 -2.76 16.39
C THR A 426 7.68 -3.30 17.09
N LEU A 427 8.56 -3.98 16.34
CA LEU A 427 9.80 -4.48 16.91
C LEU A 427 10.72 -3.35 17.34
N VAL A 428 10.80 -2.29 16.55
CA VAL A 428 11.67 -1.15 16.89
C VAL A 428 11.22 -0.52 18.20
N LEU A 429 9.91 -0.25 18.32
CA LEU A 429 9.42 0.44 19.50
C LEU A 429 9.46 -0.46 20.73
N MET A 430 9.11 -1.74 20.59
CA MET A 430 9.19 -2.65 21.74
C MET A 430 10.63 -2.90 22.17
N GLY A 431 11.55 -3.05 21.21
CA GLY A 431 12.94 -3.26 21.57
C GLY A 431 13.55 -2.04 22.25
N ALA A 432 13.25 -0.84 21.75
CA ALA A 432 13.76 0.37 22.38
C ALA A 432 13.15 0.56 23.76
N ALA A 433 11.85 0.26 23.92
CA ALA A 433 11.21 0.39 25.23
C ALA A 433 11.77 -0.62 26.22
N LEU A 434 12.02 -1.87 25.76
CA LEU A 434 12.55 -2.89 26.64
C LEU A 434 14.00 -2.60 27.01
N ALA A 435 14.78 -2.04 26.09
CA ALA A 435 16.15 -1.64 26.42
C ALA A 435 16.16 -0.43 27.35
N MET A 436 15.16 0.46 27.22
CA MET A 436 15.09 1.61 28.11
C MET A 436 14.60 1.21 29.51
N MET A 437 13.78 0.16 29.58
CA MET A 437 13.28 -0.29 30.88
C MET A 437 14.23 -1.25 31.59
N THR A 438 15.34 -1.65 30.96
CA THR A 438 16.26 -2.62 31.52
C THR A 438 17.64 -2.00 31.66
N ASP A 439 18.26 -2.19 32.84
CA ASP A 439 19.60 -1.66 33.06
C ASP A 439 20.64 -2.39 32.23
N ALA A 440 20.39 -3.66 31.89
CA ALA A 440 21.32 -4.40 31.05
C ALA A 440 21.37 -3.85 29.63
N GLY A 441 20.29 -3.21 29.18
CA GLY A 441 20.27 -2.55 27.90
C GLY A 441 20.70 -1.11 27.97
N ARG A 442 20.41 -0.48 29.12
CA ARG A 442 20.74 0.93 29.33
C ARG A 442 22.20 1.15 29.63
N SER A 443 22.91 0.15 30.15
CA SER A 443 24.30 0.33 30.56
C SER A 443 25.29 0.11 29.43
N ALA A 444 24.80 -0.19 28.22
CA ALA A 444 25.66 -0.38 27.07
C ALA A 444 26.00 0.92 26.36
N MET A 445 25.48 2.05 26.84
CA MET A 445 25.71 3.32 26.20
C MET A 445 27.16 3.76 26.36
N LEU A 446 27.59 4.64 25.45
CA LEU A 446 28.89 5.30 25.55
C LEU A 446 28.75 6.81 25.67
N ASN A 447 27.88 7.41 24.86
CA ASN A 447 27.62 8.85 24.90
C ASN A 447 26.42 9.14 25.80
N PRO A 448 26.52 10.14 26.66
CA PRO A 448 25.43 10.48 27.57
C PRO A 448 24.41 11.39 26.91
N GLY A 449 23.33 11.65 27.64
CA GLY A 449 22.28 12.51 27.18
C GLY A 449 21.34 11.83 26.21
N PRO A 450 20.77 12.60 25.28
CA PRO A 450 19.86 12.00 24.28
C PRO A 450 20.57 11.09 23.31
N HIS A 451 21.89 11.19 23.18
CA HIS A 451 22.55 10.45 22.12
C HIS A 451 22.73 8.98 22.50
N GLY A 452 22.70 8.66 23.78
CA GLY A 452 22.65 7.26 24.17
C GLY A 452 21.34 6.59 23.78
N PHE A 453 20.24 7.31 23.95
CA PHE A 453 18.96 6.85 23.41
C PHE A 453 19.01 6.77 21.90
N SER A 454 19.73 7.68 21.24
CA SER A 454 19.93 7.58 19.80
C SER A 454 20.68 6.30 19.44
N GLU A 455 21.68 5.93 20.24
CA GLU A 455 22.42 4.69 20.01
C GLU A 455 21.51 3.47 20.15
N VAL A 456 20.69 3.45 21.21
CA VAL A 456 19.80 2.32 21.45
C VAL A 456 18.76 2.21 20.33
N LEU A 457 18.17 3.33 19.95
CA LEU A 457 17.14 3.33 18.90
C LEU A 457 17.74 2.97 17.55
N TYR A 458 18.95 3.44 17.25
CA TYR A 458 19.64 3.06 16.02
C TYR A 458 19.92 1.57 15.97
N ALA A 459 20.38 1.00 17.09
CA ALA A 459 20.69 -0.43 17.12
C ALA A 459 19.43 -1.28 16.93
N VAL A 460 18.34 -0.92 17.62
CA VAL A 460 17.11 -1.69 17.49
C VAL A 460 16.51 -1.52 16.10
N SER A 461 16.59 -0.32 15.53
CA SER A 461 16.06 -0.09 14.19
C SER A 461 16.86 -0.85 13.14
N SER A 462 18.18 -0.91 13.29
CA SER A 462 19.00 -1.65 12.34
C SER A 462 18.79 -3.14 12.47
N ALA A 463 18.55 -3.63 13.69
CA ALA A 463 18.28 -5.05 13.87
C ALA A 463 16.92 -5.43 13.27
N ALA A 464 15.88 -4.65 13.57
CA ALA A 464 14.55 -4.99 13.10
C ALA A 464 14.43 -4.81 11.58
N ASN A 465 15.08 -3.80 11.03
CA ASN A 465 14.98 -3.49 9.61
C ASN A 465 16.07 -4.17 8.79
N ASN A 466 16.79 -5.13 9.37
CA ASN A 466 17.80 -5.95 8.70
C ASN A 466 18.90 -5.11 8.06
N ASN A 467 19.30 -4.03 8.73
CA ASN A 467 20.40 -3.22 8.23
C ASN A 467 21.74 -3.78 8.72
N GLY A 468 21.92 -3.84 10.03
CA GLY A 468 23.15 -4.32 10.62
C GLY A 468 24.15 -3.24 10.97
N SER A 469 23.99 -2.04 10.43
CA SER A 469 24.86 -0.94 10.79
C SER A 469 24.65 -0.54 12.24
N ALA A 470 25.68 0.03 12.84
CA ALA A 470 25.60 0.40 14.24
C ALA A 470 26.32 1.71 14.45
N PHE A 471 25.96 2.40 15.53
CA PHE A 471 26.80 3.47 16.01
C PHE A 471 28.12 2.95 16.56
N ALA A 472 28.13 1.70 17.04
CA ALA A 472 29.26 0.95 17.57
C ALA A 472 29.79 1.49 18.89
N GLY A 473 29.24 2.58 19.41
CA GLY A 473 29.47 2.95 20.79
C GLY A 473 28.67 2.12 21.77
N LEU A 474 27.62 1.45 21.29
CA LEU A 474 26.83 0.57 22.12
C LEU A 474 27.60 -0.73 22.36
N SER A 475 27.70 -1.14 23.62
CA SER A 475 28.34 -2.41 23.98
C SER A 475 27.27 -3.51 23.89
N ALA A 476 27.01 -3.93 22.65
CA ALA A 476 25.95 -4.87 22.36
C ALA A 476 26.39 -6.33 22.50
N ASN A 477 27.49 -6.59 23.21
CA ASN A 477 27.97 -7.94 23.44
C ASN A 477 27.37 -8.56 24.69
N SER A 478 26.45 -7.88 25.36
CA SER A 478 25.76 -8.44 26.49
C SER A 478 24.85 -9.59 26.05
N PRO A 479 24.59 -10.57 26.93
CA PRO A 479 23.61 -11.61 26.57
C PRO A 479 22.21 -11.07 26.33
N PHE A 480 21.79 -10.06 27.10
CA PHE A 480 20.48 -9.47 26.89
C PHE A 480 20.40 -8.77 25.54
N TRP A 481 21.43 -7.99 25.19
CA TRP A 481 21.45 -7.32 23.90
C TRP A 481 21.50 -8.31 22.76
N ASN A 482 22.30 -9.39 22.92
CA ASN A 482 22.41 -10.39 21.87
C ASN A 482 21.07 -11.09 21.63
N CYS A 483 20.38 -11.48 22.70
CA CYS A 483 19.10 -12.15 22.55
C CYS A 483 18.02 -11.21 22.02
N LEU A 484 18.01 -9.96 22.51
CA LEU A 484 17.01 -8.98 22.06
C LEU A 484 17.18 -8.67 20.57
N LEU A 485 18.42 -8.41 20.14
CA LEU A 485 18.63 -8.12 18.74
C LEU A 485 18.43 -9.36 17.87
N ALA A 486 18.73 -10.55 18.39
CA ALA A 486 18.45 -11.78 17.64
C ALA A 486 16.96 -11.94 17.40
N PHE A 487 16.14 -11.72 18.44
CA PHE A 487 14.69 -11.77 18.27
C PHE A 487 14.21 -10.72 17.29
N CYS A 488 14.78 -9.50 17.38
CA CYS A 488 14.36 -8.42 16.49
C CYS A 488 14.69 -8.73 15.04
N MET A 489 15.89 -9.23 14.76
CA MET A 489 16.30 -9.57 13.40
C MET A 489 15.45 -10.71 12.85
N PHE A 490 15.24 -11.75 13.67
CA PHE A 490 14.50 -12.92 13.22
C PHE A 490 13.05 -12.57 12.88
N VAL A 491 12.37 -11.85 13.78
CA VAL A 491 10.98 -11.49 13.52
C VAL A 491 10.91 -10.46 12.40
N GLY A 492 11.84 -9.51 12.35
CA GLY A 492 11.82 -8.47 11.35
C GLY A 492 12.07 -8.96 9.94
N ARG A 493 12.71 -10.12 9.78
CA ARG A 493 12.74 -10.69 8.43
C ARG A 493 11.62 -11.70 8.18
N PHE A 494 11.38 -12.62 9.11
CA PHE A 494 10.49 -13.73 8.83
C PHE A 494 9.03 -13.44 9.17
N GLY A 495 8.71 -12.24 9.66
CA GLY A 495 7.34 -11.78 9.76
C GLY A 495 7.00 -10.82 8.65
N VAL A 496 7.95 -10.52 7.77
CA VAL A 496 7.67 -9.84 6.52
C VAL A 496 7.73 -10.78 5.33
N ILE A 497 8.62 -11.78 5.35
CA ILE A 497 8.69 -12.75 4.25
C ILE A 497 7.40 -13.56 4.16
N ILE A 498 6.87 -13.98 5.31
CA ILE A 498 5.64 -14.81 5.32
C ILE A 498 4.43 -14.08 4.74
N PRO A 499 4.07 -12.86 5.17
CA PRO A 499 2.87 -12.24 4.58
C PRO A 499 3.07 -11.72 3.17
N VAL A 500 4.29 -11.40 2.75
CA VAL A 500 4.54 -11.08 1.34
C VAL A 500 4.31 -12.32 0.48
N MET A 501 4.75 -13.49 0.96
CA MET A 501 4.46 -14.73 0.25
C MET A 501 2.97 -15.04 0.24
N ALA A 502 2.26 -14.73 1.33
CA ALA A 502 0.81 -14.92 1.35
C ALA A 502 0.12 -13.96 0.38
N ILE A 503 0.62 -12.73 0.27
CA ILE A 503 0.12 -11.77 -0.72
C ILE A 503 0.33 -12.31 -2.13
N ALA A 504 1.51 -12.89 -2.38
CA ALA A 504 1.80 -13.46 -3.68
C ALA A 504 0.87 -14.63 -4.00
N GLY A 505 0.63 -15.49 -3.03
CA GLY A 505 -0.24 -16.63 -3.24
C GLY A 505 -1.71 -16.28 -3.35
N SER A 506 -2.11 -15.13 -2.81
CA SER A 506 -3.47 -14.67 -3.02
C SER A 506 -3.61 -13.84 -4.29
N LEU A 507 -2.50 -13.32 -4.82
CA LEU A 507 -2.53 -12.53 -6.04
C LEU A 507 -2.32 -13.36 -7.30
N VAL A 508 -1.77 -14.57 -7.20
CA VAL A 508 -1.69 -15.44 -8.38
C VAL A 508 -3.08 -15.86 -8.83
N SER A 509 -3.99 -16.07 -7.89
CA SER A 509 -5.33 -16.55 -8.21
C SER A 509 -6.18 -15.50 -8.91
N LYS A 510 -5.76 -14.24 -8.92
CA LYS A 510 -6.53 -13.18 -9.56
C LYS A 510 -6.20 -13.11 -11.04
N LYS A 511 -6.93 -12.25 -11.75
CA LYS A 511 -6.72 -12.00 -13.16
C LYS A 511 -6.43 -10.52 -13.36
N SER A 512 -5.73 -10.21 -14.44
CA SER A 512 -5.36 -8.83 -14.74
C SER A 512 -6.43 -8.18 -15.61
N GLN A 513 -7.14 -7.20 -15.06
CA GLN A 513 -8.03 -6.37 -15.86
C GLN A 513 -7.22 -5.52 -16.83
N ALA A 514 -7.69 -5.41 -18.07
CA ALA A 514 -7.01 -4.61 -19.06
C ALA A 514 -7.17 -3.12 -18.75
N ALA A 515 -6.31 -2.32 -19.37
CA ALA A 515 -6.34 -0.88 -19.15
C ALA A 515 -7.60 -0.27 -19.74
N SER A 516 -8.26 0.59 -18.97
CA SER A 516 -9.49 1.22 -19.38
C SER A 516 -9.29 2.74 -19.46
N SER A 517 -10.36 3.46 -19.79
CA SER A 517 -10.29 4.91 -19.84
C SER A 517 -10.24 5.54 -18.46
N GLY A 518 -10.94 4.94 -17.49
CA GLY A 518 -11.00 5.45 -16.14
C GLY A 518 -10.02 4.84 -15.16
N THR A 519 -9.18 3.91 -15.61
CA THR A 519 -8.18 3.32 -14.72
C THR A 519 -7.09 4.33 -14.43
N LEU A 520 -6.71 4.42 -13.16
CA LEU A 520 -5.66 5.36 -12.77
C LEU A 520 -4.30 4.84 -13.23
N PRO A 521 -3.50 5.66 -13.91
CA PRO A 521 -2.15 5.24 -14.27
C PRO A 521 -1.25 5.24 -13.03
N THR A 522 -0.57 4.13 -12.80
CA THR A 522 0.31 3.97 -11.65
C THR A 522 1.72 4.47 -11.93
N HIS A 523 1.89 5.35 -12.92
CA HIS A 523 3.17 5.96 -13.22
C HIS A 523 2.98 7.46 -13.33
N GLY A 524 4.05 8.15 -13.73
CA GLY A 524 3.99 9.58 -13.91
C GLY A 524 4.33 10.33 -12.64
N PRO A 525 4.53 11.64 -12.78
CA PRO A 525 4.91 12.46 -11.61
C PRO A 525 3.89 12.48 -10.50
N LEU A 526 2.60 12.40 -10.84
CA LEU A 526 1.56 12.44 -9.83
C LEU A 526 1.62 11.22 -8.92
N PHE A 527 1.70 10.02 -9.51
CA PHE A 527 1.78 8.82 -8.68
C PHE A 527 3.14 8.69 -8.02
N VAL A 528 4.22 9.18 -8.65
CA VAL A 528 5.52 9.15 -7.99
C VAL A 528 5.49 10.03 -6.74
N GLY A 529 4.93 11.23 -6.85
CA GLY A 529 4.79 12.09 -5.70
C GLY A 529 3.84 11.55 -4.65
N LEU A 530 2.78 10.86 -5.09
CA LEU A 530 1.84 10.25 -4.15
C LEU A 530 2.50 9.14 -3.34
N LEU A 531 3.25 8.26 -4.01
CA LEU A 531 3.95 7.19 -3.31
C LEU A 531 5.04 7.74 -2.40
N ILE A 532 5.76 8.78 -2.87
CA ILE A 532 6.77 9.43 -2.05
C ILE A 532 6.14 10.05 -0.81
N GLY A 533 5.00 10.72 -0.97
CA GLY A 533 4.32 11.32 0.16
C GLY A 533 3.81 10.29 1.14
N THR A 534 3.28 9.17 0.63
CA THR A 534 2.84 8.10 1.51
C THR A 534 3.99 7.51 2.32
N VAL A 535 5.13 7.25 1.66
CA VAL A 535 6.28 6.66 2.33
C VAL A 535 6.83 7.62 3.39
N LEU A 536 7.07 8.87 3.00
CA LEU A 536 7.66 9.83 3.93
C LEU A 536 6.70 10.17 5.07
N LEU A 537 5.40 10.24 4.79
CA LEU A 537 4.43 10.59 5.82
C LEU A 537 4.27 9.46 6.83
N VAL A 538 4.21 8.21 6.35
CA VAL A 538 4.09 7.08 7.27
C VAL A 538 5.35 6.94 8.11
N GLY A 539 6.52 6.99 7.47
CA GLY A 539 7.77 6.88 8.18
C GLY A 539 8.06 8.05 9.09
N ALA A 540 7.47 9.22 8.82
CA ALA A 540 7.57 10.33 9.75
C ALA A 540 6.66 10.09 10.95
N LEU A 541 5.35 10.02 10.70
CA LEU A 541 4.37 9.96 11.79
C LEU A 541 4.53 8.73 12.68
N THR A 542 5.23 7.69 12.21
CA THR A 542 5.50 6.57 13.10
C THR A 542 6.63 6.88 14.09
N PHE A 543 7.61 7.69 13.68
CA PHE A 543 8.85 7.80 14.44
C PHE A 543 9.25 9.22 14.86
N ILE A 544 8.44 10.24 14.58
CA ILE A 544 8.68 11.57 15.16
C ILE A 544 8.72 11.57 16.68
N PRO A 545 7.83 10.88 17.42
CA PRO A 545 8.02 10.82 18.89
C PRO A 545 9.31 10.14 19.31
N ALA A 546 9.78 9.14 18.56
CA ALA A 546 11.06 8.50 18.89
C ALA A 546 12.25 9.35 18.46
N LEU A 547 12.16 10.02 17.31
CA LEU A 547 13.26 10.83 16.80
C LEU A 547 13.38 12.19 17.47
N ALA A 548 12.32 12.66 18.12
CA ALA A 548 12.33 13.97 18.75
C ALA A 548 13.01 13.97 20.12
N LEU A 549 13.29 12.80 20.68
CA LEU A 549 13.96 12.70 21.96
C LEU A 549 15.43 12.34 21.82
N GLY A 550 15.88 12.03 20.61
CA GLY A 550 17.25 11.66 20.37
C GLY A 550 18.00 12.70 19.55
N PRO A 551 18.09 12.47 18.24
CA PRO A 551 18.85 13.38 17.38
C PRO A 551 18.27 14.78 17.29
N VAL A 552 16.95 14.93 17.34
CA VAL A 552 16.35 16.26 17.31
C VAL A 552 16.68 17.04 18.57
N ALA A 553 16.59 16.37 19.73
CA ALA A 553 16.96 17.01 20.99
C ALA A 553 18.44 17.34 21.04
N GLU A 554 19.28 16.47 20.47
CA GLU A 554 20.71 16.76 20.40
C GLU A 554 21.00 17.96 19.50
N TYR A 555 20.30 18.04 18.36
CA TYR A 555 20.49 19.16 17.45
C TYR A 555 20.04 20.48 18.08
N LEU A 556 18.91 20.46 18.79
CA LEU A 556 18.40 21.68 19.39
C LEU A 556 19.07 22.01 20.72
N SER A 557 19.86 21.09 21.28
CA SER A 557 20.57 21.36 22.53
C SER A 557 21.70 22.35 22.31
N MET B 1 12.02 -38.16 2.22
CA MET B 1 12.18 -37.29 1.06
C MET B 1 10.95 -36.38 0.91
N SER B 2 10.51 -36.20 -0.33
CA SER B 2 9.35 -35.38 -0.69
C SER B 2 9.50 -33.95 -0.17
N GLY B 3 10.51 -33.26 -0.68
CA GLY B 3 10.84 -31.92 -0.25
C GLY B 3 12.01 -31.83 0.70
N LEU B 4 12.60 -32.95 1.08
CA LEU B 4 13.79 -32.97 1.95
C LEU B 4 15.07 -33.24 1.20
N ARG B 5 15.05 -34.16 0.23
CA ARG B 5 16.21 -34.36 -0.63
C ARG B 5 16.58 -33.13 -1.47
N PRO B 6 15.65 -32.42 -2.15
CA PRO B 6 16.08 -31.18 -2.80
C PRO B 6 16.57 -30.10 -1.86
N ALA B 7 15.99 -30.03 -0.65
CA ALA B 7 16.43 -29.02 0.33
C ALA B 7 17.88 -29.26 0.76
N LEU B 8 18.17 -30.49 1.21
CA LEU B 8 19.53 -30.83 1.63
C LEU B 8 20.51 -30.75 0.46
N SER B 9 20.09 -31.21 -0.72
CA SER B 9 20.98 -31.19 -1.89
C SER B 9 21.33 -29.76 -2.29
N THR B 10 20.31 -28.89 -2.37
CA THR B 10 20.55 -27.49 -2.74
C THR B 10 21.39 -26.78 -1.70
N PHE B 11 21.08 -26.98 -0.41
CA PHE B 11 21.85 -26.31 0.63
C PHE B 11 23.29 -26.79 0.67
N ILE B 12 23.52 -28.10 0.52
CA ILE B 12 24.87 -28.64 0.57
C ILE B 12 25.67 -28.21 -0.66
N PHE B 13 25.04 -28.19 -1.84
CA PHE B 13 25.74 -27.74 -3.05
C PHE B 13 26.06 -26.25 -2.97
N LEU B 14 25.14 -25.44 -2.46
CA LEU B 14 25.41 -24.01 -2.34
C LEU B 14 26.47 -23.73 -1.27
N LEU B 15 26.45 -24.51 -0.18
CA LEU B 15 27.51 -24.46 0.83
C LEU B 15 28.86 -24.78 0.21
N LEU B 16 28.93 -25.84 -0.58
CA LEU B 16 30.19 -26.22 -1.21
C LEU B 16 30.67 -25.15 -2.19
N ILE B 17 29.76 -24.63 -3.02
CA ILE B 17 30.14 -23.65 -4.04
C ILE B 17 30.61 -22.35 -3.40
N THR B 18 29.90 -21.86 -2.39
CA THR B 18 30.19 -20.57 -1.81
C THR B 18 31.07 -20.64 -0.55
N GLY B 19 31.57 -21.82 -0.20
CA GLY B 19 32.55 -21.89 0.86
C GLY B 19 33.81 -22.65 0.48
N GLY B 20 33.79 -23.27 -0.69
CA GLY B 20 34.91 -24.00 -1.23
C GLY B 20 35.42 -23.30 -2.47
N VAL B 21 34.91 -23.73 -3.62
CA VAL B 21 35.29 -23.27 -4.96
C VAL B 21 35.43 -21.75 -5.06
N TYR B 22 34.42 -21.00 -4.64
CA TYR B 22 34.45 -19.55 -4.84
C TYR B 22 35.55 -18.84 -4.02
N PRO B 23 35.69 -19.06 -2.70
CA PRO B 23 36.87 -18.47 -2.04
C PRO B 23 38.19 -19.07 -2.48
N LEU B 24 38.21 -20.37 -2.85
CA LEU B 24 39.46 -20.96 -3.33
C LEU B 24 39.84 -20.39 -4.68
N LEU B 25 38.88 -20.22 -5.60
CA LEU B 25 39.18 -19.61 -6.89
C LEU B 25 39.59 -18.15 -6.72
N THR B 26 38.92 -17.42 -5.83
CA THR B 26 39.29 -16.03 -5.56
C THR B 26 40.70 -15.94 -5.00
N THR B 27 41.05 -16.83 -4.07
CA THR B 27 42.39 -16.83 -3.49
C THR B 27 43.45 -17.22 -4.51
N VAL B 28 43.17 -18.23 -5.34
CA VAL B 28 44.14 -18.68 -6.34
C VAL B 28 44.39 -17.58 -7.36
N LEU B 29 43.32 -16.95 -7.87
CA LEU B 29 43.48 -15.88 -8.83
C LEU B 29 44.15 -14.65 -8.21
N GLY B 30 43.83 -14.35 -6.95
CA GLY B 30 44.46 -13.22 -6.29
C GLY B 30 45.95 -13.41 -6.09
N GLN B 31 46.35 -14.58 -5.59
CA GLN B 31 47.77 -14.85 -5.39
C GLN B 31 48.51 -15.00 -6.71
N TRP B 32 47.81 -15.43 -7.77
CA TRP B 32 48.46 -15.55 -9.07
C TRP B 32 48.65 -14.18 -9.73
N TRP B 33 47.68 -13.29 -9.60
CA TRP B 33 47.73 -12.02 -10.32
C TRP B 33 48.35 -10.90 -9.50
N PHE B 34 47.86 -10.65 -8.29
CA PHE B 34 48.29 -9.52 -7.47
C PHE B 34 48.71 -10.05 -6.11
N PRO B 35 49.88 -10.71 -6.03
CA PRO B 35 50.26 -11.35 -4.76
C PRO B 35 50.68 -10.36 -3.69
N TRP B 36 51.35 -9.27 -4.06
CA TRP B 36 51.76 -8.26 -3.08
C TRP B 36 50.55 -7.58 -2.46
N GLN B 37 49.57 -7.21 -3.29
CA GLN B 37 48.36 -6.58 -2.77
C GLN B 37 47.50 -7.58 -2.00
N ALA B 38 47.48 -8.84 -2.44
CA ALA B 38 46.66 -9.83 -1.77
C ALA B 38 47.28 -10.30 -0.46
N ASN B 39 48.58 -10.10 -0.27
CA ASN B 39 49.26 -10.52 0.94
C ASN B 39 49.34 -9.41 1.99
N GLY B 40 48.77 -8.25 1.73
CA GLY B 40 48.72 -7.17 2.70
C GLY B 40 49.51 -5.94 2.36
N SER B 41 50.12 -5.88 1.17
CA SER B 41 50.98 -4.77 0.75
C SER B 41 52.10 -4.53 1.76
N LEU B 42 52.76 -5.61 2.17
CA LEU B 42 53.81 -5.52 3.18
C LEU B 42 55.03 -4.81 2.64
N ILE B 43 55.70 -4.08 3.52
CA ILE B 43 56.94 -3.36 3.20
C ILE B 43 58.07 -4.00 3.99
N ARG B 44 59.13 -4.39 3.30
CA ARG B 44 60.23 -5.10 3.92
C ARG B 44 61.55 -4.39 3.63
N GLU B 45 62.41 -4.35 4.64
CA GLU B 45 63.84 -4.09 4.46
C GLU B 45 64.59 -5.30 5.03
N GLY B 46 65.51 -5.86 4.24
CA GLY B 46 66.09 -7.13 4.62
C GLY B 46 65.06 -8.24 4.53
N ASP B 47 64.91 -8.98 5.63
CA ASP B 47 63.87 -10.00 5.76
C ASP B 47 62.84 -9.64 6.82
N THR B 48 62.83 -8.39 7.27
CA THR B 48 61.96 -7.93 8.34
C THR B 48 60.87 -7.03 7.75
N VAL B 49 59.61 -7.34 8.07
CA VAL B 49 58.49 -6.53 7.60
C VAL B 49 58.48 -5.22 8.39
N ARG B 50 58.60 -4.11 7.68
CA ARG B 50 58.57 -2.79 8.29
C ARG B 50 57.15 -2.24 8.40
N GLY B 51 56.16 -2.94 7.87
CA GLY B 51 54.79 -2.49 7.94
C GLY B 51 54.06 -2.70 6.64
N SER B 52 52.79 -2.30 6.59
CA SER B 52 52.00 -2.35 5.39
C SER B 52 51.90 -0.95 4.80
N ALA B 53 51.72 -0.88 3.48
CA ALA B 53 51.54 0.42 2.82
C ALA B 53 50.14 0.95 2.96
N LEU B 54 49.27 0.23 3.66
CA LEU B 54 47.87 0.60 3.79
C LEU B 54 47.43 0.87 5.22
N ILE B 55 48.06 0.23 6.22
CA ILE B 55 47.55 0.26 7.59
C ILE B 55 47.97 1.53 8.32
N GLY B 56 49.25 1.83 8.35
CA GLY B 56 49.65 3.00 9.12
C GLY B 56 50.08 2.66 10.53
N GLN B 57 50.97 3.48 11.07
CA GLN B 57 51.60 3.20 12.35
C GLN B 57 51.59 4.46 13.21
N ASN B 58 51.79 4.25 14.51
CA ASN B 58 51.87 5.36 15.45
C ASN B 58 53.22 6.04 15.33
N PHE B 59 53.23 7.32 14.99
CA PHE B 59 54.44 8.10 14.86
C PHE B 59 54.42 9.23 15.88
N THR B 60 55.49 9.36 16.66
CA THR B 60 55.58 10.38 17.69
C THR B 60 56.87 11.17 17.67
N GLY B 61 57.86 10.79 16.86
CA GLY B 61 59.10 11.52 16.81
C GLY B 61 58.96 12.85 16.08
N ASN B 62 59.94 13.72 16.29
CA ASN B 62 59.92 15.03 15.65
C ASN B 62 60.27 14.92 14.17
N GLY B 63 61.08 13.94 13.80
CA GLY B 63 61.52 13.81 12.43
C GLY B 63 60.59 12.98 11.57
N TYR B 64 59.43 12.61 12.11
CA TYR B 64 58.47 11.77 11.42
C TYR B 64 57.16 12.53 11.25
N PHE B 65 56.55 12.38 10.08
CA PHE B 65 55.24 12.96 9.84
C PHE B 65 54.19 12.23 10.66
N HIS B 66 53.46 12.99 11.48
CA HIS B 66 52.43 12.41 12.34
C HIS B 66 51.11 12.32 11.60
N GLY B 67 50.40 11.21 11.83
CA GLY B 67 49.12 10.97 11.20
C GLY B 67 47.95 11.38 12.08
N ARG B 68 46.77 10.92 11.68
CA ARG B 68 45.57 11.19 12.45
C ARG B 68 45.58 10.41 13.76
N PRO B 69 44.91 10.92 14.80
CA PRO B 69 44.84 10.16 16.06
C PRO B 69 44.05 8.87 15.89
N SER B 70 44.43 7.87 16.66
CA SER B 70 43.80 6.55 16.61
C SER B 70 43.12 6.24 17.94
N ALA B 71 41.97 5.58 17.87
CA ALA B 71 41.20 5.24 19.05
C ALA B 71 41.00 3.73 19.17
N THR B 72 42.04 2.96 18.86
CA THR B 72 41.97 1.52 19.06
C THR B 72 42.05 1.20 20.56
N ALA B 73 41.71 -0.04 20.91
CA ALA B 73 41.44 -0.41 22.29
C ALA B 73 42.72 -0.37 23.14
N GLU B 74 43.69 -1.23 22.82
CA GLU B 74 44.84 -1.41 23.70
C GLU B 74 45.85 -0.29 23.55
N MET B 75 46.28 -0.01 22.32
CA MET B 75 47.29 0.99 22.04
C MET B 75 46.87 1.74 20.79
N PRO B 76 47.38 2.98 20.60
CA PRO B 76 47.10 3.68 19.34
C PRO B 76 47.66 2.94 18.14
N TYR B 77 46.90 2.96 17.05
CA TYR B 77 47.21 2.25 15.80
C TYR B 77 47.43 0.77 16.04
N ASN B 78 46.42 0.13 16.62
CA ASN B 78 46.47 -1.30 16.92
C ASN B 78 45.64 -2.06 15.90
N PRO B 79 46.25 -2.88 15.04
CA PRO B 79 45.46 -3.62 14.04
C PRO B 79 44.59 -4.72 14.62
N GLN B 80 44.81 -5.12 15.87
CA GLN B 80 43.97 -6.12 16.51
C GLN B 80 42.64 -5.57 17.00
N ALA B 81 42.48 -4.26 17.04
CA ALA B 81 41.22 -3.64 17.43
C ALA B 81 40.49 -2.99 16.25
N SER B 82 41.16 -2.08 15.54
CA SER B 82 40.69 -1.51 14.28
C SER B 82 39.32 -0.84 14.42
N GLY B 83 39.10 -0.18 15.56
CA GLY B 83 37.90 0.60 15.79
C GLY B 83 38.18 2.09 15.79
N GLY B 84 37.11 2.86 15.98
CA GLY B 84 37.21 4.29 16.04
C GLY B 84 36.56 4.82 17.32
N SER B 85 36.78 6.11 17.57
CA SER B 85 36.17 6.80 18.70
C SER B 85 34.72 7.09 18.33
N ASN B 86 33.80 6.38 18.97
CA ASN B 86 32.38 6.59 18.71
C ASN B 86 31.83 7.69 19.60
N LEU B 87 32.49 8.83 19.62
CA LEU B 87 32.13 9.92 20.52
C LEU B 87 31.20 10.89 19.81
N ALA B 88 30.16 11.31 20.52
CA ALA B 88 29.13 12.15 19.92
C ALA B 88 29.62 13.58 19.73
N VAL B 89 28.87 14.33 18.92
CA VAL B 89 29.07 15.77 18.81
C VAL B 89 28.80 16.45 20.13
N SER B 90 27.77 16.00 20.85
CA SER B 90 27.39 16.57 22.15
C SER B 90 28.23 16.02 23.31
N ASN B 91 29.13 15.08 23.04
CA ASN B 91 29.93 14.48 24.10
C ASN B 91 31.02 15.46 24.54
N PRO B 92 31.10 15.82 25.83
CA PRO B 92 32.19 16.69 26.28
C PRO B 92 33.55 15.98 26.28
N GLU B 93 33.56 14.65 26.29
CA GLU B 93 34.82 13.91 26.22
C GLU B 93 35.52 14.13 24.89
N LEU B 94 34.73 14.19 23.80
CA LEU B 94 35.31 14.48 22.48
C LEU B 94 35.91 15.87 22.44
N ASP B 95 35.25 16.85 23.05
CA ASP B 95 35.79 18.21 23.10
C ASP B 95 37.05 18.26 23.94
N LYS B 96 37.09 17.51 25.04
CA LYS B 96 38.30 17.45 25.87
C LYS B 96 39.46 16.85 25.10
N LEU B 97 39.20 15.77 24.35
CA LEU B 97 40.24 15.13 23.55
C LEU B 97 40.72 16.06 22.43
N ILE B 98 39.80 16.77 21.79
CA ILE B 98 40.17 17.69 20.71
C ILE B 98 41.00 18.85 21.26
N ALA B 99 40.62 19.39 22.42
CA ALA B 99 41.39 20.46 23.04
C ALA B 99 42.80 19.99 23.41
N ALA B 100 42.90 18.79 23.97
CA ALA B 100 44.22 18.24 24.31
C ALA B 100 45.08 18.02 23.07
N ARG B 101 44.48 17.51 22.00
CA ARG B 101 45.22 17.27 20.76
C ARG B 101 45.68 18.60 20.14
N VAL B 102 44.81 19.61 20.17
CA VAL B 102 45.17 20.92 19.62
C VAL B 102 46.31 21.56 20.41
N ALA B 103 46.24 21.47 21.75
CA ALA B 103 47.31 22.01 22.58
C ALA B 103 48.63 21.28 22.35
N ALA B 104 48.57 19.94 22.23
CA ALA B 104 49.78 19.17 21.99
C ALA B 104 50.38 19.47 20.63
N LEU B 105 49.53 19.63 19.61
CA LEU B 105 50.04 19.90 18.26
C LEU B 105 50.61 21.31 18.15
N ARG B 106 49.99 22.28 18.83
CA ARG B 106 50.54 23.63 18.83
C ARG B 106 51.84 23.69 19.62
N ALA B 107 51.98 22.88 20.67
CA ALA B 107 53.25 22.80 21.38
C ALA B 107 54.32 22.16 20.51
N ALA B 108 53.96 21.11 19.77
CA ALA B 108 54.94 20.38 18.97
C ALA B 108 55.35 21.13 17.71
N ASN B 109 54.46 21.97 17.15
CA ASN B 109 54.73 22.69 15.92
C ASN B 109 54.56 24.18 16.18
N PRO B 110 55.59 24.85 16.71
CA PRO B 110 55.45 26.28 17.01
C PRO B 110 55.51 27.16 15.76
N ASP B 111 56.34 26.80 14.78
CA ASP B 111 56.49 27.61 13.58
C ASP B 111 55.36 27.42 12.58
N ALA B 112 54.51 26.42 12.77
CA ALA B 112 53.39 26.19 11.87
C ALA B 112 52.26 27.16 12.19
N SER B 113 51.22 27.12 11.34
CA SER B 113 50.07 27.98 11.54
C SER B 113 49.29 27.55 12.78
N ALA B 114 48.67 28.52 13.45
CA ALA B 114 47.90 28.24 14.65
C ALA B 114 46.61 27.49 14.36
N SER B 115 46.10 27.55 13.14
CA SER B 115 44.89 26.81 12.76
C SER B 115 45.31 25.39 12.40
N VAL B 116 45.20 24.49 13.36
CA VAL B 116 45.54 23.08 13.14
C VAL B 116 44.52 22.45 12.19
N PRO B 117 44.94 21.66 11.21
CA PRO B 117 43.96 20.95 10.38
C PRO B 117 43.17 19.94 11.19
N VAL B 118 41.91 19.73 10.77
CA VAL B 118 41.03 18.82 11.49
C VAL B 118 41.47 17.37 11.34
N GLU B 119 42.27 17.08 10.30
CA GLU B 119 42.76 15.73 10.07
C GLU B 119 43.62 15.23 11.23
N LEU B 120 44.46 16.11 11.78
CA LEU B 120 45.40 15.74 12.84
C LEU B 120 44.78 15.79 14.23
N VAL B 121 43.54 16.25 14.38
CA VAL B 121 42.89 16.33 15.67
C VAL B 121 41.64 15.48 15.75
N THR B 122 41.16 14.94 14.63
CA THR B 122 39.98 14.08 14.62
C THR B 122 40.39 12.63 14.42
N ALA B 123 39.89 11.74 15.27
CA ALA B 123 40.18 10.33 15.13
C ALA B 123 39.48 9.74 13.92
N SER B 124 40.16 8.84 13.22
CA SER B 124 39.64 8.29 11.98
C SER B 124 38.57 7.23 12.28
N ALA B 125 37.95 6.73 11.21
CA ALA B 125 36.87 5.77 11.33
C ALA B 125 37.35 4.38 11.74
N SER B 126 38.57 4.00 11.39
CA SER B 126 39.08 2.68 11.72
C SER B 126 40.28 2.72 12.66
N GLY B 127 40.85 3.89 12.92
CA GLY B 127 42.04 3.98 13.76
C GLY B 127 43.31 3.79 12.97
N LEU B 128 43.31 2.83 12.05
CA LEU B 128 44.46 2.53 11.20
C LEU B 128 44.43 3.36 9.92
N ASP B 129 44.56 4.67 10.04
CA ASP B 129 44.55 5.55 8.88
C ASP B 129 45.99 5.91 8.51
N ASN B 130 46.44 5.41 7.37
CA ASN B 130 47.77 5.67 6.85
C ASN B 130 47.84 6.97 6.05
N ASN B 131 46.72 7.67 5.88
CA ASN B 131 46.63 8.77 4.93
C ASN B 131 46.21 10.05 5.61
N ILE B 132 46.82 11.15 5.18
CA ILE B 132 46.38 12.51 5.51
C ILE B 132 46.35 13.31 4.22
N THR B 133 45.64 14.43 4.26
CA THR B 133 45.58 15.31 3.10
C THR B 133 46.93 15.99 2.89
N PRO B 134 47.25 16.36 1.64
CA PRO B 134 48.51 17.09 1.40
C PRO B 134 48.57 18.44 2.10
N GLN B 135 47.43 19.08 2.34
CA GLN B 135 47.42 20.32 3.13
C GLN B 135 47.85 20.05 4.57
N ALA B 136 47.33 18.96 5.16
CA ALA B 136 47.74 18.59 6.51
C ALA B 136 49.19 18.11 6.56
N ALA B 137 49.69 17.52 5.48
CA ALA B 137 51.10 17.14 5.43
C ALA B 137 52.02 18.34 5.24
N ALA B 138 51.58 19.35 4.51
CA ALA B 138 52.37 20.56 4.33
C ALA B 138 52.23 21.54 5.49
N TRP B 139 51.25 21.33 6.36
CA TRP B 139 51.16 22.15 7.56
C TRP B 139 52.31 21.89 8.52
N GLN B 140 52.87 20.68 8.51
CA GLN B 140 53.93 20.29 9.43
C GLN B 140 55.29 20.22 8.75
N ILE B 141 55.51 21.06 7.73
CA ILE B 141 56.85 21.18 7.14
C ILE B 141 57.90 21.71 8.11
N PRO B 142 57.67 22.82 8.87
CA PRO B 142 58.79 23.37 9.68
C PRO B 142 59.31 22.43 10.76
N ARG B 143 58.45 21.63 11.40
CA ARG B 143 58.92 20.74 12.46
C ARG B 143 59.80 19.63 11.89
N VAL B 144 59.37 19.00 10.81
CA VAL B 144 60.16 17.93 10.20
C VAL B 144 61.44 18.50 9.59
N ALA B 145 61.36 19.70 9.01
CA ALA B 145 62.53 20.33 8.43
C ALA B 145 63.57 20.67 9.49
N LYS B 146 63.13 21.22 10.63
CA LYS B 146 64.05 21.53 11.72
C LYS B 146 64.60 20.27 12.38
N ALA B 147 63.82 19.19 12.45
CA ALA B 147 64.31 17.95 13.04
C ALA B 147 65.15 17.11 12.09
N ARG B 148 65.08 17.38 10.79
CA ARG B 148 65.75 16.54 9.80
C ARG B 148 66.81 17.26 8.99
N ASN B 149 66.99 18.58 9.21
CA ASN B 149 67.93 19.43 8.48
C ASN B 149 67.68 19.41 6.98
N LEU B 150 66.42 19.27 6.57
CA LEU B 150 66.08 19.25 5.15
C LEU B 150 65.50 20.59 4.72
N SER B 151 65.24 20.70 3.42
CA SER B 151 64.67 21.91 2.86
C SER B 151 63.16 21.77 2.70
N VAL B 152 62.47 22.91 2.69
CA VAL B 152 61.02 22.93 2.46
C VAL B 152 60.71 22.40 1.07
N GLU B 153 61.53 22.77 0.08
CA GLU B 153 61.34 22.27 -1.28
C GLU B 153 61.53 20.77 -1.36
N GLN B 154 62.54 20.23 -0.67
CA GLN B 154 62.75 18.78 -0.65
C GLN B 154 61.59 18.06 0.02
N LEU B 155 61.10 18.61 1.14
CA LEU B 155 59.98 17.98 1.85
C LEU B 155 58.70 18.01 1.01
N THR B 156 58.44 19.13 0.33
CA THR B 156 57.25 19.22 -0.51
C THR B 156 57.36 18.31 -1.73
N GLN B 157 58.56 18.17 -2.29
CA GLN B 157 58.76 17.24 -3.39
C GLN B 157 58.56 15.80 -2.95
N LEU B 158 59.02 15.47 -1.74
CA LEU B 158 58.82 14.11 -1.22
C LEU B 158 57.34 13.84 -0.97
N ILE B 159 56.61 14.83 -0.44
CA ILE B 159 55.19 14.67 -0.20
C ILE B 159 54.44 14.51 -1.52
N ALA B 160 54.80 15.30 -2.52
CA ALA B 160 54.17 15.17 -3.84
C ALA B 160 54.53 13.86 -4.51
N LYS B 161 55.73 13.34 -4.24
CA LYS B 161 56.10 12.02 -4.75
C LYS B 161 55.26 10.93 -4.10
N TYR B 162 54.99 11.05 -2.81
CA TYR B 162 54.20 10.06 -2.08
C TYR B 162 52.75 10.50 -1.90
N SER B 163 52.21 11.24 -2.86
CA SER B 163 50.82 11.68 -2.83
C SER B 163 50.04 10.90 -3.87
N GLN B 164 48.92 10.32 -3.46
CA GLN B 164 48.05 9.58 -4.35
C GLN B 164 46.75 10.35 -4.55
N GLN B 165 46.39 10.60 -5.80
CA GLN B 165 45.15 11.29 -6.11
C GLN B 165 44.16 10.32 -6.75
N PRO B 166 42.87 10.48 -6.50
CA PRO B 166 41.88 9.59 -7.12
C PRO B 166 41.69 9.90 -8.59
N LEU B 167 40.83 9.09 -9.23
CA LEU B 167 40.56 9.26 -10.65
C LEU B 167 39.89 10.60 -10.93
N VAL B 168 38.93 10.98 -10.11
CA VAL B 168 38.31 12.29 -10.15
C VAL B 168 38.27 12.84 -8.74
N LYS B 169 38.21 14.18 -8.63
CA LYS B 169 38.39 14.83 -7.34
C LYS B 169 37.19 14.65 -6.41
N TYR B 170 36.03 14.25 -6.93
CA TYR B 170 34.82 14.22 -6.11
C TYR B 170 34.50 12.83 -5.54
N ILE B 171 35.27 11.80 -5.85
CA ILE B 171 35.00 10.48 -5.31
C ILE B 171 35.93 10.20 -4.12
N GLY B 172 36.71 11.21 -3.73
CA GLY B 172 37.63 11.03 -2.62
C GLY B 172 38.47 12.28 -2.42
N GLN B 173 39.60 12.09 -1.76
CA GLN B 173 40.52 13.18 -1.46
C GLN B 173 41.94 12.77 -1.82
N PRO B 174 42.80 13.74 -2.19
CA PRO B 174 44.22 13.43 -2.28
C PRO B 174 44.77 13.04 -0.92
N VAL B 175 45.68 12.06 -0.92
CA VAL B 175 46.17 11.46 0.32
C VAL B 175 47.69 11.34 0.25
N VAL B 176 48.30 11.22 1.43
CA VAL B 176 49.73 11.04 1.57
C VAL B 176 49.98 9.77 2.38
N ASN B 177 50.75 8.85 1.80
CA ASN B 177 51.12 7.61 2.49
C ASN B 177 52.14 7.94 3.57
N ILE B 178 51.71 7.90 4.83
CA ILE B 178 52.53 8.38 5.93
C ILE B 178 53.69 7.42 6.20
N VAL B 179 53.42 6.12 6.23
CA VAL B 179 54.47 5.14 6.51
C VAL B 179 55.51 5.15 5.39
N GLU B 180 55.07 5.20 4.14
CA GLU B 180 56.00 5.25 3.02
C GLU B 180 56.79 6.55 3.01
N LEU B 181 56.15 7.67 3.37
CA LEU B 181 56.86 8.94 3.44
C LEU B 181 57.93 8.92 4.53
N ASN B 182 57.62 8.36 5.69
CA ASN B 182 58.61 8.30 6.77
C ASN B 182 59.73 7.31 6.46
N LEU B 183 59.41 6.21 5.79
CA LEU B 183 60.47 5.29 5.35
C LEU B 183 61.36 5.94 4.30
N ALA B 184 60.78 6.75 3.41
CA ALA B 184 61.59 7.49 2.45
C ALA B 184 62.44 8.54 3.15
N LEU B 185 61.92 9.14 4.22
CA LEU B 185 62.71 10.06 5.03
C LEU B 185 63.90 9.36 5.66
N ASP B 186 63.68 8.15 6.20
CA ASP B 186 64.77 7.37 6.78
C ASP B 186 65.79 6.98 5.73
N LYS B 187 65.33 6.61 4.53
CA LYS B 187 66.24 6.23 3.46
C LYS B 187 67.05 7.42 2.97
N LEU B 188 66.43 8.61 2.94
CA LEU B 188 67.14 9.83 2.58
C LEU B 188 68.17 10.19 3.65
N ASP B 189 67.84 9.93 4.91
CA ASP B 189 68.84 10.06 5.98
C ASP B 189 69.99 9.09 5.80
N GLU B 190 69.72 7.85 5.39
CA GLU B 190 70.75 6.86 5.18
C GLU B 190 71.38 6.98 3.80
N MET C 1 10.64 -2.15 39.36
CA MET C 1 9.42 -1.61 38.76
C MET C 1 8.24 -1.69 39.72
N SER C 2 7.51 -0.59 39.84
CA SER C 2 6.37 -0.52 40.75
C SER C 2 5.13 -1.11 40.07
N ALA C 3 3.97 -0.93 40.70
CA ALA C 3 2.74 -1.47 40.13
C ALA C 3 2.25 -0.64 38.96
N GLY C 4 2.61 0.65 38.92
CA GLY C 4 2.11 1.51 37.85
C GLY C 4 2.66 1.13 36.48
N VAL C 5 3.95 0.83 36.41
CA VAL C 5 4.55 0.43 35.14
C VAL C 5 4.01 -0.93 34.68
N ILE C 6 3.80 -1.84 35.64
CA ILE C 6 3.22 -3.15 35.31
C ILE C 6 1.80 -2.98 34.77
N THR C 7 1.00 -2.12 35.41
CA THR C 7 -0.35 -1.86 34.94
C THR C 7 -0.35 -1.21 33.56
N GLY C 8 0.58 -0.28 33.33
CA GLY C 8 0.67 0.35 32.02
C GLY C 8 1.05 -0.62 30.92
N VAL C 9 2.05 -1.47 31.17
CA VAL C 9 2.47 -2.46 30.18
C VAL C 9 1.35 -3.47 29.93
N LEU C 10 0.64 -3.88 30.98
CA LEU C 10 -0.50 -4.79 30.82
C LEU C 10 -1.61 -4.16 29.99
N LEU C 11 -1.90 -2.88 30.23
CA LEU C 11 -2.92 -2.19 29.44
C LEU C 11 -2.51 -2.05 27.99
N VAL C 12 -1.23 -1.78 27.73
CA VAL C 12 -0.74 -1.65 26.37
C VAL C 12 -0.82 -3.00 25.64
N PHE C 13 -0.44 -4.09 26.32
CA PHE C 13 -0.56 -5.41 25.69
C PHE C 13 -2.01 -5.79 25.46
N LEU C 14 -2.92 -5.44 26.37
CA LEU C 14 -4.34 -5.73 26.15
C LEU C 14 -4.89 -4.94 24.97
N LEU C 15 -4.53 -3.66 24.86
CA LEU C 15 -4.95 -2.86 23.72
C LEU C 15 -4.39 -3.39 22.42
N LEU C 16 -3.11 -3.80 22.43
CA LEU C 16 -2.49 -4.35 21.24
C LEU C 16 -3.13 -5.67 20.83
N GLY C 17 -3.45 -6.53 21.80
CA GLY C 17 -4.12 -7.78 21.48
C GLY C 17 -5.51 -7.57 20.92
N TYR C 18 -6.26 -6.63 21.51
CA TYR C 18 -7.59 -6.30 20.99
C TYR C 18 -7.50 -5.73 19.57
N LEU C 19 -6.52 -4.87 19.31
CA LEU C 19 -6.40 -4.26 18.00
C LEU C 19 -5.93 -5.28 16.95
N VAL C 20 -5.05 -6.20 17.33
CA VAL C 20 -4.62 -7.24 16.39
C VAL C 20 -5.76 -8.20 16.10
N TYR C 21 -6.57 -8.52 17.12
CA TYR C 21 -7.76 -9.33 16.90
C TYR C 21 -8.75 -8.63 15.98
N ALA C 22 -8.92 -7.31 16.16
CA ALA C 22 -9.83 -6.55 15.31
C ALA C 22 -9.31 -6.48 13.87
N LEU C 23 -7.99 -6.39 13.69
CA LEU C 23 -7.43 -6.36 12.35
C LEU C 23 -7.56 -7.72 11.67
N ILE C 24 -7.40 -8.80 12.43
CA ILE C 24 -7.54 -10.13 11.86
C ILE C 24 -8.99 -10.42 11.50
N ASN C 25 -9.93 -10.03 12.35
CA ASN C 25 -11.35 -10.32 12.12
C ASN C 25 -12.00 -9.24 11.27
N ALA C 26 -13.21 -9.56 10.80
CA ALA C 26 -14.03 -8.68 9.97
C ALA C 26 -15.25 -8.15 10.72
N GLU C 27 -15.04 -7.71 11.96
CA GLU C 27 -16.08 -7.23 12.87
C GLU C 27 -17.04 -6.20 12.27
N MET D 1 -36.81 8.34 -1.93
CA MET D 1 -37.92 8.89 -2.70
C MET D 1 -37.71 10.38 -2.97
N SER D 2 -38.08 10.81 -4.17
CA SER D 2 -37.93 12.21 -4.54
C SER D 2 -38.99 13.08 -3.88
N ARG D 3 -40.26 12.80 -4.15
CA ARG D 3 -41.33 13.51 -3.49
C ARG D 3 -41.45 13.03 -2.04
N LYS D 4 -42.15 13.84 -1.23
CA LYS D 4 -42.07 13.79 0.24
C LYS D 4 -40.59 13.87 0.65
N GLN D 5 -39.94 14.92 0.19
CA GLN D 5 -38.48 15.00 0.22
C GLN D 5 -37.96 15.15 1.64
N LEU D 6 -36.81 14.53 1.90
CA LEU D 6 -36.12 14.65 3.17
C LEU D 6 -35.71 16.10 3.41
N ALA D 7 -35.77 16.51 4.68
CA ALA D 7 -35.42 17.85 5.09
C ALA D 7 -33.90 18.00 5.22
N LEU D 8 -33.46 19.08 5.85
CA LEU D 8 -32.05 19.32 6.08
C LEU D 8 -31.48 18.27 7.04
N PHE D 9 -30.15 18.16 7.06
CA PHE D 9 -29.48 17.22 7.97
C PHE D 9 -29.76 17.54 9.42
N GLU D 10 -30.00 18.82 9.73
CA GLU D 10 -30.29 19.27 11.10
C GLU D 10 -31.60 20.07 11.11
N PRO D 11 -32.74 19.40 11.21
CA PRO D 11 -34.02 20.10 11.38
C PRO D 11 -34.36 20.46 12.81
N THR D 12 -33.40 20.40 13.73
CA THR D 12 -33.51 20.79 15.15
C THR D 12 -34.56 20.00 15.92
N LEU D 13 -34.98 18.84 15.40
CA LEU D 13 -35.80 17.90 16.17
C LEU D 13 -35.12 16.55 16.30
N VAL D 14 -34.67 15.97 15.18
CA VAL D 14 -33.95 14.72 15.25
C VAL D 14 -32.58 14.91 15.85
N VAL D 15 -32.07 16.15 15.89
CA VAL D 15 -30.80 16.41 16.58
C VAL D 15 -30.92 16.05 18.06
N GLN D 16 -31.97 16.54 18.72
CA GLN D 16 -32.22 16.17 20.11
C GLN D 16 -32.61 14.70 20.22
N ALA D 17 -33.52 14.25 19.35
CA ALA D 17 -34.05 12.89 19.41
C ALA D 17 -33.00 11.83 19.13
N LEU D 18 -31.86 12.20 18.56
CA LEU D 18 -30.74 11.29 18.35
C LEU D 18 -29.58 11.51 19.30
N LYS D 19 -29.35 12.74 19.78
CA LYS D 19 -28.36 12.96 20.83
C LYS D 19 -28.77 12.26 22.11
N GLU D 20 -30.09 12.11 22.33
CA GLU D 20 -30.55 11.27 23.44
C GLU D 20 -30.07 9.82 23.28
N ALA D 21 -30.02 9.31 22.05
CA ALA D 21 -29.48 7.98 21.81
C ALA D 21 -27.95 7.97 21.86
N VAL D 22 -27.32 9.10 21.52
CA VAL D 22 -25.87 9.22 21.57
C VAL D 22 -25.38 9.08 23.01
N LYS D 23 -26.12 9.70 23.94
CA LYS D 23 -25.84 9.50 25.36
C LYS D 23 -25.99 8.04 25.79
N LYS D 24 -26.71 7.22 25.03
CA LYS D 24 -26.81 5.79 25.28
C LYS D 24 -25.86 4.96 24.41
N LEU D 25 -25.07 5.60 23.55
CA LEU D 25 -24.00 4.91 22.83
C LEU D 25 -22.67 4.98 23.55
N ASN D 26 -22.60 5.72 24.66
CA ASN D 26 -21.46 5.81 25.55
C ASN D 26 -20.95 4.50 26.20
N PRO D 27 -21.80 3.56 26.66
CA PRO D 27 -21.24 2.41 27.38
C PRO D 27 -20.45 1.46 26.48
N GLN D 28 -20.02 0.35 27.08
CA GLN D 28 -18.99 -0.52 26.54
C GLN D 28 -19.40 -1.27 25.28
N ALA D 29 -20.59 -1.01 24.72
CA ALA D 29 -20.97 -1.62 23.45
C ALA D 29 -20.45 -0.82 22.27
N GLN D 30 -19.16 -0.48 22.30
CA GLN D 30 -18.44 0.07 21.15
C GLN D 30 -17.32 -0.87 20.71
N TRP D 31 -17.47 -2.16 20.98
CA TRP D 31 -16.43 -3.15 20.69
C TRP D 31 -16.22 -3.33 19.19
N ARG D 32 -17.19 -2.96 18.36
CA ARG D 32 -17.09 -3.11 16.92
C ARG D 32 -16.37 -1.97 16.24
N ASN D 33 -16.10 -0.88 16.96
CA ASN D 33 -15.31 0.24 16.42
C ASN D 33 -14.01 0.33 17.21
N PRO D 34 -12.89 -0.15 16.67
CA PRO D 34 -11.65 -0.18 17.47
C PRO D 34 -11.04 1.19 17.68
N VAL D 35 -11.09 2.06 16.68
CA VAL D 35 -10.53 3.40 16.80
C VAL D 35 -11.28 4.20 17.87
N MET D 36 -12.61 4.10 17.89
CA MET D 36 -13.37 4.78 18.91
C MET D 36 -13.30 4.08 20.26
N PHE D 37 -13.08 2.76 20.28
CA PHE D 37 -12.90 2.08 21.56
C PHE D 37 -11.59 2.47 22.22
N ILE D 38 -10.55 2.74 21.42
CA ILE D 38 -9.29 3.24 21.97
C ILE D 38 -9.51 4.59 22.62
N VAL D 39 -10.28 5.48 21.98
CA VAL D 39 -10.58 6.78 22.55
C VAL D 39 -11.42 6.63 23.81
N TRP D 40 -12.36 5.68 23.82
CA TRP D 40 -13.21 5.45 24.99
C TRP D 40 -12.38 4.96 26.18
N ILE D 41 -11.47 4.02 25.96
CA ILE D 41 -10.63 3.51 27.03
C ILE D 41 -9.67 4.60 27.51
N GLY D 42 -9.12 5.39 26.60
CA GLY D 42 -8.27 6.50 27.01
C GLY D 42 -9.01 7.55 27.79
N SER D 43 -10.27 7.82 27.43
CA SER D 43 -11.08 8.78 28.15
C SER D 43 -11.44 8.28 29.54
N LEU D 44 -11.76 6.99 29.67
CA LEU D 44 -12.03 6.40 30.98
C LEU D 44 -10.78 6.42 31.85
N LEU D 45 -9.62 6.13 31.26
CA LEU D 45 -8.36 6.18 31.98
C LEU D 45 -8.04 7.59 32.46
N THR D 46 -8.27 8.60 31.61
CA THR D 46 -8.01 9.97 32.00
C THR D 46 -9.01 10.44 33.07
N THR D 47 -10.26 9.97 33.00
CA THR D 47 -11.24 10.29 34.03
C THR D 47 -10.83 9.68 35.37
N CYS D 48 -10.38 8.44 35.37
CA CYS D 48 -9.92 7.79 36.60
C CYS D 48 -8.68 8.49 37.15
N ILE D 49 -7.79 8.92 36.26
CA ILE D 49 -6.58 9.64 36.67
C ILE D 49 -6.93 10.99 37.28
N SER D 50 -7.89 11.70 36.69
CA SER D 50 -8.33 12.98 37.25
C SER D 50 -9.04 12.79 38.59
N ILE D 51 -9.80 11.71 38.74
CA ILE D 51 -10.43 11.40 40.03
C ILE D 51 -9.36 11.08 41.06
N ALA D 52 -8.31 10.37 40.66
CA ALA D 52 -7.20 10.07 41.58
C ALA D 52 -6.48 11.33 42.02
N MET D 53 -6.25 12.27 41.10
CA MET D 53 -5.65 13.55 41.48
C MET D 53 -6.57 14.37 42.37
N ALA D 54 -7.88 14.31 42.13
CA ALA D 54 -8.83 15.03 42.97
C ALA D 54 -8.90 14.46 44.37
N SER D 55 -8.77 13.14 44.51
CA SER D 55 -8.83 12.49 45.82
C SER D 55 -7.47 12.35 46.48
N GLY D 56 -6.39 12.70 45.79
CA GLY D 56 -5.06 12.62 46.38
C GLY D 56 -4.18 11.59 45.70
N ALA D 57 -3.26 12.05 44.86
CA ALA D 57 -2.34 11.17 44.15
C ALA D 57 -0.99 11.87 44.04
N MET D 58 -0.04 11.18 43.41
CA MET D 58 1.31 11.72 43.26
C MET D 58 1.39 12.99 42.40
N PRO D 59 0.82 13.07 41.19
CA PRO D 59 0.96 14.32 40.41
C PRO D 59 -0.07 15.35 40.83
N GLY D 60 -0.04 16.49 40.14
CA GLY D 60 -0.99 17.55 40.37
C GLY D 60 -1.74 17.95 39.11
N ASN D 61 -2.34 19.14 39.12
CA ASN D 61 -3.16 19.66 38.03
C ASN D 61 -4.31 18.71 37.69
N ALA D 62 -5.22 18.57 38.65
CA ALA D 62 -6.43 17.78 38.42
C ALA D 62 -7.34 18.45 37.41
N LEU D 63 -7.27 19.79 37.31
CA LEU D 63 -8.11 20.51 36.35
C LEU D 63 -7.71 20.21 34.91
N PHE D 64 -6.40 20.11 34.65
CA PHE D 64 -5.93 19.80 33.31
C PHE D 64 -6.36 18.40 32.87
N SER D 65 -6.21 17.41 33.76
CA SER D 65 -6.65 16.05 33.45
C SER D 65 -8.16 15.99 33.30
N ALA D 66 -8.90 16.74 34.12
CA ALA D 66 -10.36 16.78 34.02
C ALA D 66 -10.80 17.37 32.68
N ALA D 67 -10.14 18.45 32.24
CA ALA D 67 -10.48 19.06 30.96
C ALA D 67 -10.13 18.14 29.80
N ILE D 68 -8.99 17.44 29.88
CA ILE D 68 -8.61 16.50 28.83
C ILE D 68 -9.61 15.35 28.76
N SER D 69 -9.99 14.81 29.92
CA SER D 69 -10.97 13.71 29.96
C SER D 69 -12.33 14.16 29.44
N GLY D 70 -12.76 15.37 29.83
CA GLY D 70 -14.03 15.88 29.35
C GLY D 70 -14.04 16.09 27.85
N TRP D 71 -12.94 16.57 27.29
CA TRP D 71 -12.90 16.78 25.84
C TRP D 71 -12.74 15.45 25.09
N LEU D 72 -12.11 14.45 25.69
CA LEU D 72 -12.10 13.12 25.06
C LEU D 72 -13.50 12.50 25.07
N TRP D 73 -14.23 12.68 26.18
CA TRP D 73 -15.63 12.25 26.21
C TRP D 73 -16.45 12.99 25.16
N ILE D 74 -16.19 14.29 25.00
CA ILE D 74 -16.89 15.08 24.00
C ILE D 74 -16.56 14.60 22.59
N THR D 75 -15.32 14.17 22.37
CA THR D 75 -14.94 13.55 21.10
C THR D 75 -15.73 12.28 20.84
N VAL D 76 -15.88 11.43 21.87
CA VAL D 76 -16.66 10.20 21.73
C VAL D 76 -18.12 10.52 21.45
N LEU D 77 -18.68 11.50 22.16
CA LEU D 77 -20.06 11.94 21.92
C LEU D 77 -20.25 12.47 20.50
N PHE D 78 -19.29 13.23 19.97
CA PHE D 78 -19.41 13.74 18.61
C PHE D 78 -19.32 12.64 17.56
N ALA D 79 -18.39 11.70 17.75
CA ALA D 79 -18.24 10.62 16.77
C ALA D 79 -19.42 9.66 16.82
N ASN D 80 -20.05 9.49 17.99
CA ASN D 80 -21.31 8.76 18.04
C ASN D 80 -22.47 9.59 17.51
N PHE D 81 -22.36 10.92 17.61
CA PHE D 81 -23.42 11.81 17.15
C PHE D 81 -23.56 11.77 15.63
N ALA D 82 -22.44 11.73 14.92
CA ALA D 82 -22.51 11.62 13.46
C ALA D 82 -23.17 10.31 13.03
N GLU D 83 -22.78 9.20 13.66
CA GLU D 83 -23.36 7.90 13.33
C GLU D 83 -24.84 7.86 13.64
N ALA D 84 -25.24 8.37 14.81
CA ALA D 84 -26.65 8.34 15.18
C ALA D 84 -27.47 9.31 14.36
N LEU D 85 -26.87 10.42 13.91
CA LEU D 85 -27.58 11.34 13.03
C LEU D 85 -27.86 10.70 11.68
N ALA D 86 -26.87 10.02 11.10
CA ALA D 86 -27.10 9.30 9.85
C ALA D 86 -28.12 8.18 10.03
N GLU D 87 -28.00 7.42 11.13
CA GLU D 87 -28.92 6.31 11.37
C GLU D 87 -30.34 6.81 11.60
N GLY D 88 -30.50 7.95 12.28
CA GLY D 88 -31.83 8.47 12.52
C GLY D 88 -32.44 9.14 11.30
N ARG D 89 -31.61 9.68 10.41
CA ARG D 89 -32.13 10.11 9.11
C ARG D 89 -32.64 8.92 8.31
N SER D 90 -31.91 7.81 8.36
CA SER D 90 -32.38 6.58 7.72
C SER D 90 -33.66 6.08 8.37
N LYS D 91 -33.76 6.14 9.70
CA LYS D 91 -34.98 5.74 10.38
C LYS D 91 -36.15 6.68 10.09
N ALA D 92 -35.85 7.97 9.86
CA ALA D 92 -36.89 8.91 9.45
C ALA D 92 -37.44 8.55 8.07
N GLN D 93 -36.56 8.18 7.13
CA GLN D 93 -37.03 7.69 5.85
C GLN D 93 -37.80 6.38 5.99
N ALA D 94 -37.34 5.50 6.89
CA ALA D 94 -38.03 4.23 7.12
C ALA D 94 -39.42 4.44 7.69
N ASN D 95 -39.58 5.39 8.61
CA ASN D 95 -40.90 5.71 9.14
C ASN D 95 -41.76 6.42 8.11
N SER D 96 -41.13 7.18 7.20
CA SER D 96 -41.89 7.80 6.10
C SER D 96 -42.47 6.75 5.16
N LEU D 97 -41.70 5.72 4.84
CA LEU D 97 -42.19 4.66 3.96
C LEU D 97 -42.74 3.45 4.71
N LYS D 98 -42.91 3.57 6.03
CA LYS D 98 -43.39 2.45 6.84
C LYS D 98 -44.90 2.44 7.04
N GLY D 99 -45.57 3.58 6.83
CA GLY D 99 -47.00 3.67 6.99
C GLY D 99 -47.82 3.17 5.82
N VAL D 100 -47.18 2.54 4.83
CA VAL D 100 -47.88 2.05 3.64
C VAL D 100 -48.81 0.88 3.97
N LYS D 101 -48.49 0.10 5.00
CA LYS D 101 -49.35 -1.01 5.40
C LYS D 101 -50.62 -0.49 6.06
N LYS D 102 -51.68 -0.27 5.27
CA LYS D 102 -52.90 0.35 5.76
C LYS D 102 -54.10 -0.59 5.71
N THR D 103 -54.37 -1.19 4.56
CA THR D 103 -55.65 -1.85 4.34
C THR D 103 -55.76 -3.17 5.08
N ALA D 104 -57.00 -3.55 5.38
CA ALA D 104 -57.33 -4.85 5.95
C ALA D 104 -58.45 -5.54 5.18
N PHE D 105 -58.58 -5.24 3.89
CA PHE D 105 -59.64 -5.77 3.05
C PHE D 105 -59.04 -6.37 1.79
N ALA D 106 -59.47 -7.58 1.44
CA ALA D 106 -59.01 -8.25 0.23
C ALA D 106 -60.03 -9.29 -0.17
N ARG D 107 -60.52 -9.21 -1.40
CA ARG D 107 -61.50 -10.18 -1.89
C ARG D 107 -60.83 -11.51 -2.21
N LYS D 108 -61.60 -12.59 -2.04
CA LYS D 108 -61.13 -13.96 -2.29
C LYS D 108 -61.99 -14.57 -3.38
N LEU D 109 -61.60 -14.38 -4.63
CA LEU D 109 -62.32 -14.96 -5.76
C LEU D 109 -61.80 -16.36 -6.04
N ARG D 110 -62.73 -17.28 -6.33
CA ARG D 110 -62.33 -18.65 -6.62
C ARG D 110 -61.76 -18.80 -8.02
N GLU D 111 -62.26 -18.02 -8.98
CA GLU D 111 -61.78 -18.03 -10.35
C GLU D 111 -61.53 -16.59 -10.79
N PRO D 112 -60.56 -16.35 -11.67
CA PRO D 112 -60.34 -14.99 -12.16
C PRO D 112 -61.42 -14.57 -13.15
N LYS D 113 -62.35 -13.72 -12.70
CA LYS D 113 -63.45 -13.23 -13.52
C LYS D 113 -63.59 -11.74 -13.27
N TYR D 114 -64.70 -11.17 -13.77
CA TYR D 114 -65.10 -9.84 -13.33
C TYR D 114 -65.46 -9.86 -11.84
N GLY D 115 -66.14 -10.91 -11.40
CA GLY D 115 -66.39 -11.15 -10.00
C GLY D 115 -66.95 -12.54 -9.76
N ALA D 116 -66.32 -13.28 -8.85
CA ALA D 116 -66.73 -14.65 -8.54
C ALA D 116 -67.18 -14.82 -7.10
N ALA D 117 -66.36 -14.38 -6.14
CA ALA D 117 -66.68 -14.49 -4.71
C ALA D 117 -66.06 -13.30 -4.01
N ALA D 118 -66.92 -12.44 -3.46
CA ALA D 118 -66.45 -11.25 -2.74
C ALA D 118 -66.25 -11.55 -1.26
N ASP D 119 -65.43 -12.56 -0.96
CA ASP D 119 -65.16 -12.95 0.42
C ASP D 119 -64.01 -12.09 0.93
N LYS D 120 -64.32 -11.15 1.82
CA LYS D 120 -63.32 -10.23 2.31
C LYS D 120 -62.42 -10.90 3.34
N VAL D 121 -61.12 -10.60 3.26
CA VAL D 121 -60.14 -11.12 4.21
C VAL D 121 -59.20 -10.00 4.60
N PRO D 122 -58.64 -10.06 5.82
CA PRO D 122 -57.54 -9.15 6.17
C PRO D 122 -56.36 -9.32 5.23
N ALA D 123 -55.71 -8.19 4.93
CA ALA D 123 -54.63 -8.19 3.95
C ALA D 123 -53.39 -8.93 4.46
N ASP D 124 -53.23 -9.01 5.78
CA ASP D 124 -52.11 -9.76 6.35
C ASP D 124 -52.28 -11.26 6.19
N GLN D 125 -53.51 -11.73 5.93
CA GLN D 125 -53.76 -13.15 5.73
C GLN D 125 -53.47 -13.61 4.31
N LEU D 126 -53.14 -12.70 3.40
CA LEU D 126 -52.89 -13.07 2.02
C LEU D 126 -51.56 -13.81 1.90
N ARG D 127 -51.59 -14.95 1.20
CA ARG D 127 -50.41 -15.76 0.96
C ARG D 127 -50.27 -15.99 -0.53
N LYS D 128 -49.17 -16.64 -0.92
CA LYS D 128 -48.93 -16.92 -2.33
C LYS D 128 -49.91 -17.95 -2.85
N GLY D 129 -50.41 -17.71 -4.07
CA GLY D 129 -51.41 -18.57 -4.68
C GLY D 129 -52.83 -18.06 -4.61
N ASP D 130 -53.05 -16.89 -4.00
CA ASP D 130 -54.37 -16.30 -3.89
C ASP D 130 -54.55 -15.20 -4.92
N ILE D 131 -55.81 -14.86 -5.20
CA ILE D 131 -56.14 -13.76 -6.09
C ILE D 131 -57.09 -12.82 -5.36
N VAL D 132 -57.05 -11.55 -5.74
CA VAL D 132 -57.91 -10.51 -5.18
C VAL D 132 -58.53 -9.71 -6.33
N LEU D 133 -59.44 -8.81 -5.98
CA LEU D 133 -60.07 -7.92 -6.95
C LEU D 133 -60.04 -6.50 -6.38
N VAL D 134 -59.36 -5.60 -7.09
CA VAL D 134 -59.33 -4.20 -6.70
C VAL D 134 -60.20 -3.41 -7.69
N GLU D 135 -61.03 -2.52 -7.15
CA GLU D 135 -61.93 -1.72 -7.98
C GLU D 135 -61.23 -0.42 -8.36
N ALA D 136 -61.95 0.45 -9.08
CA ALA D 136 -61.40 1.74 -9.51
C ALA D 136 -61.48 2.71 -8.33
N GLY D 137 -60.35 2.89 -7.66
CA GLY D 137 -60.28 3.78 -6.51
C GLY D 137 -59.70 3.13 -5.28
N ASP D 138 -59.80 1.80 -5.20
CA ASP D 138 -59.27 1.07 -4.05
C ASP D 138 -57.75 0.99 -4.15
N ILE D 139 -57.14 0.62 -3.02
CA ILE D 139 -55.69 0.46 -2.95
C ILE D 139 -55.34 -1.02 -3.00
N ILE D 140 -54.09 -1.30 -3.29
CA ILE D 140 -53.63 -2.67 -3.52
C ILE D 140 -53.16 -3.29 -2.21
N PRO D 141 -53.70 -4.44 -1.82
CA PRO D 141 -53.32 -5.06 -0.54
C PRO D 141 -52.14 -6.00 -0.58
N CYS D 142 -51.55 -6.26 -1.76
CA CYS D 142 -50.44 -7.19 -1.87
C CYS D 142 -49.61 -6.84 -3.10
N ASP D 143 -48.49 -7.54 -3.26
CA ASP D 143 -47.60 -7.37 -4.40
C ASP D 143 -47.63 -8.65 -5.23
N GLY D 144 -47.91 -8.52 -6.52
CA GLY D 144 -47.94 -9.68 -7.39
C GLY D 144 -48.24 -9.30 -8.82
N GLU D 145 -48.38 -10.32 -9.65
CA GLU D 145 -48.64 -10.12 -11.07
C GLU D 145 -50.13 -9.98 -11.33
N VAL D 146 -50.45 -9.42 -12.50
CA VAL D 146 -51.85 -9.27 -12.92
C VAL D 146 -52.23 -10.43 -13.81
N ILE D 147 -53.34 -11.08 -13.50
CA ILE D 147 -53.81 -12.21 -14.29
C ILE D 147 -54.68 -11.76 -15.46
N GLU D 148 -55.75 -11.03 -15.19
CA GLU D 148 -56.67 -10.59 -16.24
C GLU D 148 -57.00 -9.12 -16.05
N GLY D 149 -57.20 -8.44 -17.18
CA GLY D 149 -57.63 -7.05 -17.16
C GLY D 149 -56.49 -6.06 -17.03
N GLY D 150 -56.73 -4.82 -17.46
CA GLY D 150 -55.76 -3.75 -17.32
C GLY D 150 -56.40 -2.52 -16.68
N ALA D 151 -55.56 -1.75 -16.00
CA ALA D 151 -56.03 -0.57 -15.28
C ALA D 151 -54.87 0.39 -15.08
N SER D 152 -55.16 1.68 -15.15
CA SER D 152 -54.16 2.70 -14.83
C SER D 152 -53.95 2.74 -13.32
N VAL D 153 -52.68 2.70 -12.91
CA VAL D 153 -52.32 2.59 -11.50
C VAL D 153 -51.49 3.80 -11.11
N ASP D 154 -51.86 4.46 -10.01
CA ASP D 154 -51.13 5.61 -9.48
C ASP D 154 -50.18 5.10 -8.41
N GLU D 155 -48.89 5.05 -8.73
CA GLU D 155 -47.86 4.59 -7.82
C GLU D 155 -47.20 5.74 -7.06
N SER D 156 -47.95 6.80 -6.76
CA SER D 156 -47.38 7.97 -6.09
C SER D 156 -46.96 7.66 -4.67
N ALA D 157 -47.74 6.84 -3.95
CA ALA D 157 -47.46 6.57 -2.54
C ALA D 157 -46.17 5.79 -2.35
N ILE D 158 -45.67 5.12 -3.38
CA ILE D 158 -44.43 4.37 -3.32
C ILE D 158 -43.29 5.11 -4.03
N THR D 159 -43.50 5.50 -5.29
CA THR D 159 -42.41 6.07 -6.06
C THR D 159 -42.35 7.59 -5.97
N GLY D 160 -43.49 8.26 -5.79
CA GLY D 160 -43.55 9.70 -5.88
C GLY D 160 -44.02 10.22 -7.22
N GLU D 161 -44.22 9.35 -8.20
CA GLU D 161 -44.66 9.77 -9.53
C GLU D 161 -46.13 10.16 -9.48
N ALA D 162 -46.42 11.43 -9.77
CA ALA D 162 -47.81 11.87 -9.87
C ALA D 162 -48.47 11.33 -11.12
N ALA D 163 -47.70 11.06 -12.16
CA ALA D 163 -48.23 10.47 -13.38
C ALA D 163 -48.56 9.00 -13.15
N PRO D 164 -49.78 8.56 -13.47
CA PRO D 164 -50.13 7.15 -13.26
C PRO D 164 -49.35 6.22 -14.19
N VAL D 165 -49.14 5.00 -13.71
CA VAL D 165 -48.43 3.97 -14.45
C VAL D 165 -49.44 2.92 -14.90
N ILE D 166 -49.44 2.63 -16.20
CA ILE D 166 -50.38 1.68 -16.78
C ILE D 166 -49.95 0.26 -16.44
N ARG D 167 -50.89 -0.55 -15.95
CA ARG D 167 -50.67 -1.96 -15.70
C ARG D 167 -51.69 -2.75 -16.50
N GLU D 168 -51.22 -3.73 -17.27
CA GLU D 168 -52.06 -4.49 -18.16
C GLU D 168 -51.70 -5.96 -18.04
N SER D 169 -52.72 -6.83 -18.14
CA SER D 169 -52.50 -8.26 -18.03
C SER D 169 -51.63 -8.78 -19.15
N GLY D 170 -50.66 -9.61 -18.79
CA GLY D 170 -49.71 -10.15 -19.75
C GLY D 170 -48.58 -9.18 -20.06
N GLY D 171 -47.59 -9.69 -20.78
CA GLY D 171 -46.46 -8.86 -21.16
C GLY D 171 -45.55 -8.55 -19.98
N ASP D 172 -44.86 -7.41 -20.09
CA ASP D 172 -43.92 -6.97 -19.07
C ASP D 172 -44.49 -5.87 -18.17
N PHE D 173 -45.79 -5.58 -18.29
CA PHE D 173 -46.45 -4.57 -17.49
C PHE D 173 -47.52 -5.19 -16.60
N ALA D 174 -47.19 -6.32 -15.98
CA ALA D 174 -48.15 -7.08 -15.18
C ALA D 174 -47.88 -7.01 -13.68
N SER D 175 -46.66 -6.72 -13.26
CA SER D 175 -46.35 -6.66 -11.84
C SER D 175 -46.89 -5.38 -11.22
N VAL D 176 -47.56 -5.52 -10.08
CA VAL D 176 -48.12 -4.40 -9.35
C VAL D 176 -47.73 -4.54 -7.88
N THR D 177 -47.60 -3.41 -7.20
CA THR D 177 -47.20 -3.39 -5.80
C THR D 177 -48.25 -2.70 -4.94
N GLY D 178 -48.23 -3.02 -3.65
CA GLY D 178 -49.22 -2.50 -2.73
C GLY D 178 -48.99 -1.04 -2.37
N GLY D 179 -50.05 -0.41 -1.86
CA GLY D 179 -50.01 0.98 -1.46
C GLY D 179 -50.44 1.91 -2.59
N THR D 180 -50.35 1.43 -3.81
CA THR D 180 -50.75 2.21 -4.97
C THR D 180 -52.26 2.18 -5.15
N ARG D 181 -52.77 3.12 -5.94
CA ARG D 181 -54.21 3.32 -6.11
C ARG D 181 -54.61 3.10 -7.57
N ILE D 182 -55.67 2.33 -7.76
CA ILE D 182 -56.25 2.13 -9.08
C ILE D 182 -57.03 3.38 -9.48
N LEU D 183 -56.87 3.83 -10.73
CA LEU D 183 -57.54 5.02 -11.20
C LEU D 183 -58.47 4.81 -12.38
N SER D 184 -58.50 3.62 -12.99
CA SER D 184 -59.22 3.45 -14.25
C SER D 184 -60.44 2.53 -14.14
N ASP D 185 -60.25 1.27 -13.75
CA ASP D 185 -61.32 0.28 -13.85
C ASP D 185 -60.94 -0.94 -13.01
N TRP D 186 -61.70 -2.02 -13.18
CA TRP D 186 -61.49 -3.25 -12.42
C TRP D 186 -60.14 -3.88 -12.76
N LEU D 187 -59.60 -4.62 -11.80
CA LEU D 187 -58.30 -5.26 -11.99
C LEU D 187 -58.22 -6.50 -11.11
N VAL D 188 -57.83 -7.62 -11.70
CA VAL D 188 -57.61 -8.87 -10.98
C VAL D 188 -56.12 -9.14 -10.98
N ILE D 189 -55.53 -9.27 -9.80
CA ILE D 189 -54.10 -9.52 -9.65
C ILE D 189 -53.90 -10.80 -8.87
N GLU D 190 -52.70 -11.37 -8.95
CA GLU D 190 -52.32 -12.55 -8.19
C GLU D 190 -51.47 -12.13 -6.99
N CYS D 191 -51.46 -12.98 -5.97
CA CYS D 191 -50.66 -12.76 -4.76
C CYS D 191 -49.38 -13.57 -4.89
N SER D 192 -48.25 -12.88 -5.04
CA SER D 192 -46.97 -13.53 -5.24
C SER D 192 -45.99 -13.32 -4.10
N VAL D 193 -46.37 -12.58 -3.07
CA VAL D 193 -45.48 -12.32 -1.93
C VAL D 193 -46.08 -12.94 -0.68
N ASN D 194 -45.26 -13.64 0.09
CA ASN D 194 -45.66 -14.13 1.39
C ASN D 194 -45.49 -13.00 2.42
N PRO D 195 -46.18 -13.08 3.59
CA PRO D 195 -45.94 -12.09 4.65
C PRO D 195 -44.49 -12.07 5.13
N GLY D 196 -43.82 -10.95 4.92
CA GLY D 196 -42.44 -10.79 5.30
C GLY D 196 -41.46 -10.62 4.15
N GLU D 197 -41.90 -10.79 2.90
CA GLU D 197 -41.01 -10.58 1.75
C GLU D 197 -41.76 -9.77 0.68
N THR D 198 -42.28 -8.60 1.07
CA THR D 198 -42.89 -7.71 0.10
C THR D 198 -41.89 -6.61 -0.31
N PHE D 199 -42.32 -5.78 -1.25
CA PHE D 199 -41.44 -4.71 -1.74
C PHE D 199 -41.21 -3.65 -0.67
N LEU D 200 -42.22 -3.36 0.14
CA LEU D 200 -42.03 -2.45 1.26
C LEU D 200 -41.08 -3.04 2.29
N ASP D 201 -41.16 -4.36 2.49
CA ASP D 201 -40.21 -5.02 3.39
C ASP D 201 -38.80 -4.98 2.82
N ARG D 202 -38.64 -5.06 1.51
CA ARG D 202 -37.33 -4.88 0.89
C ARG D 202 -36.82 -3.46 1.09
N MET D 203 -37.72 -2.48 0.99
CA MET D 203 -37.35 -1.08 1.24
C MET D 203 -36.87 -0.88 2.68
N ILE D 204 -37.62 -1.42 3.64
CA ILE D 204 -37.27 -1.33 5.06
C ILE D 204 -35.98 -2.11 5.35
N ALA D 205 -35.77 -3.25 4.68
CA ALA D 205 -34.52 -3.98 4.86
C ALA D 205 -33.34 -3.21 4.29
N MET D 206 -33.55 -2.44 3.22
CA MET D 206 -32.48 -1.60 2.70
C MET D 206 -32.14 -0.47 3.66
N VAL D 207 -33.15 0.26 4.14
CA VAL D 207 -32.90 1.51 4.87
C VAL D 207 -32.70 1.30 6.36
N GLU D 208 -33.18 0.19 6.92
CA GLU D 208 -33.20 -0.06 8.36
C GLU D 208 -32.62 -1.46 8.62
N GLY D 209 -31.43 -1.69 8.08
CA GLY D 209 -30.70 -2.90 8.41
C GLY D 209 -30.12 -2.79 9.81
N ALA D 210 -30.67 -3.57 10.75
CA ALA D 210 -30.17 -3.54 12.12
C ALA D 210 -28.74 -4.05 12.19
N GLN D 211 -28.45 -5.16 11.51
CA GLN D 211 -27.08 -5.61 11.29
C GLN D 211 -26.71 -5.21 9.87
N ARG D 212 -26.35 -3.94 9.70
CA ARG D 212 -26.00 -3.44 8.38
C ARG D 212 -24.62 -3.97 7.97
N ARG D 213 -24.58 -4.67 6.85
CA ARG D 213 -23.34 -5.29 6.40
C ARG D 213 -22.34 -4.24 5.93
N LYS D 214 -21.07 -4.50 6.24
CA LYS D 214 -19.98 -3.62 5.84
C LYS D 214 -19.45 -4.08 4.48
N THR D 215 -19.25 -3.11 3.58
CA THR D 215 -18.70 -3.40 2.27
C THR D 215 -17.21 -3.77 2.40
N PRO D 216 -16.68 -4.53 1.43
CA PRO D 216 -15.25 -4.90 1.50
C PRO D 216 -14.30 -3.70 1.52
N ASN D 217 -14.63 -2.62 0.81
CA ASN D 217 -13.81 -1.41 0.88
C ASN D 217 -13.86 -0.80 2.27
N GLU D 218 -15.03 -0.82 2.90
CA GLU D 218 -15.16 -0.33 4.27
C GLU D 218 -14.35 -1.19 5.24
N ILE D 219 -14.38 -2.51 5.06
CA ILE D 219 -13.62 -3.40 5.94
C ILE D 219 -12.12 -3.21 5.76
N ALA D 220 -11.67 -3.04 4.51
CA ALA D 220 -10.25 -2.82 4.26
C ALA D 220 -9.78 -1.47 4.80
N LEU D 221 -10.62 -0.43 4.67
CA LEU D 221 -10.28 0.86 5.28
C LEU D 221 -10.25 0.75 6.80
N THR D 222 -11.16 -0.04 7.38
CA THR D 222 -11.15 -0.27 8.82
C THR D 222 -9.86 -0.97 9.23
N ILE D 223 -9.39 -1.91 8.41
CA ILE D 223 -8.12 -2.60 8.68
C ILE D 223 -6.96 -1.61 8.68
N LEU D 224 -6.94 -0.70 7.70
CA LEU D 224 -5.87 0.29 7.65
C LEU D 224 -5.94 1.27 8.83
N LEU D 225 -7.16 1.66 9.23
CA LEU D 225 -7.31 2.52 10.41
C LEU D 225 -6.85 1.81 11.67
N ILE D 226 -7.11 0.51 11.78
CA ILE D 226 -6.63 -0.26 12.92
C ILE D 226 -5.11 -0.33 12.93
N ALA D 227 -4.50 -0.51 11.75
CA ALA D 227 -3.03 -0.53 11.66
C ALA D 227 -2.42 0.81 12.06
N LEU D 228 -3.03 1.91 11.63
CA LEU D 228 -2.58 3.22 12.04
C LEU D 228 -2.76 3.44 13.54
N THR D 229 -3.87 2.93 14.09
CA THR D 229 -4.08 2.98 15.53
C THR D 229 -3.00 2.20 16.27
N ILE D 230 -2.58 1.06 15.72
CA ILE D 230 -1.56 0.24 16.36
C ILE D 230 -0.21 0.96 16.37
N VAL D 231 0.19 1.52 15.22
CA VAL D 231 1.50 2.18 15.17
C VAL D 231 1.50 3.44 16.03
N PHE D 232 0.39 4.18 16.06
CA PHE D 232 0.35 5.37 16.90
C PHE D 232 0.27 5.01 18.38
N LEU D 233 -0.43 3.92 18.72
CA LEU D 233 -0.48 3.47 20.10
C LEU D 233 0.89 3.01 20.59
N LEU D 234 1.65 2.32 19.74
CA LEU D 234 2.99 1.90 20.13
C LEU D 234 3.94 3.09 20.24
N ALA D 235 3.91 3.99 19.25
CA ALA D 235 4.77 5.16 19.28
C ALA D 235 4.43 6.12 20.41
N THR D 236 3.20 6.07 20.92
CA THR D 236 2.79 6.89 22.06
C THR D 236 3.09 6.21 23.39
N ALA D 237 2.82 4.91 23.49
CA ALA D 237 3.03 4.19 24.74
C ALA D 237 4.50 3.96 25.04
N THR D 238 5.36 3.89 24.02
CA THR D 238 6.78 3.75 24.26
C THR D 238 7.46 5.08 24.58
N LEU D 239 6.71 6.18 24.57
CA LEU D 239 7.26 7.48 24.93
C LEU D 239 7.61 7.60 26.40
N TRP D 240 6.95 6.82 27.26
CA TRP D 240 7.18 6.92 28.70
C TRP D 240 8.56 6.41 29.14
N PRO D 241 9.06 5.24 28.70
CA PRO D 241 10.45 4.89 29.07
C PRO D 241 11.49 5.82 28.48
N PHE D 242 11.22 6.36 27.29
CA PHE D 242 12.18 7.26 26.65
C PHE D 242 12.30 8.55 27.45
N SER D 243 11.17 9.15 27.82
CA SER D 243 11.19 10.34 28.68
C SER D 243 11.68 10.01 30.08
N ALA D 244 11.47 8.77 30.55
CA ALA D 244 11.99 8.37 31.86
C ALA D 244 13.52 8.39 31.87
N TRP D 245 14.16 7.87 30.81
CA TRP D 245 15.60 8.04 30.69
C TRP D 245 16.00 9.49 30.47
N GLY D 246 15.19 10.25 29.74
CA GLY D 246 15.50 11.66 29.53
C GLY D 246 15.45 12.49 30.79
N GLY D 247 14.68 12.07 31.78
CA GLY D 247 14.53 12.82 33.01
C GLY D 247 13.22 12.51 33.69
N ASN D 248 12.42 13.52 33.99
CA ASN D 248 11.06 13.30 34.45
C ASN D 248 10.20 12.85 33.27
N ALA D 249 9.56 11.70 33.42
CA ALA D 249 8.78 11.14 32.34
C ALA D 249 7.51 11.95 32.11
N VAL D 250 6.96 11.82 30.90
CA VAL D 250 5.73 12.52 30.55
C VAL D 250 4.57 11.90 31.32
N SER D 251 3.58 12.74 31.66
CA SER D 251 2.43 12.27 32.40
C SER D 251 1.56 11.39 31.51
N VAL D 252 0.79 10.51 32.15
CA VAL D 252 -0.03 9.55 31.41
C VAL D 252 -1.17 10.25 30.68
N THR D 253 -1.74 11.31 31.27
CA THR D 253 -2.84 12.02 30.63
C THR D 253 -2.39 12.76 29.37
N VAL D 254 -1.16 13.30 29.36
CA VAL D 254 -0.63 13.93 28.16
C VAL D 254 -0.38 12.88 27.09
N LEU D 255 0.08 11.70 27.49
CA LEU D 255 0.25 10.60 26.54
C LEU D 255 -1.07 10.15 25.95
N VAL D 256 -2.12 10.08 26.76
CA VAL D 256 -3.44 9.68 26.27
C VAL D 256 -3.99 10.73 25.31
N ALA D 257 -3.77 12.02 25.64
CA ALA D 257 -4.20 13.10 24.74
C ALA D 257 -3.47 13.03 23.41
N LEU D 258 -2.16 12.75 23.43
CA LEU D 258 -1.41 12.59 22.19
C LEU D 258 -1.88 11.37 21.41
N LEU D 259 -2.21 10.29 22.12
CA LEU D 259 -2.69 9.07 21.46
C LEU D 259 -4.01 9.32 20.74
N VAL D 260 -4.92 10.04 21.38
CA VAL D 260 -6.19 10.36 20.72
C VAL D 260 -5.98 11.34 19.58
N CYS D 261 -5.08 12.32 19.75
CA CYS D 261 -4.81 13.28 18.69
C CYS D 261 -4.08 12.66 17.50
N LEU D 262 -3.45 11.49 17.68
CA LEU D 262 -2.69 10.88 16.60
C LEU D 262 -3.50 9.90 15.78
N ILE D 263 -4.29 9.03 16.42
CA ILE D 263 -5.03 7.98 15.73
C ILE D 263 -6.13 8.61 14.87
N PRO D 264 -6.53 7.99 13.74
CA PRO D 264 -7.54 8.61 12.89
C PRO D 264 -8.93 8.61 13.50
N THR D 265 -9.17 9.54 14.42
CA THR D 265 -10.47 9.63 15.06
C THR D 265 -11.54 10.15 14.11
N THR D 266 -11.14 10.99 13.15
CA THR D 266 -12.10 11.63 12.27
C THR D 266 -12.78 10.62 11.35
N ILE D 267 -12.01 9.94 10.50
CA ILE D 267 -12.58 8.94 9.61
C ILE D 267 -13.10 7.74 10.40
N GLY D 268 -12.43 7.40 11.49
CA GLY D 268 -12.89 6.31 12.35
C GLY D 268 -14.21 6.59 13.04
N GLY D 269 -14.59 7.86 13.19
CA GLY D 269 -15.88 8.19 13.73
C GLY D 269 -16.92 8.46 12.67
N LEU D 270 -16.50 8.89 11.49
CA LEU D 270 -17.44 9.23 10.43
C LEU D 270 -17.64 8.12 9.39
N LEU D 271 -17.00 6.96 9.56
CA LEU D 271 -17.12 5.90 8.55
C LEU D 271 -18.53 5.34 8.46
N SER D 272 -19.12 4.97 9.61
CA SER D 272 -20.47 4.43 9.62
C SER D 272 -21.49 5.48 9.20
N ALA D 273 -21.22 6.74 9.57
CA ALA D 273 -22.07 7.85 9.11
C ALA D 273 -22.02 7.98 7.60
N ILE D 274 -20.83 7.82 7.00
CA ILE D 274 -20.69 7.86 5.55
C ILE D 274 -21.51 6.75 4.90
N GLY D 275 -21.42 5.53 5.46
CA GLY D 275 -22.17 4.42 4.88
C GLY D 275 -23.68 4.59 4.97
N VAL D 276 -24.17 4.98 6.15
CA VAL D 276 -25.62 5.12 6.34
C VAL D 276 -26.15 6.31 5.54
N ALA D 277 -25.39 7.41 5.49
CA ALA D 277 -25.79 8.54 4.66
C ALA D 277 -25.74 8.19 3.19
N GLY D 278 -24.85 7.28 2.78
CA GLY D 278 -24.87 6.80 1.40
C GLY D 278 -26.12 6.00 1.08
N MET D 279 -26.56 5.14 2.01
CA MET D 279 -27.86 4.50 1.85
C MET D 279 -29.01 5.49 1.79
N SER D 280 -28.96 6.55 2.63
CA SER D 280 -30.03 7.54 2.63
C SER D 280 -30.06 8.33 1.31
N ARG D 281 -28.90 8.68 0.78
CA ARG D 281 -28.84 9.37 -0.50
C ARG D 281 -29.21 8.43 -1.64
N MET D 282 -28.91 7.14 -1.49
CA MET D 282 -29.24 6.16 -2.51
C MET D 282 -30.75 5.97 -2.62
N LEU D 283 -31.43 5.91 -1.48
CA LEU D 283 -32.89 5.82 -1.51
C LEU D 283 -33.50 7.15 -1.93
N GLY D 284 -32.85 8.27 -1.58
CA GLY D 284 -33.33 9.57 -1.99
C GLY D 284 -33.28 9.81 -3.49
N ALA D 285 -32.48 9.03 -4.22
CA ALA D 285 -32.48 9.04 -5.67
C ALA D 285 -33.39 7.98 -6.27
N ASN D 286 -34.39 7.52 -5.51
CA ASN D 286 -35.41 6.55 -5.89
C ASN D 286 -34.86 5.18 -6.28
N VAL D 287 -33.70 4.79 -5.78
CA VAL D 287 -33.20 3.44 -6.02
C VAL D 287 -33.31 2.62 -4.74
N ILE D 288 -33.89 1.44 -4.85
CA ILE D 288 -33.97 0.49 -3.74
C ILE D 288 -32.87 -0.54 -3.95
N ALA D 289 -31.71 -0.29 -3.33
CA ALA D 289 -30.52 -1.11 -3.52
C ALA D 289 -30.36 -2.04 -2.32
N THR D 290 -30.22 -3.34 -2.59
CA THR D 290 -30.12 -4.31 -1.51
C THR D 290 -28.80 -4.21 -0.77
N SER D 291 -27.69 -3.97 -1.50
CA SER D 291 -26.37 -4.07 -0.91
C SER D 291 -25.53 -2.84 -1.22
N GLY D 292 -24.97 -2.24 -0.17
CA GLY D 292 -23.96 -1.21 -0.35
C GLY D 292 -22.71 -1.71 -1.03
N ARG D 293 -22.43 -3.02 -0.92
CA ARG D 293 -21.38 -3.62 -1.73
C ARG D 293 -21.68 -3.49 -3.21
N ALA D 294 -22.94 -3.72 -3.61
CA ALA D 294 -23.33 -3.53 -4.99
C ALA D 294 -23.29 -2.06 -5.39
N VAL D 295 -23.69 -1.16 -4.48
CA VAL D 295 -23.65 0.27 -4.76
C VAL D 295 -22.21 0.73 -5.02
N GLU D 296 -21.27 0.27 -4.19
CA GLU D 296 -19.88 0.68 -4.36
C GLU D 296 -19.23 -0.03 -5.55
N ALA D 297 -19.67 -1.25 -5.86
CA ALA D 297 -19.14 -1.95 -7.02
C ALA D 297 -19.65 -1.33 -8.31
N ALA D 298 -20.77 -0.62 -8.26
CA ALA D 298 -21.26 0.09 -9.43
C ALA D 298 -20.39 1.29 -9.81
N GLY D 299 -19.45 1.70 -8.95
CA GLY D 299 -18.66 2.89 -9.21
C GLY D 299 -17.62 2.73 -10.29
N ASP D 300 -17.22 1.50 -10.62
CA ASP D 300 -16.21 1.24 -11.63
C ASP D 300 -16.81 0.66 -12.91
N VAL D 301 -18.10 0.92 -13.15
CA VAL D 301 -18.75 0.44 -14.36
C VAL D 301 -18.24 1.23 -15.56
N ASP D 302 -17.85 0.51 -16.61
CA ASP D 302 -17.40 1.12 -17.85
C ASP D 302 -18.32 0.88 -19.03
N VAL D 303 -19.16 -0.15 -18.98
CA VAL D 303 -20.13 -0.44 -20.04
C VAL D 303 -21.49 -0.62 -19.40
N LEU D 304 -22.50 0.08 -19.91
CA LEU D 304 -23.88 -0.05 -19.45
C LEU D 304 -24.72 -0.71 -20.54
N LEU D 305 -25.55 -1.67 -20.14
CA LEU D 305 -26.34 -2.49 -21.06
C LEU D 305 -27.79 -2.09 -20.88
N LEU D 306 -28.47 -1.76 -21.98
CA LEU D 306 -29.83 -1.25 -21.90
C LEU D 306 -30.78 -2.11 -22.73
N ASP D 307 -31.95 -2.42 -22.17
CA ASP D 307 -33.07 -2.89 -22.97
C ASP D 307 -33.69 -1.73 -23.72
N LYS D 308 -34.37 -2.04 -24.82
CA LYS D 308 -34.95 -1.01 -25.67
C LYS D 308 -36.46 -0.89 -25.51
N THR D 309 -37.18 -2.01 -25.52
CA THR D 309 -38.64 -1.96 -25.48
C THR D 309 -39.16 -1.48 -24.13
N GLY D 310 -38.65 -2.05 -23.04
CA GLY D 310 -39.19 -1.75 -21.73
C GLY D 310 -38.44 -0.70 -20.94
N THR D 311 -37.26 -0.31 -21.41
CA THR D 311 -36.41 0.61 -20.66
C THR D 311 -36.26 1.96 -21.34
N ILE D 312 -35.76 1.99 -22.58
CA ILE D 312 -35.57 3.27 -23.26
C ILE D 312 -36.90 3.80 -23.79
N THR D 313 -37.71 2.94 -24.38
CA THR D 313 -39.06 3.31 -24.78
C THR D 313 -40.02 2.96 -23.65
N LEU D 314 -41.19 3.62 -23.66
CA LEU D 314 -42.16 3.42 -22.59
C LEU D 314 -42.72 2.00 -22.59
N GLY D 315 -42.96 1.44 -23.76
CA GLY D 315 -43.44 0.07 -23.83
C GLY D 315 -44.92 -0.03 -24.13
N ASN D 316 -45.52 1.07 -24.61
CA ASN D 316 -46.90 1.03 -25.08
C ASN D 316 -46.99 0.45 -26.49
N ARG D 317 -46.29 1.07 -27.44
CA ARG D 317 -46.07 0.57 -28.80
C ARG D 317 -47.42 0.36 -29.52
N GLN D 318 -48.07 1.48 -29.81
CA GLN D 318 -49.32 1.46 -30.57
C GLN D 318 -49.06 1.04 -32.01
N ALA D 319 -50.03 0.33 -32.59
CA ALA D 319 -49.95 -0.18 -33.96
C ALA D 319 -50.52 0.85 -34.93
N SER D 320 -49.74 1.91 -35.15
CA SER D 320 -50.29 3.14 -35.72
C SER D 320 -50.80 2.97 -37.16
N GLU D 321 -50.05 2.28 -38.01
CA GLU D 321 -50.35 2.27 -39.44
C GLU D 321 -50.71 0.87 -39.93
N PHE D 322 -51.33 0.83 -41.10
CA PHE D 322 -51.62 -0.39 -41.83
C PHE D 322 -50.79 -0.42 -43.11
N ILE D 323 -50.20 -1.56 -43.41
CA ILE D 323 -49.36 -1.70 -44.62
C ILE D 323 -49.67 -3.03 -45.29
N PRO D 324 -50.38 -3.05 -46.42
CA PRO D 324 -50.60 -4.28 -47.16
C PRO D 324 -49.58 -4.51 -48.27
N ALA D 325 -49.45 -5.77 -48.68
CA ALA D 325 -48.53 -6.15 -49.73
C ALA D 325 -49.29 -6.36 -51.04
N GLN D 326 -48.58 -6.86 -52.06
CA GLN D 326 -49.20 -7.10 -53.36
C GLN D 326 -50.17 -8.27 -53.30
N GLY D 327 -51.33 -8.10 -53.93
CA GLY D 327 -52.36 -9.12 -53.89
C GLY D 327 -53.03 -9.27 -52.54
N VAL D 328 -52.91 -8.27 -51.68
CA VAL D 328 -53.42 -8.33 -50.31
C VAL D 328 -54.29 -7.11 -50.06
N ASP D 329 -55.50 -7.35 -49.52
CA ASP D 329 -56.41 -6.28 -49.16
C ASP D 329 -56.30 -5.99 -47.66
N GLU D 330 -56.64 -4.76 -47.29
CA GLU D 330 -56.56 -4.34 -45.90
C GLU D 330 -57.55 -5.10 -45.03
N LYS D 331 -58.68 -5.55 -45.59
CA LYS D 331 -59.58 -6.43 -44.86
C LYS D 331 -58.90 -7.74 -44.47
N THR D 332 -58.19 -8.35 -45.42
CA THR D 332 -57.48 -9.58 -45.12
C THR D 332 -56.35 -9.36 -44.12
N LEU D 333 -55.64 -8.23 -44.25
CA LEU D 333 -54.57 -7.90 -43.31
C LEU D 333 -55.11 -7.72 -41.90
N ALA D 334 -56.19 -6.96 -41.75
CA ALA D 334 -56.78 -6.70 -40.44
C ALA D 334 -57.38 -7.96 -39.85
N ASP D 335 -58.00 -8.81 -40.68
CA ASP D 335 -58.56 -10.06 -40.19
C ASP D 335 -57.46 -10.99 -39.70
N ALA D 336 -56.36 -11.11 -40.46
CA ALA D 336 -55.26 -11.96 -40.04
C ALA D 336 -54.63 -11.45 -38.75
N ALA D 337 -54.45 -10.12 -38.64
CA ALA D 337 -53.88 -9.55 -37.43
C ALA D 337 -54.81 -9.75 -36.23
N GLN D 338 -56.12 -9.60 -36.42
CA GLN D 338 -57.07 -9.73 -35.33
C GLN D 338 -57.16 -11.16 -34.83
N LEU D 339 -57.23 -12.13 -35.76
CA LEU D 339 -57.23 -13.54 -35.36
C LEU D 339 -55.92 -13.92 -34.68
N ALA D 340 -54.79 -13.42 -35.18
CA ALA D 340 -53.51 -13.71 -34.53
C ALA D 340 -53.40 -13.04 -33.17
N SER D 341 -54.13 -11.95 -32.95
CA SER D 341 -54.04 -11.19 -31.72
C SER D 341 -55.27 -11.31 -30.84
N LEU D 342 -56.10 -12.33 -31.03
CA LEU D 342 -57.23 -12.56 -30.14
C LEU D 342 -56.78 -12.85 -28.72
N ALA D 343 -56.08 -13.96 -28.52
CA ALA D 343 -55.72 -14.43 -27.18
C ALA D 343 -54.35 -13.91 -26.73
N ASP D 344 -53.70 -13.08 -27.52
CA ASP D 344 -52.42 -12.52 -27.12
C ASP D 344 -52.62 -11.50 -25.99
N GLU D 345 -51.84 -11.67 -24.93
CA GLU D 345 -51.90 -10.77 -23.79
C GLU D 345 -50.78 -9.74 -23.78
N THR D 346 -49.92 -9.74 -24.81
CA THR D 346 -48.90 -8.72 -24.91
C THR D 346 -49.54 -7.37 -25.21
N PRO D 347 -48.89 -6.27 -24.80
CA PRO D 347 -49.43 -4.93 -25.13
C PRO D 347 -49.57 -4.68 -26.61
N GLU D 348 -48.62 -5.17 -27.42
CA GLU D 348 -48.73 -5.05 -28.87
C GLU D 348 -49.92 -5.83 -29.40
N GLY D 349 -50.10 -7.06 -28.91
CA GLY D 349 -51.20 -7.89 -29.39
C GLY D 349 -52.55 -7.34 -29.00
N ARG D 350 -52.64 -6.72 -27.82
CA ARG D 350 -53.89 -6.06 -27.45
C ARG D 350 -54.13 -4.80 -28.28
N SER D 351 -53.06 -4.03 -28.53
CA SER D 351 -53.19 -2.79 -29.30
C SER D 351 -53.66 -3.08 -30.72
N ILE D 352 -53.18 -4.18 -31.31
CA ILE D 352 -53.57 -4.61 -32.65
C ILE D 352 -55.09 -4.64 -32.79
N VAL D 353 -55.75 -5.43 -31.94
CA VAL D 353 -57.20 -5.57 -32.06
C VAL D 353 -57.91 -4.28 -31.65
N ILE D 354 -57.49 -3.66 -30.53
CA ILE D 354 -58.27 -2.56 -29.98
C ILE D 354 -58.12 -1.27 -30.78
N LEU D 355 -57.22 -1.22 -31.76
CA LEU D 355 -57.34 -0.14 -32.72
C LEU D 355 -57.80 -0.61 -34.10
N ALA D 356 -57.50 -1.86 -34.49
CA ALA D 356 -57.80 -2.30 -35.84
C ALA D 356 -59.29 -2.50 -36.04
N LYS D 357 -60.00 -3.03 -35.03
CA LYS D 357 -61.43 -3.24 -35.19
C LYS D 357 -62.17 -1.90 -35.31
N GLN D 358 -61.69 -0.88 -34.58
CA GLN D 358 -62.33 0.43 -34.64
C GLN D 358 -61.94 1.17 -35.92
N ARG D 359 -60.71 0.94 -36.41
CA ARG D 359 -60.28 1.60 -37.64
C ARG D 359 -61.02 1.04 -38.85
N PHE D 360 -61.11 -0.28 -38.97
CA PHE D 360 -61.81 -0.86 -40.11
C PHE D 360 -63.32 -0.92 -39.92
N ASN D 361 -63.82 -0.72 -38.69
CA ASN D 361 -65.22 -0.78 -38.31
C ASN D 361 -65.86 -2.14 -38.58
N LEU D 362 -65.06 -3.18 -38.80
CA LEU D 362 -65.52 -4.54 -38.98
C LEU D 362 -64.76 -5.45 -38.02
N ARG D 363 -65.46 -6.40 -37.43
CA ARG D 363 -64.86 -7.28 -36.42
C ARG D 363 -65.37 -8.70 -36.61
N GLU D 364 -64.44 -9.66 -36.61
CA GLU D 364 -64.79 -11.07 -36.53
C GLU D 364 -65.22 -11.35 -35.10
N ARG D 365 -66.53 -11.42 -34.88
CA ARG D 365 -67.10 -11.20 -33.54
C ARG D 365 -66.91 -12.36 -32.58
N ASP D 366 -66.47 -13.53 -33.06
CA ASP D 366 -66.31 -14.66 -32.15
C ASP D 366 -65.07 -14.50 -31.29
N VAL D 367 -65.13 -15.01 -30.07
CA VAL D 367 -63.99 -15.01 -29.16
C VAL D 367 -63.06 -16.16 -29.55
N GLN D 368 -61.85 -16.17 -28.99
CA GLN D 368 -60.88 -17.21 -29.33
C GLN D 368 -61.25 -18.55 -28.72
N SER D 369 -62.13 -18.57 -27.70
CA SER D 369 -62.41 -19.80 -26.98
C SER D 369 -63.25 -20.77 -27.80
N LEU D 370 -64.04 -20.28 -28.75
CA LEU D 370 -64.84 -21.14 -29.61
C LEU D 370 -63.92 -21.88 -30.57
N HIS D 371 -63.84 -23.20 -30.42
CA HIS D 371 -62.91 -24.07 -31.13
C HIS D 371 -61.46 -23.58 -30.95
N ALA D 372 -61.06 -23.50 -29.69
CA ALA D 372 -59.83 -22.83 -29.30
C ALA D 372 -58.59 -23.66 -29.60
N THR D 373 -57.63 -23.05 -30.29
CA THR D 373 -56.30 -23.63 -30.48
C THR D 373 -55.34 -22.46 -30.69
N PHE D 374 -54.62 -22.10 -29.62
CA PHE D 374 -53.79 -20.90 -29.60
C PHE D 374 -52.42 -21.24 -29.04
N VAL D 375 -51.38 -20.60 -29.56
CA VAL D 375 -50.01 -20.77 -29.10
C VAL D 375 -49.53 -19.44 -28.54
N PRO D 376 -48.81 -19.42 -27.42
CA PRO D 376 -48.40 -18.16 -26.81
C PRO D 376 -47.17 -17.58 -27.50
N PHE D 377 -46.69 -16.47 -26.91
CA PHE D 377 -45.48 -15.80 -27.36
C PHE D 377 -44.33 -16.30 -26.48
N THR D 378 -43.34 -16.93 -27.10
CA THR D 378 -42.08 -17.27 -26.45
C THR D 378 -40.98 -16.46 -27.11
N ALA D 379 -40.09 -15.89 -26.28
CA ALA D 379 -39.12 -14.91 -26.78
C ALA D 379 -38.10 -15.53 -27.72
N GLN D 380 -37.63 -16.75 -27.42
CA GLN D 380 -36.67 -17.41 -28.29
C GLN D 380 -37.32 -17.82 -29.60
N SER D 381 -38.60 -18.22 -29.56
CA SER D 381 -39.33 -18.49 -30.79
C SER D 381 -39.63 -17.21 -31.55
N ARG D 382 -39.77 -16.08 -30.84
CA ARG D 382 -39.96 -14.73 -31.38
C ARG D 382 -41.13 -14.64 -32.38
N MET D 383 -42.11 -15.53 -32.23
CA MET D 383 -43.24 -15.61 -33.14
C MET D 383 -44.43 -16.17 -32.38
N SER D 384 -45.62 -15.74 -32.78
CA SER D 384 -46.87 -16.19 -32.16
C SER D 384 -47.97 -16.18 -33.22
N GLY D 385 -49.15 -16.63 -32.84
CA GLY D 385 -50.26 -16.66 -33.77
C GLY D 385 -51.35 -17.62 -33.31
N ILE D 386 -52.22 -17.99 -34.26
CA ILE D 386 -53.38 -18.80 -33.98
C ILE D 386 -53.54 -19.85 -35.08
N ASN D 387 -53.99 -21.04 -34.70
CA ASN D 387 -54.24 -22.13 -35.63
C ASN D 387 -55.52 -22.87 -35.27
N ILE D 388 -56.60 -22.12 -35.07
CA ILE D 388 -57.89 -22.71 -34.67
C ILE D 388 -58.44 -23.58 -35.79
N ASP D 389 -58.34 -23.14 -37.03
CA ASP D 389 -58.80 -23.92 -38.17
C ASP D 389 -57.64 -24.81 -38.63
N ASN D 390 -57.86 -25.58 -39.71
CA ASN D 390 -56.76 -26.29 -40.35
C ASN D 390 -55.75 -25.32 -40.94
N ARG D 391 -56.22 -24.15 -41.38
CA ARG D 391 -55.33 -23.06 -41.76
C ARG D 391 -54.65 -22.48 -40.52
N MET D 392 -53.53 -21.80 -40.74
CA MET D 392 -52.73 -21.25 -39.65
C MET D 392 -52.44 -19.78 -39.88
N ILE D 393 -52.47 -19.01 -38.81
CA ILE D 393 -52.15 -17.58 -38.82
C ILE D 393 -51.02 -17.35 -37.84
N ARG D 394 -49.96 -16.68 -38.29
CA ARG D 394 -48.84 -16.36 -37.42
C ARG D 394 -48.37 -14.94 -37.68
N LYS D 395 -47.91 -14.28 -36.63
CA LYS D 395 -47.30 -12.97 -36.71
C LYS D 395 -46.00 -12.98 -35.91
N GLY D 396 -45.07 -12.10 -36.29
CA GLY D 396 -43.81 -12.04 -35.58
C GLY D 396 -42.81 -11.20 -36.35
N SER D 397 -41.54 -11.39 -35.99
CA SER D 397 -40.48 -10.63 -36.59
C SER D 397 -40.20 -11.12 -38.01
N VAL D 398 -39.40 -10.33 -38.73
CA VAL D 398 -39.07 -10.64 -40.12
C VAL D 398 -38.32 -11.96 -40.20
N ASP D 399 -37.35 -12.17 -39.29
CA ASP D 399 -36.57 -13.41 -39.30
C ASP D 399 -37.43 -14.62 -38.95
N ALA D 400 -38.34 -14.48 -37.99
CA ALA D 400 -39.23 -15.58 -37.61
C ALA D 400 -40.15 -15.97 -38.75
N ILE D 401 -40.78 -14.98 -39.40
CA ILE D 401 -41.71 -15.31 -40.47
C ILE D 401 -40.93 -15.80 -41.70
N ARG D 402 -39.70 -15.32 -41.90
CA ARG D 402 -38.91 -15.81 -43.02
C ARG D 402 -38.52 -17.26 -42.82
N ARG D 403 -38.10 -17.63 -41.60
CA ARG D 403 -37.81 -19.03 -41.32
C ARG D 403 -39.06 -19.89 -41.45
N HIS D 404 -40.20 -19.37 -41.01
CA HIS D 404 -41.46 -20.09 -41.14
C HIS D 404 -41.85 -20.32 -42.60
N VAL D 405 -41.64 -19.32 -43.46
CA VAL D 405 -42.10 -19.46 -44.84
C VAL D 405 -41.11 -20.30 -45.65
N GLU D 406 -39.81 -20.29 -45.30
CA GLU D 406 -38.91 -21.24 -45.93
C GLU D 406 -39.17 -22.67 -45.45
N ALA D 407 -39.63 -22.81 -44.20
CA ALA D 407 -40.02 -24.14 -43.73
C ALA D 407 -41.27 -24.63 -44.45
N ASN D 408 -42.22 -23.74 -44.70
CA ASN D 408 -43.46 -24.13 -45.38
C ASN D 408 -43.22 -24.40 -46.86
N GLY D 409 -42.47 -23.55 -47.54
CA GLY D 409 -42.19 -23.75 -48.95
C GLY D 409 -42.20 -22.49 -49.79
N GLY D 410 -42.78 -21.41 -49.27
CA GLY D 410 -42.88 -20.16 -49.99
C GLY D 410 -41.65 -19.29 -49.81
N HIS D 411 -41.80 -18.01 -50.17
CA HIS D 411 -40.69 -17.08 -50.08
C HIS D 411 -41.24 -15.68 -49.79
N PHE D 412 -40.43 -14.88 -49.11
CA PHE D 412 -40.82 -13.52 -48.73
C PHE D 412 -40.51 -12.54 -49.86
N PRO D 413 -41.47 -11.73 -50.28
CA PRO D 413 -41.28 -10.88 -51.48
C PRO D 413 -40.41 -9.66 -51.23
N THR D 414 -39.83 -9.17 -52.33
CA THR D 414 -38.99 -7.98 -52.30
C THR D 414 -39.80 -6.72 -52.06
N ASP D 415 -41.06 -6.70 -52.51
CA ASP D 415 -41.94 -5.59 -52.15
C ASP D 415 -42.15 -5.53 -50.65
N VAL D 416 -42.32 -6.71 -50.02
CA VAL D 416 -42.44 -6.77 -48.57
C VAL D 416 -41.15 -6.31 -47.91
N ASP D 417 -39.99 -6.65 -48.49
CA ASP D 417 -38.72 -6.14 -47.97
C ASP D 417 -38.62 -4.62 -48.07
N GLN D 418 -39.09 -4.06 -49.18
CA GLN D 418 -39.09 -2.60 -49.35
C GLN D 418 -39.98 -1.93 -48.31
N LYS D 419 -41.15 -2.52 -48.04
CA LYS D 419 -42.02 -1.95 -47.02
C LYS D 419 -41.45 -2.13 -45.62
N VAL D 420 -40.76 -3.26 -45.37
CA VAL D 420 -40.15 -3.52 -44.07
C VAL D 420 -39.05 -2.52 -43.78
N ASP D 421 -38.11 -2.34 -44.71
CA ASP D 421 -37.05 -1.40 -44.38
C ASP D 421 -37.49 0.06 -44.54
N GLN D 422 -38.59 0.32 -45.26
CA GLN D 422 -39.18 1.66 -45.23
C GLN D 422 -39.76 1.99 -43.86
N VAL D 423 -40.50 1.05 -43.26
CA VAL D 423 -41.07 1.34 -41.95
C VAL D 423 -40.00 1.26 -40.87
N ALA D 424 -38.91 0.53 -41.13
CA ALA D 424 -37.77 0.54 -40.22
C ALA D 424 -37.05 1.88 -40.26
N ARG D 425 -36.92 2.47 -41.45
CA ARG D 425 -36.39 3.82 -41.56
C ARG D 425 -37.32 4.84 -40.91
N GLN D 426 -38.63 4.60 -40.99
CA GLN D 426 -39.59 5.44 -40.29
C GLN D 426 -39.43 5.34 -38.78
N GLY D 427 -39.09 4.16 -38.27
CA GLY D 427 -38.82 3.95 -36.87
C GLY D 427 -39.74 2.95 -36.19
N ALA D 428 -40.90 2.65 -36.78
CA ALA D 428 -41.83 1.71 -36.18
C ALA D 428 -41.33 0.29 -36.29
N THR D 429 -41.59 -0.52 -35.26
CA THR D 429 -41.18 -1.92 -35.28
C THR D 429 -42.09 -2.71 -36.20
N PRO D 430 -41.56 -3.41 -37.19
CA PRO D 430 -42.43 -4.17 -38.11
C PRO D 430 -42.71 -5.58 -37.62
N LEU D 431 -43.99 -5.96 -37.59
CA LEU D 431 -44.41 -7.32 -37.31
C LEU D 431 -45.01 -7.90 -38.59
N VAL D 432 -44.37 -8.92 -39.14
CA VAL D 432 -44.81 -9.52 -40.39
C VAL D 432 -45.84 -10.60 -40.06
N VAL D 433 -46.95 -10.61 -40.79
CA VAL D 433 -48.02 -11.59 -40.58
C VAL D 433 -48.04 -12.55 -41.77
N VAL D 434 -48.49 -13.79 -41.52
CA VAL D 434 -48.48 -14.83 -42.53
C VAL D 434 -49.72 -15.69 -42.36
N GLU D 435 -50.26 -16.21 -43.47
CA GLU D 435 -51.37 -17.16 -43.49
C GLU D 435 -51.13 -18.13 -44.64
N GLY D 436 -50.87 -19.40 -44.30
CA GLY D 436 -50.70 -20.45 -45.29
C GLY D 436 -49.55 -20.22 -46.24
N SER D 437 -48.37 -19.87 -45.71
CA SER D 437 -47.17 -19.54 -46.45
C SER D 437 -47.37 -18.35 -47.39
N ARG D 438 -48.24 -17.42 -47.03
CA ARG D 438 -48.47 -16.19 -47.79
C ARG D 438 -48.24 -15.01 -46.86
N VAL D 439 -47.31 -14.14 -47.24
CA VAL D 439 -46.97 -12.96 -46.45
C VAL D 439 -48.01 -11.89 -46.78
N LEU D 440 -48.95 -11.68 -45.87
CA LEU D 440 -50.01 -10.69 -46.11
C LEU D 440 -49.46 -9.27 -46.05
N GLY D 441 -48.71 -8.95 -45.01
CA GLY D 441 -48.19 -7.61 -44.87
C GLY D 441 -47.58 -7.40 -43.50
N VAL D 442 -47.29 -6.14 -43.20
CA VAL D 442 -46.63 -5.74 -41.96
C VAL D 442 -47.51 -4.73 -41.24
N ILE D 443 -47.21 -4.54 -39.96
CA ILE D 443 -47.90 -3.57 -39.12
C ILE D 443 -46.85 -2.63 -38.55
N ALA D 444 -47.11 -1.32 -38.65
CA ALA D 444 -46.21 -0.32 -38.09
C ALA D 444 -46.53 -0.14 -36.62
N LEU D 445 -45.53 -0.33 -35.77
CA LEU D 445 -45.68 -0.25 -34.31
C LEU D 445 -44.90 0.96 -33.82
N LYS D 446 -45.58 2.12 -33.79
CA LYS D 446 -44.95 3.35 -33.33
C LYS D 446 -44.70 3.30 -31.84
N ASP D 447 -43.51 3.73 -31.43
CA ASP D 447 -43.12 3.72 -30.03
C ASP D 447 -42.47 5.06 -29.68
N ILE D 448 -42.52 5.42 -28.40
CA ILE D 448 -42.09 6.73 -27.93
C ILE D 448 -40.93 6.57 -26.96
N VAL D 449 -39.90 7.40 -27.14
CA VAL D 449 -38.71 7.38 -26.29
C VAL D 449 -39.01 8.14 -25.00
N LYS D 450 -38.43 7.66 -23.89
CA LYS D 450 -38.70 8.19 -22.56
C LYS D 450 -38.05 9.56 -22.38
N GLY D 451 -38.62 10.56 -23.06
CA GLY D 451 -38.22 11.94 -22.88
C GLY D 451 -36.83 12.25 -23.41
N GLY D 452 -36.28 13.35 -22.93
CA GLY D 452 -34.96 13.81 -23.35
C GLY D 452 -33.82 13.14 -22.62
N ILE D 453 -33.54 11.88 -22.98
CA ILE D 453 -32.44 11.14 -22.34
C ILE D 453 -31.13 11.25 -23.11
N LYS D 454 -31.11 11.99 -24.22
CA LYS D 454 -29.86 12.15 -24.97
C LYS D 454 -28.83 12.94 -24.17
N GLU D 455 -29.29 13.91 -23.38
CA GLU D 455 -28.38 14.64 -22.50
C GLU D 455 -27.80 13.73 -21.43
N ARG D 456 -28.61 12.82 -20.89
CA ARG D 456 -28.12 11.87 -19.90
C ARG D 456 -27.14 10.87 -20.52
N PHE D 457 -27.39 10.48 -21.77
CA PHE D 457 -26.43 9.59 -22.44
C PHE D 457 -25.13 10.31 -22.77
N ALA D 458 -25.20 11.61 -23.08
CA ALA D 458 -23.98 12.41 -23.23
C ALA D 458 -23.24 12.52 -21.90
N GLN D 459 -23.98 12.64 -20.81
CA GLN D 459 -23.36 12.62 -19.47
C GLN D 459 -22.68 11.29 -19.20
N LEU D 460 -23.32 10.19 -19.60
CA LEU D 460 -22.70 8.86 -19.46
C LEU D 460 -21.44 8.74 -20.30
N ARG D 461 -21.45 9.34 -21.50
CA ARG D 461 -20.24 9.38 -22.32
C ARG D 461 -19.14 10.18 -21.65
N LYS D 462 -19.50 11.31 -21.03
CA LYS D 462 -18.51 12.14 -20.36
C LYS D 462 -17.93 11.45 -19.12
N MET D 463 -18.76 10.70 -18.40
CA MET D 463 -18.31 9.97 -17.21
C MET D 463 -17.45 8.76 -17.54
N GLY D 464 -17.37 8.37 -18.82
CA GLY D 464 -16.54 7.25 -19.22
C GLY D 464 -17.26 5.95 -19.45
N ILE D 465 -18.59 5.94 -19.39
CA ILE D 465 -19.39 4.74 -19.57
C ILE D 465 -19.89 4.72 -21.01
N LYS D 466 -19.54 3.67 -21.75
CA LYS D 466 -20.03 3.47 -23.11
C LYS D 466 -21.28 2.61 -23.05
N THR D 467 -22.39 3.16 -23.53
CA THR D 467 -23.68 2.51 -23.43
C THR D 467 -24.09 1.92 -24.77
N VAL D 468 -24.52 0.67 -24.76
CA VAL D 468 -25.02 -0.01 -25.95
C VAL D 468 -26.47 -0.42 -25.69
N MET D 469 -27.21 -0.62 -26.77
CA MET D 469 -28.64 -0.91 -26.71
C MET D 469 -28.86 -2.39 -27.07
N ILE D 470 -29.27 -3.16 -26.08
CA ILE D 470 -29.61 -4.56 -26.31
C ILE D 470 -31.10 -4.67 -26.61
N THR D 471 -31.43 -5.31 -27.72
CA THR D 471 -32.82 -5.45 -28.14
C THR D 471 -32.99 -6.76 -28.87
N GLY D 472 -34.17 -6.95 -29.45
CA GLY D 472 -34.45 -8.12 -30.27
C GLY D 472 -35.15 -7.74 -31.57
N ASP D 473 -35.16 -6.44 -31.86
CA ASP D 473 -35.81 -5.91 -33.05
C ASP D 473 -34.87 -6.05 -34.25
N ASN D 474 -35.25 -5.45 -35.37
CA ASN D 474 -34.44 -5.52 -36.57
C ASN D 474 -33.21 -4.62 -36.45
N ARG D 475 -32.27 -4.82 -37.38
CA ARG D 475 -31.01 -4.10 -37.34
C ARG D 475 -31.15 -2.64 -37.74
N LEU D 476 -32.23 -2.27 -38.42
CA LEU D 476 -32.43 -0.91 -38.87
C LEU D 476 -33.38 -0.13 -37.97
N THR D 477 -34.42 -0.80 -37.45
CA THR D 477 -35.29 -0.17 -36.47
C THR D 477 -34.54 0.18 -35.19
N ALA D 478 -33.68 -0.73 -34.74
CA ALA D 478 -32.82 -0.44 -33.59
C ALA D 478 -31.82 0.66 -33.92
N ALA D 479 -31.36 0.73 -35.17
CA ALA D 479 -30.48 1.83 -35.58
C ALA D 479 -31.18 3.17 -35.50
N ALA D 480 -32.44 3.23 -35.95
CA ALA D 480 -33.20 4.47 -35.87
C ALA D 480 -33.48 4.86 -34.42
N ILE D 481 -33.83 3.87 -33.58
CA ILE D 481 -34.08 4.15 -32.17
C ILE D 481 -32.81 4.63 -31.48
N ALA D 482 -31.66 4.02 -31.81
CA ALA D 482 -30.39 4.45 -31.23
C ALA D 482 -30.01 5.85 -31.70
N ALA D 483 -30.31 6.18 -32.95
CA ALA D 483 -30.04 7.53 -33.45
C ALA D 483 -30.92 8.56 -32.74
N GLU D 484 -32.19 8.20 -32.47
CA GLU D 484 -33.07 9.10 -31.72
C GLU D 484 -32.61 9.27 -30.28
N ALA D 485 -32.18 8.18 -29.64
CA ALA D 485 -31.80 8.21 -28.23
C ALA D 485 -30.39 8.72 -27.98
N GLY D 486 -29.54 8.78 -29.01
CA GLY D 486 -28.19 9.27 -28.83
C GLY D 486 -27.24 8.34 -28.12
N VAL D 487 -27.52 7.03 -28.11
CA VAL D 487 -26.63 6.08 -27.47
C VAL D 487 -25.44 5.81 -28.38
N ASP D 488 -24.40 5.18 -27.83
CA ASP D 488 -23.15 4.97 -28.56
C ASP D 488 -23.23 3.87 -29.61
N ASP D 489 -23.88 2.75 -29.31
CA ASP D 489 -23.87 1.58 -30.18
C ASP D 489 -25.11 0.76 -29.82
N PHE D 490 -25.34 -0.32 -30.56
CA PHE D 490 -26.49 -1.17 -30.32
C PHE D 490 -26.17 -2.59 -30.74
N LEU D 491 -26.96 -3.53 -30.24
CA LEU D 491 -26.93 -4.92 -30.69
C LEU D 491 -28.37 -5.35 -30.96
N ALA D 492 -28.72 -5.50 -32.23
CA ALA D 492 -30.06 -5.89 -32.61
C ALA D 492 -30.12 -7.37 -32.97
N GLU D 493 -31.35 -7.86 -33.14
CA GLU D 493 -31.66 -9.24 -33.51
C GLU D 493 -31.00 -10.24 -32.53
N ALA D 494 -31.12 -9.93 -31.24
CA ALA D 494 -30.45 -10.69 -30.20
C ALA D 494 -31.46 -11.49 -29.40
N THR D 495 -31.39 -12.82 -29.52
CA THR D 495 -32.09 -13.72 -28.62
C THR D 495 -31.49 -13.60 -27.21
N PRO D 496 -32.29 -13.85 -26.16
CA PRO D 496 -31.77 -13.67 -24.79
C PRO D 496 -30.55 -14.52 -24.44
N GLU D 497 -30.39 -15.70 -25.04
CA GLU D 497 -29.15 -16.42 -24.83
C GLU D 497 -27.97 -15.70 -25.49
N ALA D 498 -28.20 -15.00 -26.60
CA ALA D 498 -27.13 -14.17 -27.18
C ALA D 498 -26.84 -12.95 -26.32
N LYS D 499 -27.87 -12.39 -25.67
CA LYS D 499 -27.65 -11.32 -24.72
C LYS D 499 -26.80 -11.79 -23.54
N LEU D 500 -27.11 -12.98 -23.01
CA LEU D 500 -26.31 -13.54 -21.93
C LEU D 500 -24.89 -13.85 -22.38
N ALA D 501 -24.74 -14.29 -23.64
CA ALA D 501 -23.41 -14.50 -24.20
C ALA D 501 -22.63 -13.20 -24.30
N LEU D 502 -23.31 -12.10 -24.65
CA LEU D 502 -22.63 -10.80 -24.69
C LEU D 502 -22.25 -10.34 -23.29
N ILE D 503 -23.09 -10.62 -22.29
CA ILE D 503 -22.74 -10.33 -20.90
C ILE D 503 -21.49 -11.10 -20.49
N ARG D 504 -21.43 -12.39 -20.85
CA ARG D 504 -20.25 -13.19 -20.52
C ARG D 504 -19.02 -12.71 -21.28
N GLN D 505 -19.21 -12.24 -22.51
CA GLN D 505 -18.09 -11.74 -23.30
C GLN D 505 -17.51 -10.46 -22.70
N TYR D 506 -18.38 -9.52 -22.32
CA TYR D 506 -17.92 -8.29 -21.70
C TYR D 506 -17.44 -8.48 -20.28
N GLN D 507 -17.86 -9.56 -19.60
CA GLN D 507 -17.42 -9.80 -18.24
C GLN D 507 -16.12 -10.60 -18.17
N ALA D 508 -15.90 -11.51 -19.12
CA ALA D 508 -14.65 -12.25 -19.17
C ALA D 508 -13.48 -11.39 -19.62
N GLU D 509 -13.75 -10.24 -20.26
CA GLU D 509 -12.71 -9.31 -20.63
C GLU D 509 -12.11 -8.58 -19.45
N GLY D 510 -12.71 -8.68 -18.27
CA GLY D 510 -12.29 -7.96 -17.10
C GLY D 510 -13.14 -6.75 -16.77
N ARG D 511 -13.93 -6.26 -17.72
CA ARG D 511 -14.81 -5.13 -17.46
C ARG D 511 -15.97 -5.55 -16.57
N LEU D 512 -16.33 -4.65 -15.65
CA LEU D 512 -17.46 -4.85 -14.75
C LEU D 512 -18.63 -4.08 -15.37
N VAL D 513 -19.56 -4.80 -15.96
CA VAL D 513 -20.63 -4.20 -16.76
C VAL D 513 -21.87 -4.03 -15.89
N ALA D 514 -22.73 -3.11 -16.31
CA ALA D 514 -24.02 -2.87 -15.69
C ALA D 514 -25.12 -3.06 -16.72
N MET D 515 -26.25 -3.60 -16.29
CA MET D 515 -27.39 -3.82 -17.17
C MET D 515 -28.64 -3.23 -16.56
N THR D 516 -29.44 -2.56 -17.39
CA THR D 516 -30.73 -2.02 -17.00
C THR D 516 -31.82 -2.71 -17.80
N GLY D 517 -32.77 -3.34 -17.10
CA GLY D 517 -33.84 -4.07 -17.77
C GLY D 517 -35.10 -4.05 -16.93
N ASP D 518 -36.18 -4.50 -17.54
CA ASP D 518 -37.47 -4.48 -16.85
C ASP D 518 -38.22 -5.81 -16.91
N GLY D 519 -38.02 -6.60 -17.96
CA GLY D 519 -38.86 -7.75 -18.22
C GLY D 519 -38.34 -9.03 -17.61
N THR D 520 -39.22 -10.03 -17.59
CA THR D 520 -38.84 -11.38 -17.21
C THR D 520 -37.89 -12.00 -18.24
N ASN D 521 -37.96 -11.53 -19.48
CA ASN D 521 -37.05 -12.00 -20.53
C ASN D 521 -35.60 -11.67 -20.18
N ASP D 522 -35.35 -10.48 -19.63
CA ASP D 522 -34.02 -10.05 -19.28
C ASP D 522 -33.65 -10.36 -17.83
N ALA D 523 -34.49 -11.11 -17.11
CA ALA D 523 -34.21 -11.43 -15.71
C ALA D 523 -32.94 -12.27 -15.49
N PRO D 524 -32.69 -13.37 -16.23
CA PRO D 524 -31.41 -14.07 -16.01
C PRO D 524 -30.19 -13.25 -16.43
N ALA D 525 -30.34 -12.41 -17.45
CA ALA D 525 -29.24 -11.54 -17.87
C ALA D 525 -28.94 -10.50 -16.80
N LEU D 526 -29.99 -9.96 -16.16
CA LEU D 526 -29.79 -9.03 -15.05
C LEU D 526 -29.14 -9.73 -13.86
N ALA D 527 -29.57 -10.97 -13.57
CA ALA D 527 -28.94 -11.73 -12.50
C ALA D 527 -27.48 -12.07 -12.80
N GLN D 528 -27.14 -12.23 -14.08
CA GLN D 528 -25.76 -12.50 -14.46
C GLN D 528 -24.91 -11.23 -14.40
N ALA D 529 -25.48 -10.08 -14.72
CA ALA D 529 -24.74 -8.83 -14.74
C ALA D 529 -24.30 -8.43 -13.33
N ASP D 530 -23.20 -7.69 -13.26
CA ASP D 530 -22.65 -7.27 -11.97
C ASP D 530 -23.56 -6.26 -11.29
N VAL D 531 -23.97 -5.23 -12.02
CA VAL D 531 -24.91 -4.23 -11.52
C VAL D 531 -26.17 -4.34 -12.36
N ALA D 532 -27.31 -4.53 -11.70
CA ALA D 532 -28.58 -4.77 -12.39
C ALA D 532 -29.60 -3.76 -11.87
N VAL D 533 -29.76 -2.67 -12.59
CA VAL D 533 -30.74 -1.62 -12.23
C VAL D 533 -32.06 -2.03 -12.87
N ALA D 534 -32.91 -2.68 -12.09
CA ALA D 534 -34.22 -3.09 -12.56
C ALA D 534 -35.15 -1.87 -12.61
N MET D 535 -36.33 -2.08 -13.19
CA MET D 535 -37.33 -1.04 -13.33
C MET D 535 -38.55 -1.37 -12.49
N ASN D 536 -39.12 -0.35 -11.84
CA ASN D 536 -40.35 -0.56 -11.10
C ASN D 536 -41.52 -0.86 -12.03
N SER D 537 -41.50 -0.27 -13.23
CA SER D 537 -42.55 -0.51 -14.22
C SER D 537 -42.48 -1.90 -14.83
N GLY D 538 -41.39 -2.63 -14.61
CA GLY D 538 -41.23 -3.94 -15.19
C GLY D 538 -41.90 -5.06 -14.42
N THR D 539 -41.19 -6.18 -14.27
CA THR D 539 -41.74 -7.40 -13.70
C THR D 539 -41.09 -7.72 -12.36
N GLN D 540 -41.85 -8.48 -11.55
CA GLN D 540 -41.35 -8.88 -10.23
C GLN D 540 -40.16 -9.82 -10.34
N ALA D 541 -40.11 -10.63 -11.41
CA ALA D 541 -38.96 -11.50 -11.63
C ALA D 541 -37.68 -10.69 -11.85
N ALA D 542 -37.78 -9.63 -12.67
CA ALA D 542 -36.62 -8.78 -12.91
C ALA D 542 -36.27 -7.97 -11.65
N LYS D 543 -37.29 -7.57 -10.88
CA LYS D 543 -37.03 -6.87 -9.63
C LYS D 543 -36.29 -7.75 -8.63
N GLU D 544 -36.67 -9.03 -8.54
CA GLU D 544 -35.99 -9.95 -7.63
C GLU D 544 -34.61 -10.31 -8.15
N ALA D 545 -34.43 -10.41 -9.47
CA ALA D 545 -33.12 -10.74 -10.02
C ALA D 545 -32.14 -9.58 -9.87
N GLY D 546 -32.63 -8.35 -10.02
CA GLY D 546 -31.74 -7.20 -9.91
C GLY D 546 -31.37 -6.92 -8.47
N ASN D 547 -30.10 -6.51 -8.27
CA ASN D 547 -29.61 -6.15 -6.95
C ASN D 547 -29.98 -4.73 -6.54
N MET D 548 -30.56 -3.94 -7.45
CA MET D 548 -31.08 -2.62 -7.12
C MET D 548 -32.18 -2.28 -8.11
N VAL D 549 -33.32 -1.83 -7.61
CA VAL D 549 -34.46 -1.53 -8.47
C VAL D 549 -34.78 -0.05 -8.41
N ASP D 550 -35.05 0.54 -9.57
CA ASP D 550 -35.45 1.93 -9.65
C ASP D 550 -36.93 2.08 -9.25
N LEU D 551 -37.34 3.32 -9.06
CA LEU D 551 -38.75 3.67 -8.93
C LEU D 551 -39.20 4.74 -9.91
N ASP D 552 -38.29 5.51 -10.49
CA ASP D 552 -38.64 6.49 -11.51
C ASP D 552 -38.62 5.91 -12.92
N SER D 553 -38.16 4.66 -13.07
CA SER D 553 -38.08 3.96 -14.35
C SER D 553 -37.25 4.72 -15.39
N ASN D 554 -36.17 5.34 -14.92
CA ASN D 554 -35.28 6.06 -15.83
C ASN D 554 -34.23 5.12 -16.41
N PRO D 555 -34.00 5.19 -17.72
CA PRO D 555 -32.94 4.36 -18.33
C PRO D 555 -31.55 4.72 -17.87
N THR D 556 -31.32 5.94 -17.40
CA THR D 556 -30.00 6.45 -17.07
C THR D 556 -29.87 6.73 -15.57
N LYS D 557 -30.50 5.90 -14.74
CA LYS D 557 -30.39 6.07 -13.29
C LYS D 557 -29.05 5.52 -12.77
N LEU D 558 -28.32 4.78 -13.60
CA LEU D 558 -26.95 4.40 -13.28
C LEU D 558 -26.05 5.62 -13.10
N ILE D 559 -26.39 6.75 -13.70
CA ILE D 559 -25.65 7.99 -13.45
C ILE D 559 -25.68 8.33 -11.97
N GLU D 560 -26.88 8.35 -11.38
CA GLU D 560 -27.00 8.65 -9.96
C GLU D 560 -26.41 7.54 -9.10
N VAL D 561 -26.56 6.29 -9.54
CA VAL D 561 -25.98 5.17 -8.78
C VAL D 561 -24.47 5.30 -8.68
N VAL D 562 -23.82 5.62 -9.80
CA VAL D 562 -22.38 5.87 -9.82
C VAL D 562 -22.04 7.12 -9.01
N HIS D 563 -22.91 8.13 -9.03
CA HIS D 563 -22.67 9.34 -8.25
C HIS D 563 -22.56 9.04 -6.76
N ILE D 564 -23.57 8.37 -6.18
CA ILE D 564 -23.50 8.05 -4.75
C ILE D 564 -22.41 7.01 -4.44
N GLY D 565 -22.18 6.04 -5.33
CA GLY D 565 -21.13 5.06 -5.07
C GLY D 565 -19.73 5.67 -5.04
N LYS D 566 -19.41 6.49 -6.04
CA LYS D 566 -18.14 7.18 -6.04
C LYS D 566 -18.07 8.24 -4.94
N GLN D 567 -19.21 8.81 -4.55
CA GLN D 567 -19.22 9.73 -3.42
C GLN D 567 -18.86 9.02 -2.13
N MET D 568 -19.38 7.80 -1.93
CA MET D 568 -18.98 6.98 -0.78
C MET D 568 -17.48 6.74 -0.77
N LEU D 569 -16.95 6.22 -1.88
CA LEU D 569 -15.54 5.85 -1.91
C LEU D 569 -14.64 7.08 -1.79
N MET D 570 -15.00 8.17 -2.45
CA MET D 570 -14.21 9.39 -2.41
C MET D 570 -14.27 10.06 -1.04
N THR D 571 -15.44 10.04 -0.39
CA THR D 571 -15.54 10.59 0.96
C THR D 571 -14.70 9.78 1.94
N ARG D 572 -14.72 8.45 1.81
CA ARG D 572 -13.90 7.61 2.66
C ARG D 572 -12.41 7.89 2.48
N GLY D 573 -11.96 7.91 1.21
CA GLY D 573 -10.55 8.17 0.95
C GLY D 573 -10.12 9.57 1.32
N SER D 574 -10.99 10.56 1.08
CA SER D 574 -10.67 11.94 1.39
C SER D 574 -10.57 12.17 2.89
N LEU D 575 -11.51 11.61 3.66
CA LEU D 575 -11.44 11.77 5.11
C LEU D 575 -10.28 10.98 5.69
N THR D 576 -9.93 9.83 5.09
CA THR D 576 -8.73 9.11 5.50
C THR D 576 -7.48 9.96 5.27
N THR D 577 -7.36 10.55 4.08
CA THR D 577 -6.21 11.40 3.77
C THR D 577 -6.14 12.60 4.71
N PHE D 578 -7.29 13.19 5.00
CA PHE D 578 -7.37 14.29 5.96
C PHE D 578 -6.92 13.86 7.35
N SER D 579 -7.32 12.66 7.78
CA SER D 579 -7.03 12.20 9.13
C SER D 579 -5.54 11.91 9.32
N ILE D 580 -4.91 11.20 8.39
CA ILE D 580 -3.46 11.01 8.50
C ILE D 580 -2.70 12.32 8.27
N ALA D 581 -3.18 13.19 7.37
CA ALA D 581 -2.48 14.45 7.15
C ALA D 581 -2.57 15.39 8.35
N ASN D 582 -3.61 15.24 9.18
CA ASN D 582 -3.80 16.14 10.31
C ASN D 582 -2.73 15.98 11.38
N ASP D 583 -2.04 14.83 11.41
CA ASP D 583 -1.16 14.52 12.54
C ASP D 583 0.12 15.36 12.56
N VAL D 584 0.47 16.02 11.46
CA VAL D 584 1.68 16.83 11.44
C VAL D 584 1.55 18.01 12.39
N ALA D 585 0.43 18.72 12.33
CA ALA D 585 0.21 19.84 13.24
C ALA D 585 -0.03 19.37 14.67
N LYS D 586 -0.60 18.18 14.84
CA LYS D 586 -0.75 17.62 16.18
C LYS D 586 0.62 17.34 16.81
N TYR D 587 1.56 16.82 16.01
CA TYR D 587 2.92 16.64 16.48
C TYR D 587 3.57 17.98 16.80
N PHE D 588 3.42 18.95 15.90
CA PHE D 588 4.04 20.27 16.11
C PHE D 588 3.43 21.03 17.27
N ALA D 589 2.23 20.66 17.70
CA ALA D 589 1.61 21.27 18.87
C ALA D 589 1.85 20.52 20.17
N ILE D 590 2.03 19.21 20.13
CA ILE D 590 2.10 18.41 21.34
C ILE D 590 3.54 18.06 21.72
N ILE D 591 4.39 17.72 20.74
CA ILE D 591 5.75 17.29 21.07
C ILE D 591 6.58 18.37 21.75
N PRO D 592 6.64 19.63 21.25
CA PRO D 592 7.30 20.66 22.07
C PRO D 592 6.55 21.01 23.34
N ALA D 593 5.27 20.67 23.44
CA ALA D 593 4.50 20.86 24.66
C ALA D 593 4.71 19.73 25.65
N ALA D 594 4.67 18.48 25.19
CA ALA D 594 4.89 17.35 26.08
C ALA D 594 6.33 17.32 26.58
N PHE D 595 7.29 17.57 25.70
CA PHE D 595 8.69 17.60 26.10
C PHE D 595 9.13 19.06 26.32
N ALA D 596 8.65 19.62 27.43
CA ALA D 596 8.96 20.98 27.79
C ALA D 596 9.70 21.11 29.12
N ALA D 597 9.59 20.12 30.00
CA ALA D 597 10.36 20.09 31.24
C ALA D 597 11.51 19.10 31.20
N THR D 598 11.31 17.96 30.53
CA THR D 598 12.39 16.98 30.38
C THR D 598 13.47 17.49 29.43
N TYR D 599 13.05 18.01 28.27
CA TYR D 599 13.95 18.65 27.31
C TYR D 599 13.46 20.07 27.04
N PRO D 600 14.01 21.07 27.74
CA PRO D 600 13.61 22.46 27.47
C PRO D 600 14.09 23.01 26.15
N GLN D 601 15.00 22.30 25.45
CA GLN D 601 15.53 22.77 24.18
C GLN D 601 14.61 22.48 23.01
N LEU D 602 13.52 21.75 23.23
CA LEU D 602 12.61 21.35 22.16
C LEU D 602 11.53 22.40 21.87
N ASN D 603 11.60 23.57 22.50
CA ASN D 603 10.64 24.63 22.22
C ASN D 603 10.86 25.29 20.87
N ALA D 604 11.97 25.00 20.19
CA ALA D 604 12.17 25.52 18.84
C ALA D 604 11.22 24.89 17.82
N LEU D 605 10.67 23.72 18.12
CA LEU D 605 9.68 23.09 17.25
C LEU D 605 8.29 23.68 17.44
N ASN D 606 8.10 24.56 18.42
CA ASN D 606 6.80 25.23 18.64
C ASN D 606 6.63 26.36 17.63
N ILE D 607 6.36 25.97 16.38
CA ILE D 607 6.30 26.94 15.30
C ILE D 607 4.99 27.72 15.34
N MET D 608 3.99 27.22 16.06
CA MET D 608 2.73 27.93 16.19
C MET D 608 2.74 28.98 17.29
N CYS D 609 3.82 29.03 18.09
CA CYS D 609 3.98 30.01 19.18
C CYS D 609 2.83 29.93 20.19
N LEU D 610 2.46 28.71 20.56
CA LEU D 610 1.38 28.51 21.51
C LEU D 610 1.80 28.92 22.92
N HIS D 611 0.81 29.26 23.74
CA HIS D 611 1.07 29.97 24.99
C HIS D 611 1.81 29.11 26.01
N SER D 612 1.31 27.90 26.25
CA SER D 612 1.87 27.05 27.29
C SER D 612 1.71 25.61 26.85
N PRO D 613 2.46 24.68 27.44
CA PRO D 613 2.26 23.25 27.11
C PRO D 613 0.85 22.74 27.36
N ASP D 614 0.24 23.13 28.49
CA ASP D 614 -1.12 22.71 28.80
C ASP D 614 -2.11 23.28 27.79
N SER D 615 -1.94 24.56 27.44
CA SER D 615 -2.80 25.17 26.44
C SER D 615 -2.63 24.51 25.08
N ALA D 616 -1.40 24.14 24.72
CA ALA D 616 -1.14 23.50 23.43
C ALA D 616 -1.80 22.13 23.35
N ILE D 617 -1.61 21.30 24.38
CA ILE D 617 -2.20 19.96 24.38
C ILE D 617 -3.72 20.04 24.42
N LEU D 618 -4.26 20.93 25.26
CA LEU D 618 -5.71 21.06 25.38
C LEU D 618 -6.34 21.63 24.12
N SER D 619 -5.64 22.54 23.43
CA SER D 619 -6.13 23.06 22.16
C SER D 619 -6.09 22.00 21.07
N ALA D 620 -5.06 21.15 21.07
CA ALA D 620 -5.02 20.05 20.12
C ALA D 620 -6.18 19.08 20.34
N VAL D 621 -6.50 18.78 21.60
CA VAL D 621 -7.63 17.90 21.89
C VAL D 621 -8.95 18.57 21.52
N ILE D 622 -9.07 19.89 21.73
CA ILE D 622 -10.27 20.61 21.35
C ILE D 622 -10.47 20.58 19.84
N PHE D 623 -9.40 20.78 19.07
CA PHE D 623 -9.52 20.72 17.62
C PHE D 623 -9.83 19.32 17.15
N ASN D 624 -9.27 18.30 17.80
CA ASN D 624 -9.58 16.92 17.48
C ASN D 624 -11.05 16.61 17.73
N ALA D 625 -11.64 17.24 18.75
CA ALA D 625 -13.07 17.09 18.99
C ALA D 625 -13.90 17.84 17.94
N LEU D 626 -13.52 19.07 17.63
CA LEU D 626 -14.36 19.94 16.82
C LEU D 626 -14.29 19.65 15.32
N ILE D 627 -13.21 18.98 14.86
CA ILE D 627 -13.12 18.66 13.44
C ILE D 627 -14.18 17.62 13.05
N ILE D 628 -14.60 16.78 14.00
CA ILE D 628 -15.65 15.80 13.72
C ILE D 628 -16.97 16.51 13.45
N VAL D 629 -17.33 17.48 14.29
CA VAL D 629 -18.55 18.27 14.08
C VAL D 629 -18.46 19.07 12.78
N PHE D 630 -17.30 19.68 12.53
CA PHE D 630 -17.16 20.46 11.29
C PHE D 630 -17.14 19.59 10.05
N LEU D 631 -16.93 18.28 10.17
CA LEU D 631 -17.00 17.38 9.01
C LEU D 631 -18.22 16.48 8.99
N ILE D 632 -19.13 16.59 9.97
CA ILE D 632 -20.45 15.93 9.85
C ILE D 632 -21.21 16.32 8.58
N PRO D 633 -21.32 17.61 8.18
CA PRO D 633 -22.02 17.89 6.91
C PRO D 633 -21.38 17.26 5.69
N LEU D 634 -20.04 17.18 5.65
CA LEU D 634 -19.38 16.52 4.53
C LEU D 634 -19.66 15.03 4.53
N ALA D 635 -19.71 14.39 5.71
CA ALA D 635 -20.00 12.97 5.78
C ALA D 635 -21.45 12.68 5.40
N LEU D 636 -22.37 13.57 5.78
CA LEU D 636 -23.78 13.33 5.50
C LEU D 636 -24.20 13.77 4.10
N LYS D 637 -23.39 14.60 3.42
CA LYS D 637 -23.71 15.04 2.08
C LYS D 637 -22.86 14.37 1.00
N GLY D 638 -21.70 13.82 1.35
CA GLY D 638 -20.78 13.31 0.36
C GLY D 638 -19.92 14.42 -0.19
N VAL D 639 -18.78 14.07 -0.79
CA VAL D 639 -17.93 15.08 -1.39
C VAL D 639 -18.48 15.45 -2.77
N SER D 640 -18.05 16.61 -3.27
CA SER D 640 -18.51 17.07 -4.58
C SER D 640 -17.80 16.31 -5.68
N TYR D 641 -18.56 15.52 -6.44
CA TYR D 641 -17.99 14.66 -7.48
C TYR D 641 -18.27 15.29 -8.85
N LYS D 642 -17.21 15.45 -9.63
CA LYS D 642 -17.33 15.92 -11.00
C LYS D 642 -16.74 14.88 -11.95
N PRO D 643 -17.32 14.68 -13.13
CA PRO D 643 -16.80 13.65 -14.04
C PRO D 643 -15.48 14.03 -14.68
N LEU D 644 -14.40 13.95 -13.92
CA LEU D 644 -13.07 14.28 -14.43
C LEU D 644 -12.31 13.01 -14.82
N THR D 645 -11.12 13.20 -15.37
CA THR D 645 -10.19 12.10 -15.59
C THR D 645 -9.73 11.57 -14.24
N ALA D 646 -9.33 10.30 -14.21
CA ALA D 646 -8.91 9.67 -12.96
C ALA D 646 -7.68 10.36 -12.37
N SER D 647 -6.69 10.65 -13.21
CA SER D 647 -5.48 11.32 -12.74
C SER D 647 -5.77 12.74 -12.26
N ALA D 648 -6.57 13.49 -13.03
CA ALA D 648 -6.87 14.86 -12.65
C ALA D 648 -7.72 14.91 -11.39
N MET D 649 -8.63 13.96 -11.23
CA MET D 649 -9.49 13.95 -10.05
C MET D 649 -8.69 13.54 -8.81
N LEU D 650 -7.76 12.59 -8.97
CA LEU D 650 -6.86 12.26 -7.88
C LEU D 650 -5.99 13.45 -7.50
N ARG D 651 -5.51 14.20 -8.50
CA ARG D 651 -4.71 15.39 -8.23
C ARG D 651 -5.53 16.44 -7.47
N ARG D 652 -6.78 16.64 -7.87
CA ARG D 652 -7.67 17.58 -7.18
C ARG D 652 -7.91 17.15 -5.73
N ASN D 653 -8.17 15.86 -5.52
CA ASN D 653 -8.42 15.36 -4.18
C ASN D 653 -7.17 15.46 -3.29
N LEU D 654 -6.00 15.12 -3.84
CA LEU D 654 -4.74 15.32 -3.12
C LEU D 654 -4.54 16.78 -2.75
N TRP D 655 -4.71 17.68 -3.71
CA TRP D 655 -4.54 19.11 -3.45
C TRP D 655 -5.46 19.57 -2.33
N ILE D 656 -6.77 19.43 -2.53
CA ILE D 656 -7.76 19.93 -1.57
C ILE D 656 -7.58 19.28 -0.20
N TYR D 657 -7.70 17.95 -0.15
CA TYR D 657 -7.77 17.29 1.16
C TYR D 657 -6.40 17.14 1.82
N GLY D 658 -5.34 16.86 1.06
CA GLY D 658 -4.02 16.81 1.65
C GLY D 658 -3.55 18.16 2.15
N LEU D 659 -3.75 19.22 1.34
CA LEU D 659 -3.36 20.55 1.80
C LEU D 659 -4.27 21.04 2.93
N GLY D 660 -5.53 20.62 2.95
CA GLY D 660 -6.38 20.91 4.09
C GLY D 660 -5.91 20.23 5.36
N GLY D 661 -5.61 18.92 5.26
CA GLY D 661 -5.09 18.20 6.40
C GLY D 661 -3.72 18.67 6.85
N LEU D 662 -2.97 19.31 5.96
CA LEU D 662 -1.70 19.90 6.37
C LEU D 662 -1.92 21.24 7.06
N LEU D 663 -2.56 22.20 6.38
CA LEU D 663 -2.56 23.58 6.85
C LEU D 663 -3.72 23.90 7.79
N VAL D 664 -4.89 23.29 7.57
CA VAL D 664 -6.06 23.59 8.40
C VAL D 664 -5.86 23.29 9.89
N PRO D 665 -5.27 22.15 10.31
CA PRO D 665 -5.05 21.98 11.75
C PRO D 665 -4.11 23.00 12.38
N PHE D 666 -3.13 23.52 11.63
CA PHE D 666 -2.30 24.60 12.14
C PHE D 666 -3.14 25.83 12.48
N ILE D 667 -3.98 26.26 11.55
CA ILE D 667 -4.84 27.41 11.75
C ILE D 667 -5.84 27.16 12.87
N GLY D 668 -6.42 25.95 12.90
CA GLY D 668 -7.42 25.64 13.91
C GLY D 668 -6.84 25.61 15.32
N ILE D 669 -5.68 24.97 15.47
CA ILE D 669 -5.02 24.91 16.78
C ILE D 669 -4.59 26.30 17.23
N LYS D 670 -4.06 27.11 16.29
CA LYS D 670 -3.65 28.47 16.66
C LYS D 670 -4.84 29.33 17.07
N VAL D 671 -5.96 29.22 16.34
CA VAL D 671 -7.15 30.00 16.68
C VAL D 671 -7.74 29.56 18.02
N ILE D 672 -7.80 28.25 18.25
CA ILE D 672 -8.33 27.74 19.51
C ILE D 672 -7.45 28.15 20.69
N ASP D 673 -6.12 28.07 20.52
CA ASP D 673 -5.21 28.51 21.58
C ASP D 673 -5.29 30.00 21.82
N LEU D 674 -5.46 30.80 20.75
CA LEU D 674 -5.62 32.24 20.92
C LEU D 674 -6.91 32.57 21.65
N LEU D 675 -8.00 31.87 21.33
CA LEU D 675 -9.26 32.09 22.02
C LEU D 675 -9.16 31.69 23.49
N LEU D 676 -8.46 30.60 23.77
CA LEU D 676 -8.26 30.17 25.15
C LEU D 676 -7.43 31.19 25.94
N THR D 677 -6.38 31.72 25.31
CA THR D 677 -5.55 32.72 25.96
C THR D 677 -6.31 34.02 26.19
N VAL D 678 -7.16 34.41 25.22
CA VAL D 678 -7.96 35.62 25.37
C VAL D 678 -8.99 35.45 26.49
N CYS D 679 -9.66 34.29 26.53
CA CYS D 679 -10.65 34.04 27.57
C CYS D 679 -10.01 33.91 28.95
N GLY D 680 -8.79 33.37 29.02
CA GLY D 680 -8.03 33.36 30.25
C GLY D 680 -8.03 32.05 31.00
N LEU D 681 -8.60 30.98 30.44
CA LEU D 681 -8.57 29.69 31.12
C LEU D 681 -7.19 29.06 31.15
N VAL D 682 -6.28 29.50 30.28
CA VAL D 682 -4.92 28.99 30.27
C VAL D 682 -3.92 30.13 30.44
RB RB E . 3.20 1.96 9.28
RB RB F . 7.07 2.10 8.49
RB RB G . 10.28 -3.75 5.08
RB RB H . 14.90 -4.66 5.08
RB RB I . 19.03 -6.96 3.86
RB RB J . 22.44 -6.14 5.88
C1 CDL K . 13.52 4.83 -23.38
O1 CDL K . 13.89 4.64 -22.04
CA2 CDL K . 14.77 4.79 -24.27
OA2 CDL K . 15.66 3.80 -23.81
PA1 CDL K . 17.24 3.85 -24.32
OA3 CDL K . 17.53 2.64 -25.17
OA4 CDL K . 17.46 5.10 -25.13
OA5 CDL K . 18.25 3.86 -23.02
CA3 CDL K . 19.04 2.72 -22.78
CA4 CDL K . 20.51 3.08 -22.85
OA6 CDL K . 20.80 4.12 -21.96
CA5 CDL K . 20.79 3.73 -20.60
OA7 CDL K . 21.31 2.72 -20.27
C11 CDL K . 20.11 4.63 -19.55
C12 CDL K . 20.23 6.10 -19.98
C13 CDL K . 21.05 6.88 -18.93
C14 CDL K . 20.28 6.86 -17.58
C15 CDL K . 20.48 8.22 -16.87
C16 CDL K . 20.62 7.99 -15.35
C17 CDL K . 19.50 8.75 -14.61
C18 CDL K . 20.06 9.44 -13.36
C19 CDL K . 21.31 10.27 -13.70
C20 CDL K . 21.07 11.76 -13.37
C21 CDL K . 20.64 11.90 -11.88
C22 CDL K . 21.10 13.26 -11.35
C23 CDL K . 20.25 13.64 -10.13
C24 CDL K . 21.13 13.65 -8.86
C25 CDL K . 21.80 15.02 -8.71
C26 CDL K . 20.87 15.95 -7.94
C27 CDL K . 21.63 16.57 -6.76
CA6 CDL K . 20.88 3.51 -24.28
OA8 CDL K . 22.27 3.75 -24.36
CA7 CDL K . 23.07 2.59 -24.43
OA9 CDL K . 22.83 1.75 -25.23
C31 CDL K . 24.25 2.40 -23.45
C32 CDL K . 24.95 3.76 -23.22
C33 CDL K . 25.88 3.67 -21.98
C34 CDL K . 26.91 2.53 -22.18
C35 CDL K . 28.24 2.93 -21.49
C36 CDL K . 28.85 4.14 -22.21
C37 CDL K . 29.59 5.04 -21.21
C38 CDL K . 28.55 5.88 -20.42
C39 CDL K . 29.11 6.19 -19.02
C40 CDL K . 28.61 5.15 -18.02
C41 CDL K . 29.80 4.50 -17.32
C42 CDL K . 29.42 3.10 -16.85
C43 CDL K . 30.48 2.09 -17.29
C44 CDL K . 31.40 1.75 -16.12
C45 CDL K . 32.76 2.43 -16.30
C46 CDL K . 32.87 3.65 -15.38
C47 CDL K . 34.13 4.45 -15.73
CB2 CDL K . 12.83 6.20 -23.52
OB2 CDL K . 11.70 6.27 -22.69
PB2 CDL K . 11.22 7.76 -22.12
OB3 CDL K . 10.11 7.58 -21.10
OB4 CDL K . 10.73 8.61 -23.26
OB5 CDL K . 12.50 8.52 -21.39
CB3 CDL K . 12.61 8.46 -20.00
CB4 CDL K . 14.06 8.29 -19.59
OB6 CDL K . 14.65 9.54 -19.35
CB5 CDL K . 15.48 9.59 -18.20
OB7 CDL K . 16.57 9.12 -18.24
C51 CDL K . 14.98 10.23 -16.91
C52 CDL K . 16.18 10.63 -16.04
C53 CDL K . 16.77 11.96 -16.56
C54 CDL K . 17.87 12.43 -15.60
C55 CDL K . 17.22 12.91 -14.29
C56 CDL K . 16.70 14.33 -14.49
C57 CDL K . 16.90 15.13 -13.20
C58 CDL K . 18.40 15.39 -12.99
C59 CDL K . 18.58 16.71 -12.25
C60 CDL K . 18.01 16.57 -10.84
C61 CDL K . 17.78 17.96 -10.23
C62 CDL K . 17.77 17.86 -8.72
C63 CDL K . 17.89 19.25 -8.12
C64 CDL K . 18.65 19.16 -6.80
C65 CDL K . 19.32 20.51 -6.51
C66 CDL K . 20.30 20.85 -7.62
C67 CDL K . 20.56 22.36 -7.62
CB6 CDL K . 14.84 7.56 -20.69
OB8 CDL K . 16.03 6.99 -20.17
CB7 CDL K . 15.82 5.89 -19.29
OB9 CDL K . 15.03 5.06 -19.55
C71 CDL K . 16.65 5.79 -17.98
C72 CDL K . 16.02 4.71 -17.07
C73 CDL K . 16.12 5.14 -15.60
C74 CDL K . 15.45 6.52 -15.41
C75 CDL K . 14.63 6.53 -14.11
C76 CDL K . 15.55 6.35 -12.89
C77 CDL K . 16.48 7.57 -12.76
C78 CDL K . 16.08 8.40 -11.52
C79 CDL K . 16.35 9.88 -11.81
C80 CDL K . 17.13 10.50 -10.64
C81 CDL K . 16.74 11.97 -10.51
C82 CDL K . 16.73 12.37 -9.03
C83 CDL K . 16.14 13.77 -8.89
C84 CDL K . 16.15 14.18 -7.42
C85 CDL K . 15.32 15.46 -7.22
C86 CDL K . 15.63 16.06 -5.84
C87 CDL K . 14.66 17.20 -5.54
RB RB L . -0.51 2.23 7.48
PG ACP M . -37.62 -7.80 -23.48
O1G ACP M . -36.24 -8.28 -23.16
O2G ACP M . -38.51 -8.92 -24.05
O3G ACP M . -38.33 -7.20 -22.26
PB ACP M . -36.45 -6.80 -26.11
O1B ACP M . -35.14 -7.35 -25.58
O2B ACP M . -36.14 -5.45 -26.83
C3B ACP M . -37.59 -6.50 -24.72
PA ACP M . -38.53 -7.47 -27.64
O1A ACP M . -38.74 -6.02 -27.77
O2A ACP M . -39.51 -8.20 -26.72
O3A ACP M . -37.04 -7.86 -27.16
O5' ACP M . -38.60 -8.15 -29.07
C5' ACP M . -39.19 -9.45 -29.24
C4' ACP M . -39.37 -9.72 -30.71
O4' ACP M . -40.68 -10.27 -30.95
C3' ACP M . -39.29 -8.49 -31.61
O3' ACP M . -38.80 -8.83 -32.90
C2' ACP M . -40.74 -8.02 -31.67
O2' ACP M . -41.01 -7.28 -32.86
C1' ACP M . -41.48 -9.36 -31.69
N9 ACP M . -42.82 -9.31 -31.09
C8 ACP M . -43.30 -8.36 -30.24
N7 ACP M . -44.54 -8.57 -29.85
C5 ACP M . -44.89 -9.73 -30.51
C6 ACP M . -46.08 -10.49 -30.53
N6 ACP M . -47.17 -10.17 -29.84
N1 ACP M . -46.10 -11.61 -31.28
C2 ACP M . -45.00 -11.94 -31.96
N3 ACP M . -43.83 -11.31 -32.03
C4 ACP M . -43.84 -10.21 -31.27
C1 CDL N . 1.15 13.97 -18.09
O1 CDL N . 0.40 15.11 -17.78
CA2 CDL N . 0.99 13.62 -19.59
OA2 CDL N . 1.19 12.24 -19.78
PA1 CDL N . 2.67 11.72 -20.31
OA3 CDL N . 2.68 10.21 -20.39
OA4 CDL N . 2.95 12.28 -21.69
OA5 CDL N . 3.84 12.22 -19.27
CA3 CDL N . 5.17 12.24 -19.71
CA4 CDL N . 6.08 12.64 -18.56
OA6 CDL N . 5.98 11.70 -17.53
CA5 CDL N . 7.10 10.84 -17.41
OA7 CDL N . 8.07 11.01 -18.07
C11 CDL N . 7.06 9.65 -16.44
C12 CDL N . 8.34 9.67 -15.57
C13 CDL N . 8.00 10.28 -14.19
C14 CDL N . 8.45 11.75 -14.16
C15 CDL N . 9.43 11.96 -12.98
C16 CDL N . 8.67 12.32 -11.71
C17 CDL N . 9.35 13.51 -11.02
C18 CDL N . 9.55 13.20 -9.53
C19 CDL N . 8.33 13.72 -8.73
C20 CDL N . 8.81 14.45 -7.46
C21 CDL N . 7.58 14.92 -6.66
C22 CDL N . 7.97 15.16 -5.19
C23 CDL N . 6.71 15.51 -4.39
C24 CDL N . 6.92 15.17 -2.90
C25 CDL N . 5.61 15.44 -2.15
C26 CDL N . 5.62 14.65 -0.84
C27 CDL N . 4.50 15.15 0.07
CA6 CDL N . 5.69 14.04 -18.05
OA8 CDL N . 6.74 14.60 -17.28
CA7 CDL N . 7.89 14.96 -18.03
OA9 CDL N . 8.88 14.32 -17.93
C31 CDL N . 7.85 16.19 -18.97
C32 CDL N . 7.97 15.74 -20.44
C33 CDL N . 9.45 15.70 -20.87
C34 CDL N . 9.60 14.81 -22.12
C35 CDL N . 9.32 13.34 -21.74
C36 CDL N . 10.64 12.61 -21.48
C37 CDL N . 10.78 12.29 -19.97
C38 CDL N . 12.27 12.19 -19.61
C39 CDL N . 12.66 13.37 -18.70
C40 CDL N . 12.01 13.19 -17.33
C41 CDL N . 12.72 14.07 -16.30
C42 CDL N . 11.79 15.19 -15.83
C43 CDL N . 11.85 15.29 -14.31
C44 CDL N . 13.06 16.14 -13.90
C45 CDL N . 13.25 16.07 -12.38
C46 CDL N . 11.99 16.59 -11.67
C47 CDL N . 12.11 16.31 -10.17
CB2 CDL N . 0.65 12.78 -17.24
OB2 CDL N . 1.18 12.89 -15.92
PB2 CDL N . 0.22 13.55 -14.73
OB3 CDL N . -0.28 12.46 -13.82
OB4 CDL N . -0.97 14.25 -15.37
OB5 CDL N . 1.09 14.66 -13.87
CB3 CDL N . 0.45 15.39 -12.87
CB4 CDL N . 1.50 16.16 -12.07
OB6 CDL N . 0.86 16.89 -11.05
CB5 CDL N . 1.67 17.16 -9.91
OB7 CDL N . 2.01 18.27 -9.69
C51 CDL N . 2.13 16.03 -8.98
C52 CDL N . 3.30 16.51 -8.12
C53 CDL N . 2.87 16.56 -6.64
C54 CDL N . 2.75 15.13 -6.09
C55 CDL N . 1.57 15.04 -5.12
C56 CDL N . 2.06 14.63 -3.72
C57 CDL N . 0.98 13.77 -3.05
C58 CDL N . 1.34 13.53 -1.58
C59 CDL N . 0.12 12.97 -0.85
C60 CDL N . 0.53 11.74 -0.03
C61 CDL N . -0.74 11.02 0.46
C62 CDL N . -0.56 10.62 1.91
C63 CDL N . -1.30 9.32 2.17
C64 CDL N . -1.71 9.26 3.64
C65 CDL N . -2.58 8.04 3.89
C66 CDL N . -1.70 6.79 3.97
C67 CDL N . -2.37 5.75 4.85
CB6 CDL N . 2.22 17.13 -13.02
OB8 CDL N . 3.46 17.54 -12.46
CB7 CDL N . 3.91 18.80 -12.93
OB9 CDL N . 4.57 18.86 -13.92
C71 CDL N . 3.55 20.10 -12.16
C72 CDL N . 2.53 20.93 -12.98
C73 CDL N . 1.09 20.62 -12.50
C74 CDL N . 0.89 21.14 -11.07
C75 CDL N . -0.59 21.02 -10.68
C76 CDL N . -0.79 21.44 -9.20
C77 CDL N . -0.08 20.43 -8.28
C78 CDL N . -1.12 19.51 -7.60
C79 CDL N . -0.48 18.75 -6.43
C80 CDL N . -1.58 18.14 -5.57
C81 CDL N . -0.98 17.60 -4.26
C82 CDL N . -0.21 18.70 -3.53
C83 CDL N . -0.43 18.57 -2.02
C84 CDL N . 0.16 17.26 -1.50
C85 CDL N . -0.62 16.80 -0.26
C86 CDL N . 0.35 16.30 0.81
C87 CDL N . -0.42 15.51 1.88
RB RB O . -6.98 12.53 14.75
#